data_5KN0
#
_entry.id   5KN0
#
_cell.length_a   60.342
_cell.length_b   92.994
_cell.length_c   101.849
_cell.angle_alpha   71.12
_cell.angle_beta   84.57
_cell.angle_gamma   73.48
#
_symmetry.space_group_name_H-M   'P 1'
#
loop_
_entity.id
_entity.type
_entity.pdbx_description
1 polymer Calsequestrin
2 branched 2-acetamido-2-deoxy-beta-D-glucopyranose-(1-4)-2-acetamido-2-deoxy-beta-D-glucopyranose
3 branched beta-D-mannopyranose-(1-4)-2-acetamido-2-deoxy-beta-D-glucopyranose-(1-4)-2-acetamido-2-deoxy-beta-D-glucopyranose
4 non-polymer 2-acetamido-2-deoxy-beta-D-glucopyranose
5 non-polymer 'CALCIUM ION'
6 non-polymer (4S)-2-METHYL-2,4-PENTANEDIOL
7 water water
#
_entity_poly.entity_id   1
_entity_poly.type   'polypeptide(L)'
_entity_poly.pdbx_seq_one_letter_code
;EEGLDFPEYDGVDRVVNVNAKNYKNVFKKYEVLALLYHEPPEDDKASQRQFEMDELILELAAQVLEDKGVGFGMVDSEKD
AAVAKKLGLTEEDSVYVFKGDEVIEYDGEFSADTLVEFLLDVLEDPVELIEGERELQAFENIEDDNKLIGYFKNKDSEHY
KAYEDAAEEFHPYIPFFATFDSKVAKKLTLKLNEIDFYEAFMEEPVTIPDKPNSEEEIVSFVEAHKRSTLRKLKPESMYE
TWEDDLDGIHIVAFAEETDPDGYEFLETLKAVAQDNTDNPDLSIIWIDPDDFPLLVPYWEKTFNIDLSAPQIGVVNVTDA
DSVWMEMDDEEDLPSAEELEDWLEDVLEGEINTEDDDEEDD
;
_entity_poly.pdbx_strand_id   A,B,C,D
#
loop_
_chem_comp.id
_chem_comp.type
_chem_comp.name
_chem_comp.formula
BMA D-saccharide, beta linking beta-D-mannopyranose 'C6 H12 O6'
CA non-polymer 'CALCIUM ION' 'Ca 2'
MPD non-polymer (4S)-2-METHYL-2,4-PENTANEDIOL 'C6 H14 O2'
NAG D-saccharide, beta linking 2-acetamido-2-deoxy-beta-D-glucopyranose 'C8 H15 N O6'
#
# COMPACT_ATOMS: atom_id res chain seq x y z
N GLY A 3 23.09 -38.67 28.54
CA GLY A 3 21.84 -38.95 27.86
C GLY A 3 21.72 -38.25 26.50
N LEU A 4 20.70 -38.64 25.74
CA LEU A 4 20.47 -38.04 24.43
C LEU A 4 20.05 -36.58 24.55
N ASP A 5 20.65 -35.73 23.72
CA ASP A 5 20.46 -34.29 23.80
C ASP A 5 19.17 -33.86 23.11
N PHE A 6 18.60 -32.75 23.58
CA PHE A 6 17.50 -32.13 22.87
C PHE A 6 17.98 -31.67 21.49
N PRO A 7 17.07 -31.52 20.53
CA PRO A 7 17.46 -30.99 19.22
C PRO A 7 18.04 -29.58 19.35
N GLU A 8 18.86 -29.21 18.38
CA GLU A 8 19.45 -27.89 18.37
C GLU A 8 19.59 -27.39 16.93
N TYR A 9 19.74 -26.07 16.79
CA TYR A 9 20.07 -25.50 15.50
C TYR A 9 21.43 -26.01 15.05
N ASP A 10 21.48 -26.60 13.85
CA ASP A 10 22.69 -27.24 13.37
C ASP A 10 23.59 -26.33 12.54
N GLY A 11 23.15 -25.11 12.21
CA GLY A 11 23.99 -24.21 11.46
C GLY A 11 24.01 -24.44 9.97
N VAL A 12 23.23 -25.38 9.45
CA VAL A 12 23.14 -25.61 8.01
C VAL A 12 22.22 -24.56 7.38
N ASP A 13 22.64 -24.02 6.24
CA ASP A 13 21.83 -23.03 5.54
C ASP A 13 20.81 -23.74 4.66
N ARG A 14 19.54 -23.34 4.80
CA ARG A 14 18.42 -23.93 4.06
C ARG A 14 17.56 -22.90 3.35
N VAL A 15 17.69 -21.61 3.67
CA VAL A 15 16.92 -20.58 3.00
C VAL A 15 17.48 -20.40 1.60
N VAL A 16 16.66 -20.65 0.59
CA VAL A 16 17.10 -20.50 -0.80
C VAL A 16 17.26 -19.03 -1.15
N ASN A 17 18.36 -18.70 -1.83
CA ASN A 17 18.55 -17.37 -2.40
C ASN A 17 17.84 -17.34 -3.75
N VAL A 18 16.60 -16.86 -3.74
CA VAL A 18 15.75 -16.89 -4.93
C VAL A 18 16.19 -15.82 -5.90
N ASN A 19 16.39 -16.22 -7.16
CA ASN A 19 16.79 -15.33 -8.23
C ASN A 19 16.02 -15.74 -9.47
N ALA A 20 16.27 -15.04 -10.59
CA ALA A 20 15.49 -15.27 -11.80
C ALA A 20 15.65 -16.68 -12.37
N LYS A 21 16.76 -17.37 -12.11
CA LYS A 21 16.99 -18.66 -12.76
C LYS A 21 16.41 -19.85 -12.01
N ASN A 22 16.21 -19.75 -10.70
CA ASN A 22 15.72 -20.90 -9.94
C ASN A 22 14.31 -20.73 -9.40
N TYR A 23 13.70 -19.55 -9.54
CA TYR A 23 12.44 -19.32 -8.84
C TYR A 23 11.35 -20.25 -9.35
N LYS A 24 11.40 -20.66 -10.61
CA LYS A 24 10.36 -21.56 -11.10
C LYS A 24 10.53 -22.97 -10.54
N ASN A 25 11.77 -23.43 -10.37
CA ASN A 25 11.99 -24.76 -9.77
C ASN A 25 11.57 -24.78 -8.31
N VAL A 26 11.81 -23.69 -7.58
CA VAL A 26 11.50 -23.66 -6.16
C VAL A 26 10.01 -23.90 -5.93
N PHE A 27 9.15 -23.16 -6.63
CA PHE A 27 7.72 -23.30 -6.44
C PHE A 27 7.24 -24.73 -6.70
N LYS A 28 7.86 -25.42 -7.66
CA LYS A 28 7.50 -26.81 -7.90
C LYS A 28 8.04 -27.73 -6.81
N LYS A 29 9.16 -27.36 -6.19
CA LYS A 29 9.76 -28.23 -5.19
C LYS A 29 8.90 -28.32 -3.93
N TYR A 30 8.42 -27.18 -3.43
CA TYR A 30 7.75 -27.11 -2.14
C TYR A 30 6.25 -26.97 -2.29
N GLU A 31 5.50 -27.64 -1.42
CA GLU A 31 4.06 -27.43 -1.39
C GLU A 31 3.75 -26.05 -0.85
N VAL A 32 4.40 -25.68 0.24
CA VAL A 32 4.24 -24.38 0.88
C VAL A 32 5.59 -23.68 0.86
N LEU A 33 5.59 -22.45 0.37
CA LEU A 33 6.82 -21.66 0.22
C LEU A 33 6.63 -20.33 0.93
N ALA A 34 7.58 -19.98 1.79
CA ALA A 34 7.59 -18.69 2.46
C ALA A 34 8.73 -17.84 1.91
N LEU A 35 8.41 -16.66 1.36
CA LEU A 35 9.38 -15.79 0.74
C LEU A 35 9.44 -14.46 1.48
N LEU A 36 10.63 -14.08 1.91
CA LEU A 36 10.88 -12.77 2.49
C LEU A 36 11.32 -11.81 1.37
N TYR A 37 10.43 -10.90 1.02
CA TYR A 37 10.74 -9.80 0.09
C TYR A 37 11.39 -8.67 0.88
N HIS A 38 12.67 -8.39 0.61
CA HIS A 38 13.45 -7.48 1.42
C HIS A 38 14.21 -6.47 0.55
N GLU A 39 14.39 -5.28 1.11
CA GLU A 39 15.22 -4.27 0.46
C GLU A 39 16.69 -4.65 0.62
N PRO A 40 17.56 -4.20 -0.29
CA PRO A 40 18.97 -4.54 -0.19
C PRO A 40 19.55 -4.06 1.13
N PRO A 41 20.33 -4.90 1.83
CA PRO A 41 20.80 -4.50 3.16
C PRO A 41 21.79 -3.35 3.08
N GLU A 42 21.52 -2.31 3.86
CA GLU A 42 22.43 -1.18 3.96
C GLU A 42 23.80 -1.63 4.45
N ASP A 43 24.80 -0.78 4.23
CA ASP A 43 26.18 -1.18 4.47
C ASP A 43 26.60 -1.00 5.93
N ASP A 44 25.89 -0.17 6.68
CA ASP A 44 26.29 0.10 8.06
C ASP A 44 26.22 -1.19 8.89
N LYS A 45 26.79 -1.10 10.10
CA LYS A 45 26.92 -2.26 10.96
C LYS A 45 25.55 -2.72 11.48
N ALA A 46 24.76 -1.80 12.03
CA ALA A 46 23.48 -2.19 12.61
C ALA A 46 22.54 -2.76 11.56
N SER A 47 22.42 -2.08 10.42
CA SER A 47 21.53 -2.60 9.38
C SER A 47 21.95 -4.00 8.96
N GLN A 48 23.26 -4.25 8.88
CA GLN A 48 23.75 -5.58 8.51
C GLN A 48 23.38 -6.60 9.56
N ARG A 49 23.34 -6.20 10.84
CA ARG A 49 22.96 -7.13 11.89
C ARG A 49 21.48 -7.44 11.84
N GLN A 50 20.64 -6.41 11.65
CA GLN A 50 19.20 -6.63 11.53
C GLN A 50 18.90 -7.61 10.42
N PHE A 51 19.54 -7.43 9.26
CA PHE A 51 19.36 -8.37 8.16
C PHE A 51 19.76 -9.78 8.57
N GLU A 52 20.84 -9.87 9.37
CA GLU A 52 21.35 -11.16 9.81
C GLU A 52 20.36 -11.87 10.73
N MET A 53 19.83 -11.12 11.71
CA MET A 53 18.82 -11.68 12.60
C MET A 53 17.67 -12.29 11.79
N ASP A 54 17.17 -11.56 10.79
CA ASP A 54 16.01 -12.03 10.06
C ASP A 54 16.34 -13.28 9.24
N GLU A 55 17.57 -13.39 8.72
CA GLU A 55 17.94 -14.57 7.96
C GLU A 55 17.98 -15.81 8.88
N LEU A 56 18.60 -15.67 10.05
CA LEU A 56 18.72 -16.83 10.94
C LEU A 56 17.36 -17.29 11.43
N ILE A 57 16.43 -16.36 11.66
CA ILE A 57 15.08 -16.74 12.05
C ILE A 57 14.46 -17.63 10.98
N LEU A 58 14.66 -17.29 9.71
CA LEU A 58 14.18 -18.15 8.65
C LEU A 58 14.92 -19.48 8.65
N GLU A 59 16.24 -19.45 8.88
CA GLU A 59 17.01 -20.68 8.92
C GLU A 59 16.49 -21.62 10.00
N LEU A 60 16.19 -21.08 11.18
CA LEU A 60 15.70 -21.93 12.27
C LEU A 60 14.35 -22.52 11.92
N ALA A 61 13.47 -21.72 11.30
CA ALA A 61 12.18 -22.21 10.85
C ALA A 61 12.32 -23.26 9.76
N ALA A 62 13.26 -23.06 8.84
CA ALA A 62 13.43 -24.02 7.75
C ALA A 62 13.89 -25.37 8.29
N GLN A 63 14.75 -25.37 9.31
CA GLN A 63 15.19 -26.63 9.89
C GLN A 63 14.03 -27.37 10.53
N VAL A 64 13.19 -26.65 11.26
CA VAL A 64 12.05 -27.28 11.92
C VAL A 64 11.10 -27.88 10.91
N LEU A 65 10.80 -27.14 9.83
CA LEU A 65 9.78 -27.58 8.88
C LEU A 65 10.36 -28.21 7.62
N GLU A 66 11.63 -28.62 7.65
CA GLU A 66 12.20 -29.28 6.48
C GLU A 66 11.47 -30.59 6.17
N ASP A 67 11.19 -31.42 7.17
CA ASP A 67 10.60 -32.72 6.90
C ASP A 67 9.16 -32.63 6.40
N LYS A 68 8.44 -31.55 6.72
CA LYS A 68 7.06 -31.41 6.30
C LYS A 68 6.92 -30.67 4.97
N GLY A 69 8.02 -30.42 4.26
CA GLY A 69 7.96 -29.91 2.91
C GLY A 69 7.71 -28.42 2.78
N VAL A 70 8.16 -27.63 3.74
CA VAL A 70 8.00 -26.18 3.72
C VAL A 70 9.35 -25.56 3.40
N GLY A 71 9.41 -24.81 2.30
CA GLY A 71 10.61 -24.12 1.88
C GLY A 71 10.59 -22.66 2.27
N PHE A 72 11.78 -22.07 2.31
CA PHE A 72 11.99 -20.69 2.70
C PHE A 72 12.93 -20.01 1.71
N GLY A 73 12.54 -18.84 1.22
CA GLY A 73 13.36 -18.14 0.25
C GLY A 73 13.42 -16.66 0.55
N MET A 74 14.42 -16.02 -0.06
CA MET A 74 14.58 -14.57 0.03
C MET A 74 14.60 -13.97 -1.37
N VAL A 75 13.89 -12.84 -1.53
CA VAL A 75 13.82 -12.12 -2.79
C VAL A 75 14.26 -10.67 -2.55
N ASP A 76 15.36 -10.29 -3.18
CA ASP A 76 15.89 -8.94 -3.05
C ASP A 76 15.10 -8.00 -3.97
N SER A 77 14.70 -6.85 -3.42
CA SER A 77 13.80 -5.94 -4.13
C SER A 77 14.43 -5.29 -5.35
N GLU A 78 15.77 -5.21 -5.40
CA GLU A 78 16.50 -4.65 -6.53
C GLU A 78 17.18 -5.74 -7.36
N LYS A 79 17.95 -6.59 -6.70
CA LYS A 79 18.70 -7.64 -7.38
C LYS A 79 17.76 -8.63 -8.07
N ASP A 80 16.63 -8.94 -7.44
CA ASP A 80 15.66 -9.88 -7.98
C ASP A 80 14.34 -9.20 -8.35
N ALA A 81 14.43 -7.96 -8.83
CA ALA A 81 13.23 -7.16 -9.09
C ALA A 81 12.28 -7.81 -10.10
N ALA A 82 12.83 -8.51 -11.09
CA ALA A 82 11.96 -9.19 -12.06
C ALA A 82 11.17 -10.32 -11.40
N VAL A 83 11.79 -11.01 -10.44
CA VAL A 83 11.09 -12.09 -9.75
C VAL A 83 9.98 -11.51 -8.89
N ALA A 84 10.25 -10.38 -8.23
CA ALA A 84 9.21 -9.71 -7.47
C ALA A 84 8.04 -9.33 -8.37
N LYS A 85 8.32 -8.87 -9.59
CA LYS A 85 7.24 -8.51 -10.50
C LYS A 85 6.42 -9.71 -10.91
N LYS A 86 7.07 -10.80 -11.32
CA LYS A 86 6.30 -11.95 -11.77
C LYS A 86 5.46 -12.56 -10.65
N LEU A 87 5.97 -12.49 -9.41
CA LEU A 87 5.28 -13.12 -8.29
C LEU A 87 4.32 -12.18 -7.56
N GLY A 88 4.46 -10.86 -7.74
CA GLY A 88 3.54 -9.93 -7.12
C GLY A 88 3.95 -9.50 -5.73
N LEU A 89 5.24 -9.37 -5.49
CA LEU A 89 5.76 -8.99 -4.17
C LEU A 89 5.93 -7.47 -4.13
N THR A 90 5.04 -6.79 -3.42
CA THR A 90 5.01 -5.33 -3.32
C THR A 90 5.42 -4.81 -1.96
N GLU A 91 4.88 -5.38 -0.88
CA GLU A 91 5.13 -4.88 0.46
C GLU A 91 6.58 -5.14 0.83
N GLU A 92 7.37 -4.09 0.91
CA GLU A 92 8.79 -4.27 1.18
C GLU A 92 9.00 -4.73 2.63
N ASP A 93 10.03 -5.55 2.82
CA ASP A 93 10.40 -6.09 4.13
C ASP A 93 9.21 -6.82 4.77
N SER A 94 8.63 -7.75 4.02
CA SER A 94 7.48 -8.52 4.50
C SER A 94 7.51 -9.91 3.85
N VAL A 95 6.72 -10.83 4.43
CA VAL A 95 6.77 -12.23 4.07
C VAL A 95 5.54 -12.59 3.24
N TYR A 96 5.75 -13.38 2.20
CA TYR A 96 4.67 -13.93 1.38
C TYR A 96 4.70 -15.45 1.48
N VAL A 97 3.53 -16.06 1.70
CA VAL A 97 3.40 -17.50 1.82
C VAL A 97 2.59 -18.02 0.64
N PHE A 98 3.14 -19.01 -0.06
CA PHE A 98 2.49 -19.61 -1.22
C PHE A 98 2.12 -21.06 -0.89
N LYS A 99 0.83 -21.39 -1.06
CA LYS A 99 0.37 -22.77 -0.99
C LYS A 99 -0.41 -23.07 -2.26
N GLY A 100 0.18 -23.88 -3.14
CA GLY A 100 -0.42 -24.16 -4.43
C GLY A 100 -0.70 -22.90 -5.22
N ASP A 101 -1.98 -22.56 -5.36
CA ASP A 101 -2.39 -21.36 -6.09
C ASP A 101 -2.41 -20.14 -5.17
N GLU A 102 -3.18 -20.22 -4.09
CA GLU A 102 -3.41 -19.07 -3.25
C GLU A 102 -2.10 -18.50 -2.74
N VAL A 103 -2.13 -17.20 -2.42
CA VAL A 103 -0.98 -16.47 -1.88
C VAL A 103 -1.45 -15.76 -0.62
N ILE A 104 -0.64 -15.84 0.44
CA ILE A 104 -0.97 -15.22 1.71
C ILE A 104 0.07 -14.17 2.03
N GLU A 105 -0.39 -12.96 2.30
CA GLU A 105 0.49 -11.83 2.61
C GLU A 105 0.63 -11.75 4.12
N TYR A 106 1.63 -12.46 4.64
CA TYR A 106 1.82 -12.56 6.08
C TYR A 106 1.96 -11.17 6.68
N ASP A 107 1.32 -10.94 7.82
CA ASP A 107 1.37 -9.66 8.50
C ASP A 107 1.34 -9.87 10.01
N GLY A 108 2.11 -10.86 10.46
CA GLY A 108 2.20 -11.20 11.87
C GLY A 108 3.61 -11.07 12.43
N GLU A 109 3.80 -11.50 13.68
CA GLU A 109 5.10 -11.41 14.33
C GLU A 109 6.16 -12.16 13.52
N PHE A 110 7.34 -11.55 13.42
CA PHE A 110 8.44 -12.15 12.65
C PHE A 110 9.38 -12.89 13.61
N SER A 111 8.96 -14.07 14.03
CA SER A 111 9.73 -14.91 14.92
C SER A 111 9.65 -16.36 14.45
N ALA A 112 10.62 -17.16 14.88
CA ALA A 112 10.62 -18.57 14.51
C ALA A 112 9.40 -19.29 15.09
N ASP A 113 9.06 -19.02 16.35
CA ASP A 113 7.88 -19.65 16.95
C ASP A 113 6.62 -19.36 16.15
N THR A 114 6.34 -18.08 15.89
CA THR A 114 5.08 -17.74 15.23
C THR A 114 5.04 -18.25 13.80
N LEU A 115 6.16 -18.15 13.07
CA LEU A 115 6.17 -18.56 11.67
C LEU A 115 5.89 -20.05 11.53
N VAL A 116 6.54 -20.87 12.36
CA VAL A 116 6.34 -22.31 12.30
C VAL A 116 4.90 -22.66 12.64
N GLU A 117 4.34 -22.04 13.67
CA GLU A 117 2.93 -22.22 13.98
C GLU A 117 2.04 -21.83 12.80
N PHE A 118 2.28 -20.65 12.22
CA PHE A 118 1.42 -20.21 11.14
C PHE A 118 1.52 -21.13 9.93
N LEU A 119 2.74 -21.53 9.58
CA LEU A 119 2.92 -22.38 8.41
C LEU A 119 2.34 -23.78 8.63
N LEU A 120 2.42 -24.30 9.86
CA LEU A 120 1.77 -25.58 10.16
C LEU A 120 0.27 -25.47 10.02
N ASP A 121 -0.32 -24.34 10.40
CA ASP A 121 -1.74 -24.12 10.14
C ASP A 121 -2.01 -23.98 8.66
N VAL A 122 -1.06 -23.41 7.90
CA VAL A 122 -1.24 -23.27 6.47
C VAL A 122 -1.28 -24.63 5.80
N LEU A 123 -0.46 -25.56 6.26
CA LEU A 123 -0.42 -26.89 5.66
C LEU A 123 -1.77 -27.58 5.77
N GLU A 124 -2.52 -27.30 6.82
CA GLU A 124 -3.78 -27.99 7.06
C GLU A 124 -4.81 -27.63 5.99
N ASP A 125 -5.71 -28.55 5.74
CA ASP A 125 -6.77 -28.29 4.77
C ASP A 125 -7.59 -27.10 5.23
N PRO A 126 -8.19 -26.35 4.30
CA PRO A 126 -8.91 -25.14 4.73
C PRO A 126 -10.13 -25.41 5.58
N VAL A 127 -10.79 -26.56 5.40
CA VAL A 127 -11.98 -26.92 6.16
C VAL A 127 -11.65 -28.08 7.08
N GLU A 128 -12.02 -27.95 8.35
CA GLU A 128 -11.89 -29.03 9.32
C GLU A 128 -13.25 -29.66 9.56
N LEU A 129 -13.30 -30.99 9.49
CA LEU A 129 -14.56 -31.71 9.67
C LEU A 129 -14.80 -32.03 11.13
N ILE A 130 -16.08 -32.19 11.47
CA ILE A 130 -16.53 -32.58 12.81
C ILE A 130 -17.41 -33.81 12.65
N GLU A 131 -17.04 -34.88 13.34
CA GLU A 131 -17.76 -36.15 13.27
C GLU A 131 -18.31 -36.52 14.64
N GLY A 132 -17.47 -36.97 15.56
CA GLY A 132 -17.94 -37.37 16.87
C GLY A 132 -18.36 -36.18 17.71
N GLU A 133 -18.95 -36.48 18.86
CA GLU A 133 -19.39 -35.41 19.76
C GLU A 133 -18.18 -34.68 20.37
N ARG A 134 -17.07 -35.39 20.55
CA ARG A 134 -15.85 -34.74 21.05
C ARG A 134 -15.31 -33.71 20.06
N GLU A 135 -15.39 -33.99 18.77
CA GLU A 135 -14.99 -32.98 17.78
C GLU A 135 -15.94 -31.78 17.81
N LEU A 136 -17.24 -32.01 18.05
CA LEU A 136 -18.17 -30.88 18.21
C LEU A 136 -17.87 -30.10 19.47
N GLN A 137 -17.56 -30.79 20.56
CA GLN A 137 -17.31 -30.09 21.82
C GLN A 137 -16.04 -29.26 21.74
N ALA A 138 -15.07 -29.69 20.93
CA ALA A 138 -13.89 -28.86 20.69
C ALA A 138 -14.27 -27.63 19.86
N PHE A 139 -15.18 -27.79 18.91
CA PHE A 139 -15.63 -26.66 18.11
C PHE A 139 -16.34 -25.64 18.97
N GLU A 140 -17.28 -26.10 19.81
CA GLU A 140 -18.07 -25.18 20.62
C GLU A 140 -17.23 -24.43 21.65
N ASN A 141 -16.00 -24.88 21.92
CA ASN A 141 -15.13 -24.23 22.89
C ASN A 141 -14.27 -23.12 22.30
N ILE A 142 -14.17 -23.02 20.98
CA ILE A 142 -13.42 -21.92 20.38
C ILE A 142 -14.18 -20.62 20.63
N GLU A 143 -13.45 -19.59 21.03
CA GLU A 143 -14.07 -18.30 21.30
C GLU A 143 -13.15 -17.12 20.98
N ASP A 144 -11.86 -17.33 20.81
CA ASP A 144 -10.97 -16.23 20.44
C ASP A 144 -10.78 -16.10 18.93
N ASP A 145 -11.41 -16.96 18.13
CA ASP A 145 -11.40 -16.84 16.66
C ASP A 145 -12.84 -16.77 16.16
N ASN A 146 -13.08 -15.93 15.15
CA ASN A 146 -14.29 -16.05 14.37
C ASN A 146 -14.28 -17.40 13.65
N LYS A 147 -15.39 -18.11 13.70
CA LYS A 147 -15.46 -19.44 13.12
C LYS A 147 -16.77 -19.58 12.35
N LEU A 148 -16.73 -20.41 11.31
CA LEU A 148 -17.92 -20.74 10.53
C LEU A 148 -18.16 -22.23 10.58
N ILE A 149 -19.44 -22.59 10.56
CA ILE A 149 -19.86 -23.99 10.56
C ILE A 149 -20.96 -24.16 9.53
N GLY A 150 -20.83 -25.17 8.69
CA GLY A 150 -21.82 -25.44 7.66
C GLY A 150 -22.21 -26.90 7.67
N TYR A 151 -23.43 -27.16 7.22
CA TYR A 151 -23.97 -28.51 7.15
C TYR A 151 -24.25 -28.82 5.69
N PHE A 152 -23.58 -29.85 5.16
CA PHE A 152 -23.72 -30.23 3.77
C PHE A 152 -23.92 -31.74 3.67
N LYS A 153 -24.48 -32.17 2.54
CA LYS A 153 -24.81 -33.59 2.39
C LYS A 153 -23.55 -34.45 2.32
N ASN A 154 -22.66 -34.13 1.38
CA ASN A 154 -21.44 -34.92 1.21
C ASN A 154 -20.28 -34.01 0.82
N LYS A 155 -19.09 -34.60 0.87
CA LYS A 155 -17.87 -33.87 0.53
C LYS A 155 -17.88 -33.41 -0.91
N ASP A 156 -18.63 -34.10 -1.77
CA ASP A 156 -18.74 -33.78 -3.18
C ASP A 156 -19.82 -32.74 -3.52
N SER A 157 -20.59 -32.29 -2.53
CA SER A 157 -21.68 -31.35 -2.81
C SER A 157 -21.15 -30.06 -3.42
N GLU A 158 -21.93 -29.50 -4.36
CA GLU A 158 -21.53 -28.25 -5.00
C GLU A 158 -21.50 -27.10 -4.00
N HIS A 159 -22.43 -27.09 -3.04
CA HIS A 159 -22.45 -26.01 -2.07
C HIS A 159 -21.33 -26.15 -1.04
N TYR A 160 -20.75 -27.34 -0.90
CA TYR A 160 -19.59 -27.50 -0.04
C TYR A 160 -18.31 -26.99 -0.70
N LYS A 161 -18.15 -27.24 -2.00
CA LYS A 161 -16.97 -26.72 -2.69
C LYS A 161 -16.96 -25.20 -2.72
N ALA A 162 -18.13 -24.59 -2.88
CA ALA A 162 -18.21 -23.14 -2.75
C ALA A 162 -17.80 -22.71 -1.35
N TYR A 163 -18.24 -23.47 -0.34
CA TYR A 163 -17.84 -23.19 1.03
C TYR A 163 -16.35 -23.42 1.22
N GLU A 164 -15.81 -24.46 0.59
CA GLU A 164 -14.39 -24.72 0.71
C GLU A 164 -13.59 -23.66 -0.04
N ASP A 165 -14.04 -23.27 -1.24
CA ASP A 165 -13.35 -22.22 -1.98
C ASP A 165 -13.31 -20.94 -1.17
N ALA A 166 -14.42 -20.61 -0.51
CA ALA A 166 -14.44 -19.42 0.34
C ALA A 166 -13.51 -19.58 1.53
N ALA A 167 -13.37 -20.81 2.04
CA ALA A 167 -12.50 -21.03 3.17
C ALA A 167 -11.05 -20.73 2.81
N GLU A 168 -10.68 -20.93 1.53
CA GLU A 168 -9.33 -20.67 1.07
C GLU A 168 -8.99 -19.19 1.11
N GLU A 169 -10.00 -18.33 0.99
CA GLU A 169 -9.75 -16.89 1.03
C GLU A 169 -9.32 -16.40 2.40
N PHE A 170 -9.65 -17.14 3.47
CA PHE A 170 -9.34 -16.69 4.82
C PHE A 170 -8.44 -17.67 5.57
N HIS A 171 -7.88 -18.66 4.89
CA HIS A 171 -7.05 -19.67 5.51
C HIS A 171 -5.68 -19.12 5.89
N PRO A 172 -5.19 -19.43 7.10
CA PRO A 172 -5.76 -20.20 8.21
C PRO A 172 -6.31 -19.31 9.31
N TYR A 173 -6.40 -18.00 9.05
CA TYR A 173 -6.76 -17.05 10.09
C TYR A 173 -8.16 -17.32 10.64
N ILE A 174 -9.12 -17.63 9.78
CA ILE A 174 -10.50 -17.82 10.17
C ILE A 174 -10.86 -19.28 9.89
N PRO A 175 -11.09 -20.10 10.91
CA PRO A 175 -11.36 -21.53 10.68
C PRO A 175 -12.76 -21.76 10.13
N PHE A 176 -12.82 -22.64 9.13
CA PHE A 176 -14.07 -23.04 8.50
C PHE A 176 -14.32 -24.50 8.84
N PHE A 177 -15.45 -24.79 9.49
CA PHE A 177 -15.82 -26.15 9.86
C PHE A 177 -17.03 -26.59 9.07
N ALA A 178 -17.12 -27.91 8.84
CA ALA A 178 -18.25 -28.49 8.14
C ALA A 178 -18.48 -29.89 8.71
N THR A 179 -19.75 -30.30 8.75
CA THR A 179 -20.13 -31.63 9.17
C THR A 179 -21.12 -32.21 8.18
N PHE A 180 -21.06 -33.54 8.04
CA PHE A 180 -22.03 -34.29 7.27
C PHE A 180 -22.95 -35.12 8.16
N ASP A 181 -22.83 -34.99 9.48
CA ASP A 181 -23.66 -35.71 10.43
C ASP A 181 -24.82 -34.84 10.86
N SER A 182 -26.05 -35.27 10.56
CA SER A 182 -27.23 -34.51 10.93
C SER A 182 -27.39 -34.41 12.45
N LYS A 183 -26.88 -35.39 13.20
CA LYS A 183 -26.94 -35.30 14.66
C LYS A 183 -26.20 -34.08 15.15
N VAL A 184 -24.96 -33.87 14.67
CA VAL A 184 -24.21 -32.68 15.05
C VAL A 184 -24.92 -31.44 14.56
N ALA A 185 -25.44 -31.48 13.33
CA ALA A 185 -26.14 -30.33 12.78
C ALA A 185 -27.35 -29.97 13.63
N LYS A 186 -28.07 -30.99 14.14
CA LYS A 186 -29.25 -30.73 14.96
C LYS A 186 -28.89 -29.99 16.23
N LYS A 187 -27.78 -30.37 16.87
CA LYS A 187 -27.35 -29.68 18.08
C LYS A 187 -27.03 -28.22 17.81
N LEU A 188 -26.71 -27.87 16.56
CA LEU A 188 -26.37 -26.50 16.20
C LEU A 188 -27.50 -25.75 15.52
N THR A 189 -28.65 -26.38 15.28
CA THR A 189 -29.77 -25.73 14.61
C THR A 189 -29.38 -25.27 13.21
N LEU A 190 -28.77 -26.17 12.44
CA LEU A 190 -28.32 -25.86 11.08
C LEU A 190 -29.14 -26.66 10.08
N LYS A 191 -29.95 -25.94 9.29
CA LYS A 191 -30.65 -26.57 8.16
C LYS A 191 -29.63 -27.09 7.17
N LEU A 192 -30.09 -27.76 6.11
CA LEU A 192 -29.17 -28.28 5.09
C LEU A 192 -28.56 -27.14 4.29
N ASN A 193 -27.24 -27.18 4.10
CA ASN A 193 -26.49 -26.18 3.36
C ASN A 193 -26.52 -24.81 4.01
N GLU A 194 -26.91 -24.74 5.28
CA GLU A 194 -26.89 -23.49 6.03
C GLU A 194 -25.53 -23.31 6.68
N ILE A 195 -25.10 -22.06 6.81
CA ILE A 195 -23.78 -21.73 7.37
C ILE A 195 -24.00 -20.71 8.49
N ASP A 196 -23.45 -21.02 9.67
CA ASP A 196 -23.52 -20.11 10.80
C ASP A 196 -22.15 -19.49 11.05
N PHE A 197 -22.14 -18.21 11.39
CA PHE A 197 -20.92 -17.46 11.69
C PHE A 197 -20.92 -17.09 13.16
N TYR A 198 -19.94 -17.60 13.90
CA TYR A 198 -19.81 -17.35 15.34
C TYR A 198 -18.76 -16.26 15.52
N GLU A 199 -19.21 -15.04 15.80
CA GLU A 199 -18.30 -13.96 16.12
C GLU A 199 -17.50 -14.32 17.36
N ALA A 200 -16.23 -13.95 17.38
CA ALA A 200 -15.38 -14.27 18.52
C ALA A 200 -15.99 -13.70 19.80
N PHE A 201 -15.95 -14.53 20.86
CA PHE A 201 -16.41 -14.16 22.19
C PHE A 201 -17.91 -13.89 22.27
N MET A 202 -18.68 -14.40 21.33
CA MET A 202 -20.13 -14.19 21.31
C MET A 202 -20.81 -15.54 21.42
N GLU A 203 -21.91 -15.58 22.18
CA GLU A 203 -22.57 -16.86 22.39
C GLU A 203 -23.43 -17.24 21.21
N GLU A 204 -24.26 -16.35 20.75
CA GLU A 204 -25.18 -16.79 19.73
C GLU A 204 -24.64 -16.44 18.34
N PRO A 205 -24.78 -17.34 17.37
CA PRO A 205 -24.21 -17.10 16.05
C PRO A 205 -25.10 -16.19 15.21
N VAL A 206 -24.62 -15.94 13.99
CA VAL A 206 -25.38 -15.24 12.95
C VAL A 206 -25.38 -16.15 11.75
N THR A 207 -26.57 -16.44 11.23
CA THR A 207 -26.70 -17.30 10.05
C THR A 207 -26.57 -16.47 8.79
N ILE A 208 -25.89 -17.01 7.79
CA ILE A 208 -25.76 -16.34 6.51
C ILE A 208 -27.09 -16.44 5.78
N PRO A 209 -27.69 -15.33 5.36
CA PRO A 209 -29.03 -15.42 4.75
C PRO A 209 -28.98 -16.05 3.36
N ASP A 210 -30.17 -16.41 2.89
CA ASP A 210 -30.37 -16.85 1.51
C ASP A 210 -29.53 -18.09 1.16
N LYS A 211 -29.57 -19.08 2.03
CA LYS A 211 -28.88 -20.35 1.76
C LYS A 211 -29.58 -21.08 0.61
N PRO A 212 -28.84 -21.87 -0.19
CA PRO A 212 -27.41 -22.16 -0.14
C PRO A 212 -26.56 -20.95 -0.47
N ASN A 213 -25.31 -20.95 -0.03
CA ASN A 213 -24.43 -19.81 -0.21
C ASN A 213 -23.35 -20.16 -1.22
N SER A 214 -23.02 -19.19 -2.07
CA SER A 214 -21.94 -19.33 -3.04
C SER A 214 -20.63 -18.83 -2.45
N GLU A 215 -19.55 -19.05 -3.19
CA GLU A 215 -18.24 -18.60 -2.73
C GLU A 215 -18.28 -17.11 -2.41
N GLU A 216 -18.86 -16.31 -3.30
CA GLU A 216 -18.85 -14.87 -3.13
C GLU A 216 -19.73 -14.43 -1.97
N GLU A 217 -20.88 -15.09 -1.79
CA GLU A 217 -21.76 -14.72 -0.69
C GLU A 217 -21.09 -14.97 0.65
N ILE A 218 -20.31 -16.05 0.76
CA ILE A 218 -19.64 -16.35 2.01
C ILE A 218 -18.54 -15.34 2.27
N VAL A 219 -17.70 -15.08 1.27
CA VAL A 219 -16.59 -14.15 1.44
C VAL A 219 -17.11 -12.76 1.80
N SER A 220 -18.16 -12.30 1.11
CA SER A 220 -18.74 -11.00 1.42
C SER A 220 -19.20 -10.93 2.87
N PHE A 221 -19.82 -12.02 3.36
CA PHE A 221 -20.30 -12.03 4.73
C PHE A 221 -19.16 -11.93 5.72
N VAL A 222 -18.15 -12.79 5.55
CA VAL A 222 -17.01 -12.79 6.46
C VAL A 222 -16.34 -11.42 6.46
N GLU A 223 -16.13 -10.82 5.27
CA GLU A 223 -15.49 -9.52 5.21
C GLU A 223 -16.24 -8.49 6.03
N ALA A 224 -17.58 -8.56 6.02
CA ALA A 224 -18.39 -7.60 6.74
C ALA A 224 -18.52 -7.91 8.22
N HIS A 225 -18.12 -9.11 8.67
CA HIS A 225 -18.26 -9.52 10.06
C HIS A 225 -16.94 -9.95 10.71
N LYS A 226 -15.82 -9.93 9.98
CA LYS A 226 -14.58 -10.44 10.58
C LYS A 226 -14.07 -9.54 11.68
N ARG A 227 -14.38 -8.25 11.63
CA ARG A 227 -13.92 -7.31 12.66
C ARG A 227 -14.83 -7.45 13.86
N SER A 228 -14.48 -8.39 14.75
CA SER A 228 -15.31 -8.69 15.91
C SER A 228 -15.26 -7.56 16.94
N THR A 229 -16.35 -7.46 17.71
CA THR A 229 -16.44 -6.41 18.71
C THR A 229 -15.33 -6.54 19.75
N LEU A 230 -14.98 -7.77 20.09
CA LEU A 230 -13.79 -8.05 20.90
C LEU A 230 -12.87 -8.92 20.05
N ARG A 231 -11.63 -8.48 19.87
CA ARG A 231 -10.65 -9.24 19.10
C ARG A 231 -9.38 -9.41 19.93
N LYS A 232 -8.77 -10.59 19.86
CA LYS A 232 -7.54 -10.86 20.57
C LYS A 232 -6.33 -10.56 19.69
N LEU A 233 -5.37 -9.85 20.26
CA LEU A 233 -4.10 -9.62 19.56
C LEU A 233 -3.32 -10.93 19.57
N LYS A 234 -3.25 -11.57 18.44
CA LYS A 234 -2.55 -12.81 18.20
C LYS A 234 -1.25 -12.54 17.45
N PRO A 235 -0.17 -13.27 17.73
CA PRO A 235 1.10 -12.98 17.04
C PRO A 235 1.03 -13.22 15.53
N GLU A 236 0.23 -14.20 15.09
CA GLU A 236 0.11 -14.50 13.67
C GLU A 236 -0.46 -13.33 12.87
N SER A 237 -1.07 -12.33 13.53
CA SER A 237 -1.74 -11.25 12.82
C SER A 237 -1.71 -9.93 13.60
N MET A 238 -0.69 -9.74 14.45
CA MET A 238 -0.71 -8.58 15.33
C MET A 238 -0.68 -7.29 14.54
N TYR A 239 0.04 -7.27 13.42
CA TYR A 239 0.18 -6.02 12.67
C TYR A 239 -1.10 -5.67 11.93
N GLU A 240 -1.72 -6.65 11.29
CA GLU A 240 -2.99 -6.38 10.63
C GLU A 240 -4.01 -5.87 11.62
N THR A 241 -4.11 -6.52 12.77
CA THR A 241 -5.09 -6.09 13.78
C THR A 241 -4.80 -4.68 14.27
N TRP A 242 -3.54 -4.41 14.62
CA TRP A 242 -3.23 -3.11 15.20
C TRP A 242 -3.42 -1.97 14.21
N GLU A 243 -3.05 -2.20 12.95
CA GLU A 243 -3.19 -1.16 11.93
C GLU A 243 -4.63 -0.89 11.56
N ASP A 244 -5.56 -1.74 11.98
CA ASP A 244 -6.98 -1.58 11.68
C ASP A 244 -7.69 -0.74 12.74
N ASP A 245 -7.15 0.44 12.98
CA ASP A 245 -7.74 1.39 13.93
C ASP A 245 -9.02 1.99 13.36
N LEU A 246 -10.03 2.15 14.21
CA LEU A 246 -11.29 2.75 13.79
C LEU A 246 -11.13 4.24 13.52
N ASP A 247 -10.77 5.01 14.55
CA ASP A 247 -10.70 6.46 14.47
C ASP A 247 -9.39 6.97 15.05
N GLY A 248 -8.29 6.35 14.64
CA GLY A 248 -6.99 6.74 15.12
C GLY A 248 -6.68 6.36 16.55
N ILE A 249 -7.50 5.50 17.17
CA ILE A 249 -7.25 5.05 18.53
C ILE A 249 -7.70 3.61 18.66
N HIS A 250 -7.19 2.95 19.69
CA HIS A 250 -7.57 1.59 20.04
C HIS A 250 -7.98 1.56 21.51
N ILE A 251 -9.03 0.81 21.80
CA ILE A 251 -9.33 0.43 23.17
C ILE A 251 -8.56 -0.86 23.45
N VAL A 252 -7.52 -0.76 24.27
CA VAL A 252 -6.64 -1.87 24.59
C VAL A 252 -6.93 -2.34 26.00
N ALA A 253 -7.00 -3.66 26.17
CA ALA A 253 -7.13 -4.25 27.49
C ALA A 253 -6.08 -5.35 27.64
N PHE A 254 -5.29 -5.25 28.70
CA PHE A 254 -4.35 -6.27 29.07
C PHE A 254 -4.99 -7.18 30.11
N ALA A 255 -4.92 -8.49 29.90
CA ALA A 255 -5.46 -9.46 30.86
C ALA A 255 -4.78 -10.80 30.66
N GLU A 256 -4.13 -11.32 31.71
CA GLU A 256 -3.52 -12.64 31.64
C GLU A 256 -4.58 -13.69 31.96
N GLU A 257 -4.89 -14.51 30.96
CA GLU A 257 -6.01 -15.45 31.09
C GLU A 257 -5.81 -16.40 32.27
N THR A 258 -4.59 -16.92 32.46
CA THR A 258 -4.36 -17.89 33.53
C THR A 258 -4.40 -17.27 34.91
N ASP A 259 -4.25 -15.95 35.02
CA ASP A 259 -4.26 -15.33 36.34
C ASP A 259 -5.70 -15.12 36.81
N PRO A 260 -5.99 -15.35 38.09
CA PRO A 260 -7.40 -15.18 38.53
C PRO A 260 -7.93 -13.79 38.30
N ASP A 261 -7.19 -12.75 38.69
CA ASP A 261 -7.61 -11.38 38.38
C ASP A 261 -7.73 -11.14 36.89
N GLY A 262 -6.88 -11.77 36.08
CA GLY A 262 -6.95 -11.62 34.64
C GLY A 262 -8.11 -12.34 34.01
N TYR A 263 -8.44 -13.53 34.51
CA TYR A 263 -9.58 -14.27 33.99
C TYR A 263 -10.89 -13.55 34.31
N GLU A 264 -11.05 -13.06 35.54
CA GLU A 264 -12.27 -12.37 35.92
C GLU A 264 -12.48 -11.13 35.07
N PHE A 265 -11.42 -10.32 34.93
CA PHE A 265 -11.52 -9.11 34.13
C PHE A 265 -11.88 -9.44 32.69
N LEU A 266 -11.42 -10.59 32.18
CA LEU A 266 -11.77 -10.99 30.83
C LEU A 266 -13.26 -11.34 30.72
N GLU A 267 -13.82 -12.01 31.73
CA GLU A 267 -15.25 -12.33 31.71
C GLU A 267 -16.09 -11.06 31.70
N THR A 268 -15.64 -10.02 32.39
CA THR A 268 -16.31 -8.73 32.31
C THR A 268 -16.23 -8.15 30.89
N LEU A 269 -15.04 -8.21 30.28
CA LEU A 269 -14.90 -7.71 28.92
C LEU A 269 -15.82 -8.44 27.97
N LYS A 270 -15.87 -9.77 28.06
CA LYS A 270 -16.76 -10.52 27.19
C LYS A 270 -18.19 -10.02 27.34
N ALA A 271 -18.58 -9.68 28.57
CA ALA A 271 -19.94 -9.22 28.81
C ALA A 271 -20.18 -7.86 28.16
N VAL A 272 -19.28 -6.90 28.41
CA VAL A 272 -19.40 -5.58 27.79
C VAL A 272 -19.51 -5.72 26.28
N ALA A 273 -18.71 -6.61 25.69
CA ALA A 273 -18.77 -6.81 24.26
C ALA A 273 -20.12 -7.40 23.83
N GLN A 274 -20.65 -8.35 24.61
CA GLN A 274 -21.94 -8.93 24.23
C GLN A 274 -23.06 -7.91 24.32
N ASP A 275 -22.95 -6.96 25.25
CA ASP A 275 -23.99 -5.94 25.39
C ASP A 275 -23.93 -4.89 24.31
N ASN A 276 -22.78 -4.72 23.66
CA ASN A 276 -22.57 -3.67 22.66
C ASN A 276 -22.09 -4.24 21.34
N THR A 277 -22.43 -5.49 21.04
CA THR A 277 -21.90 -6.16 19.86
C THR A 277 -22.41 -5.55 18.56
N ASP A 278 -23.54 -4.83 18.60
CA ASP A 278 -24.10 -4.28 17.37
C ASP A 278 -23.57 -2.90 17.04
N ASN A 279 -22.73 -2.34 17.90
CA ASN A 279 -22.11 -1.06 17.63
C ASN A 279 -21.09 -1.23 16.51
N PRO A 280 -21.30 -0.65 15.32
CA PRO A 280 -20.40 -0.91 14.20
C PRO A 280 -19.04 -0.23 14.34
N ASP A 281 -18.90 0.70 15.29
CA ASP A 281 -17.67 1.45 15.47
C ASP A 281 -16.83 0.97 16.63
N LEU A 282 -17.24 -0.09 17.33
CA LEU A 282 -16.58 -0.54 18.55
C LEU A 282 -15.84 -1.85 18.31
N SER A 283 -14.52 -1.83 18.51
CA SER A 283 -13.68 -3.03 18.46
C SER A 283 -12.57 -2.89 19.50
N ILE A 284 -12.63 -3.70 20.55
CA ILE A 284 -11.66 -3.68 21.64
C ILE A 284 -10.61 -4.74 21.40
N ILE A 285 -9.34 -4.37 21.56
CA ILE A 285 -8.23 -5.29 21.42
C ILE A 285 -7.83 -5.84 22.78
N TRP A 286 -7.93 -7.16 22.94
CA TRP A 286 -7.43 -7.84 24.12
C TRP A 286 -6.01 -8.35 23.86
N ILE A 287 -5.09 -7.94 24.72
CA ILE A 287 -3.69 -8.39 24.67
C ILE A 287 -3.42 -9.20 25.92
N ASP A 288 -3.09 -10.49 25.74
CA ASP A 288 -2.65 -11.31 26.85
C ASP A 288 -1.13 -11.16 26.98
N PRO A 289 -0.62 -10.46 27.99
CA PRO A 289 0.83 -10.23 28.05
C PRO A 289 1.65 -11.50 28.00
N ASP A 290 1.08 -12.63 28.38
CA ASP A 290 1.81 -13.88 28.28
C ASP A 290 2.15 -14.22 26.83
N ASP A 291 1.41 -13.67 25.87
CA ASP A 291 1.70 -13.96 24.47
C ASP A 291 2.85 -13.14 23.91
N PHE A 292 3.26 -12.06 24.58
CA PHE A 292 4.28 -11.15 24.06
C PHE A 292 5.27 -10.81 25.16
N PRO A 293 6.01 -11.80 25.65
CA PRO A 293 6.93 -11.54 26.77
C PRO A 293 7.98 -10.48 26.49
N LEU A 294 8.40 -10.29 25.23
CA LEU A 294 9.44 -9.31 24.95
C LEU A 294 8.93 -7.89 24.91
N LEU A 295 7.61 -7.69 24.82
CA LEU A 295 7.06 -6.35 24.77
C LEU A 295 6.56 -5.87 26.13
N VAL A 296 6.52 -6.75 27.13
CA VAL A 296 6.01 -6.36 28.45
C VAL A 296 6.78 -5.17 29.02
N PRO A 297 8.11 -5.18 29.09
CA PRO A 297 8.81 -4.00 29.64
C PRO A 297 8.53 -2.74 28.85
N TYR A 298 8.47 -2.85 27.52
CA TYR A 298 8.16 -1.69 26.70
C TYR A 298 6.77 -1.17 27.00
N TRP A 299 5.82 -2.07 27.22
CA TRP A 299 4.45 -1.65 27.53
C TRP A 299 4.38 -0.97 28.88
N GLU A 300 5.02 -1.57 29.90
CA GLU A 300 5.01 -0.93 31.21
C GLU A 300 5.68 0.43 31.15
N LYS A 301 6.72 0.57 30.31
CA LYS A 301 7.43 1.85 30.22
C LYS A 301 6.61 2.89 29.47
N THR A 302 6.06 2.52 28.32
CA THR A 302 5.33 3.48 27.50
C THR A 302 4.03 3.91 28.16
N PHE A 303 3.29 2.95 28.69
CA PHE A 303 1.97 3.20 29.24
C PHE A 303 1.97 3.46 30.74
N ASN A 304 3.09 3.28 31.42
CA ASN A 304 3.16 3.48 32.87
C ASN A 304 2.08 2.67 33.60
N ILE A 305 2.00 1.39 33.26
CA ILE A 305 1.06 0.47 33.89
C ILE A 305 1.83 -0.76 34.34
N ASP A 306 1.21 -1.53 35.25
CA ASP A 306 1.79 -2.76 35.77
C ASP A 306 0.99 -3.92 35.20
N LEU A 307 1.59 -4.65 34.26
CA LEU A 307 0.90 -5.74 33.58
C LEU A 307 0.75 -6.98 34.43
N SER A 308 1.05 -6.88 35.73
CA SER A 308 0.67 -7.94 36.64
C SER A 308 -0.78 -7.81 37.09
N ALA A 309 -1.38 -6.63 36.92
CA ALA A 309 -2.79 -6.40 37.18
C ALA A 309 -3.52 -6.12 35.88
N PRO A 310 -4.80 -6.45 35.78
CA PRO A 310 -5.53 -6.13 34.54
C PRO A 310 -5.58 -4.64 34.30
N GLN A 311 -5.64 -4.27 33.02
CA GLN A 311 -5.68 -2.88 32.62
C GLN A 311 -6.67 -2.70 31.47
N ILE A 312 -7.10 -1.47 31.27
CA ILE A 312 -7.89 -1.11 30.10
C ILE A 312 -7.70 0.38 29.85
N GLY A 313 -7.56 0.75 28.59
CA GLY A 313 -7.29 2.12 28.25
C GLY A 313 -7.52 2.43 26.79
N VAL A 314 -7.18 3.66 26.42
CA VAL A 314 -7.29 4.16 25.05
C VAL A 314 -5.91 4.58 24.61
N VAL A 315 -5.51 4.16 23.42
CA VAL A 315 -4.15 4.39 22.93
C VAL A 315 -4.27 5.15 21.61
N ASN A 316 -3.52 6.25 21.51
CA ASN A 316 -3.39 7.01 20.27
C ASN A 316 -2.34 6.30 19.42
N VAL A 317 -2.78 5.80 18.26
CA VAL A 317 -1.92 4.95 17.43
C VAL A 317 -0.86 5.79 16.73
N THR A 318 -0.92 7.10 16.89
CA THR A 318 0.02 7.99 16.21
C THR A 318 1.30 8.22 17.01
N ASP A 319 1.17 8.44 18.32
CA ASP A 319 2.32 8.72 19.17
C ASP A 319 2.38 7.81 20.38
N ALA A 320 1.49 6.81 20.47
CA ALA A 320 1.41 5.91 21.63
C ALA A 320 0.99 6.63 22.90
N ASP A 321 0.37 7.81 22.77
CA ASP A 321 -0.18 8.47 23.94
C ASP A 321 -1.39 7.69 24.43
N SER A 322 -1.61 7.71 25.74
CA SER A 322 -2.53 6.74 26.31
C SER A 322 -3.19 7.31 27.57
N VAL A 323 -4.37 6.74 27.89
CA VAL A 323 -5.05 6.97 29.16
C VAL A 323 -5.54 5.63 29.65
N TRP A 324 -5.43 5.40 30.95
CA TRP A 324 -5.74 4.09 31.52
C TRP A 324 -6.65 4.23 32.71
N MET A 325 -7.63 3.33 32.79
CA MET A 325 -8.53 3.28 33.94
C MET A 325 -7.74 2.88 35.19
N GLU A 326 -7.88 3.68 36.25
CA GLU A 326 -7.24 3.35 37.53
C GLU A 326 -8.10 2.35 38.29
N MET A 327 -7.43 1.39 38.94
CA MET A 327 -8.12 0.34 39.68
C MET A 327 -7.35 0.03 40.95
N ASP A 328 -8.10 -0.21 42.02
CA ASP A 328 -7.52 -0.51 43.33
C ASP A 328 -7.08 -1.97 43.41
N ASP A 329 -5.85 -2.20 43.90
CA ASP A 329 -5.32 -3.55 44.07
C ASP A 329 -5.94 -4.31 45.24
N GLU A 330 -6.64 -3.62 46.15
CA GLU A 330 -7.30 -4.27 47.26
C GLU A 330 -8.77 -4.56 46.97
N GLU A 331 -9.53 -3.54 46.56
CA GLU A 331 -10.93 -3.72 46.21
C GLU A 331 -11.08 -4.59 44.98
N ASP A 332 -12.31 -5.07 44.78
CA ASP A 332 -12.59 -5.94 43.64
C ASP A 332 -12.51 -5.17 42.33
N LEU A 333 -12.35 -5.94 41.25
CA LEU A 333 -12.20 -5.36 39.93
C LEU A 333 -13.51 -4.72 39.47
N PRO A 334 -13.42 -3.70 38.61
CA PRO A 334 -14.64 -3.06 38.11
C PRO A 334 -15.50 -4.02 37.30
N SER A 335 -16.81 -3.81 37.38
CA SER A 335 -17.77 -4.61 36.63
C SER A 335 -18.11 -3.93 35.30
N ALA A 336 -18.96 -4.60 34.52
CA ALA A 336 -19.36 -4.07 33.23
C ALA A 336 -19.95 -2.67 33.37
N GLU A 337 -20.68 -2.40 34.46
CA GLU A 337 -21.26 -1.07 34.65
C GLU A 337 -20.17 -0.02 34.73
N GLU A 338 -19.14 -0.26 35.55
CA GLU A 338 -18.04 0.71 35.67
C GLU A 338 -17.28 0.85 34.35
N LEU A 339 -17.09 -0.26 33.63
CA LEU A 339 -16.38 -0.20 32.35
C LEU A 339 -17.16 0.60 31.31
N GLU A 340 -18.45 0.31 31.17
CA GLU A 340 -19.27 1.04 30.21
C GLU A 340 -19.24 2.54 30.51
N ASP A 341 -19.23 2.92 31.79
CA ASP A 341 -19.19 4.33 32.15
C ASP A 341 -17.83 4.96 31.94
N TRP A 342 -16.76 4.18 32.11
CA TRP A 342 -15.43 4.73 31.94
C TRP A 342 -15.12 4.93 30.46
N LEU A 343 -15.68 4.06 29.61
CA LEU A 343 -15.48 4.21 28.18
C LEU A 343 -16.20 5.44 27.66
N GLU A 344 -17.47 5.62 28.05
CA GLU A 344 -18.24 6.75 27.55
C GLU A 344 -17.60 8.08 27.96
N ASP A 345 -17.01 8.14 29.16
CA ASP A 345 -16.48 9.40 29.66
C ASP A 345 -15.21 9.83 28.91
N VAL A 346 -14.25 8.91 28.76
CA VAL A 346 -12.97 9.29 28.15
C VAL A 346 -13.15 9.62 26.67
N LEU A 347 -14.16 9.06 26.02
CA LEU A 347 -14.41 9.39 24.62
C LEU A 347 -15.22 10.67 24.46
N GLU A 348 -16.08 10.98 25.41
CA GLU A 348 -16.89 12.20 25.34
C GLU A 348 -16.03 13.43 25.57
N GLY B 3 0.59 4.32 11.50
CA GLY B 3 1.56 5.29 11.97
C GLY B 3 2.75 4.68 12.71
N LEU B 4 2.66 4.65 14.05
CA LEU B 4 3.83 4.31 14.86
C LEU B 4 4.14 2.82 14.79
N ASP B 5 5.41 2.49 14.58
CA ASP B 5 5.83 1.12 14.38
C ASP B 5 6.06 0.42 15.72
N PHE B 6 5.83 -0.90 15.72
CA PHE B 6 6.20 -1.73 16.87
C PHE B 6 7.71 -1.69 17.06
N PRO B 7 8.18 -1.93 18.28
CA PRO B 7 9.63 -2.00 18.51
C PRO B 7 10.27 -3.10 17.67
N GLU B 8 11.58 -2.94 17.43
CA GLU B 8 12.31 -3.89 16.61
C GLU B 8 13.75 -4.00 17.11
N TYR B 9 14.42 -5.10 16.74
CA TYR B 9 15.84 -5.21 17.00
C TYR B 9 16.57 -4.12 16.23
N ASP B 10 17.37 -3.33 16.94
CA ASP B 10 18.03 -2.19 16.31
C ASP B 10 19.41 -2.51 15.75
N GLY B 11 19.92 -3.72 15.96
CA GLY B 11 21.22 -4.09 15.41
C GLY B 11 22.41 -3.57 16.17
N VAL B 12 22.19 -2.86 17.27
CA VAL B 12 23.28 -2.37 18.10
C VAL B 12 23.80 -3.50 18.96
N ASP B 13 25.12 -3.60 19.07
CA ASP B 13 25.73 -4.62 19.90
C ASP B 13 25.76 -4.14 21.35
N ARG B 14 25.25 -4.99 22.25
CA ARG B 14 25.25 -4.71 23.67
C ARG B 14 25.91 -5.81 24.47
N VAL B 15 26.13 -6.98 23.88
CA VAL B 15 26.77 -8.10 24.59
C VAL B 15 28.25 -7.78 24.76
N VAL B 16 28.67 -7.67 26.02
CA VAL B 16 30.06 -7.37 26.36
C VAL B 16 30.93 -8.59 26.07
N ASN B 17 32.08 -8.35 25.47
CA ASN B 17 33.15 -9.35 25.36
C ASN B 17 33.93 -9.31 26.66
N VAL B 18 33.60 -10.20 27.59
CA VAL B 18 34.20 -10.18 28.92
C VAL B 18 35.61 -10.75 28.83
N ASN B 19 36.57 -10.02 29.40
CA ASN B 19 37.96 -10.44 29.44
C ASN B 19 38.52 -10.06 30.81
N ALA B 20 39.82 -10.33 30.99
CA ALA B 20 40.43 -10.10 32.30
C ALA B 20 40.42 -8.62 32.70
N LYS B 21 40.42 -7.71 31.74
CA LYS B 21 40.56 -6.30 32.07
C LYS B 21 39.24 -5.60 32.38
N ASN B 22 38.11 -6.11 31.90
CA ASN B 22 36.84 -5.45 32.12
C ASN B 22 35.88 -6.22 33.01
N TYR B 23 36.17 -7.47 33.37
CA TYR B 23 35.15 -8.26 34.05
C TYR B 23 34.79 -7.67 35.41
N LYS B 24 35.74 -7.02 36.08
CA LYS B 24 35.42 -6.44 37.38
C LYS B 24 34.55 -5.20 37.25
N ASN B 25 34.78 -4.37 36.21
CA ASN B 25 33.93 -3.22 35.99
C ASN B 25 32.51 -3.64 35.62
N VAL B 26 32.38 -4.73 34.87
CA VAL B 26 31.06 -5.19 34.45
C VAL B 26 30.22 -5.56 35.68
N PHE B 27 30.78 -6.38 36.58
CA PHE B 27 30.02 -6.81 37.75
C PHE B 27 29.58 -5.63 38.60
N LYS B 28 30.28 -4.50 38.53
CA LYS B 28 29.85 -3.31 39.28
C LYS B 28 28.80 -2.51 38.53
N LYS B 29 28.70 -2.66 37.21
CA LYS B 29 27.79 -1.86 36.41
C LYS B 29 26.34 -2.36 36.51
N TYR B 30 26.15 -3.68 36.42
CA TYR B 30 24.81 -4.24 36.29
C TYR B 30 24.37 -4.87 37.60
N GLU B 31 23.08 -4.71 37.91
CA GLU B 31 22.51 -5.36 39.09
C GLU B 31 22.42 -6.86 38.86
N VAL B 32 21.92 -7.27 37.70
CA VAL B 32 21.82 -8.66 37.31
C VAL B 32 22.63 -8.86 36.05
N LEU B 33 23.54 -9.85 36.07
CA LEU B 33 24.44 -10.12 34.95
C LEU B 33 24.30 -11.57 34.51
N ALA B 34 24.09 -11.78 33.22
CA ALA B 34 24.04 -13.10 32.61
C ALA B 34 25.28 -13.28 31.75
N LEU B 35 26.02 -14.35 32.02
CA LEU B 35 27.25 -14.64 31.30
C LEU B 35 27.12 -15.95 30.57
N LEU B 36 27.38 -15.92 29.28
CA LEU B 36 27.46 -17.13 28.48
C LEU B 36 28.90 -17.62 28.52
N TYR B 37 29.14 -18.68 29.26
CA TYR B 37 30.44 -19.36 29.26
C TYR B 37 30.45 -20.29 28.05
N HIS B 38 31.29 -19.99 27.06
CA HIS B 38 31.24 -20.70 25.79
C HIS B 38 32.62 -21.20 25.38
N GLU B 39 32.61 -22.31 24.67
CA GLU B 39 33.84 -22.81 24.09
C GLU B 39 34.24 -21.96 22.89
N PRO B 40 35.52 -21.92 22.56
CA PRO B 40 35.95 -21.13 21.42
C PRO B 40 35.26 -21.63 20.15
N PRO B 41 34.79 -20.73 19.30
CA PRO B 41 34.02 -21.18 18.14
C PRO B 41 34.90 -21.98 17.19
N GLU B 42 34.36 -23.10 16.72
CA GLU B 42 35.02 -23.88 15.68
C GLU B 42 35.10 -23.09 14.37
N ASP B 43 35.89 -23.60 13.44
CA ASP B 43 36.17 -22.90 12.20
C ASP B 43 35.18 -23.19 11.08
N ASP B 44 34.50 -24.34 11.14
CA ASP B 44 33.60 -24.72 10.05
C ASP B 44 32.42 -23.74 9.94
N LYS B 45 31.78 -23.78 8.78
CA LYS B 45 30.67 -22.88 8.51
C LYS B 45 29.51 -23.12 9.47
N ALA B 46 29.07 -24.37 9.58
CA ALA B 46 27.87 -24.67 10.38
C ALA B 46 28.07 -24.23 11.82
N SER B 47 29.21 -24.60 12.43
CA SER B 47 29.48 -24.19 13.81
C SER B 47 29.52 -22.67 13.92
N GLN B 48 30.01 -21.99 12.88
CA GLN B 48 30.07 -20.54 12.89
C GLN B 48 28.68 -19.92 12.91
N ARG B 49 27.71 -20.59 12.28
CA ARG B 49 26.32 -20.10 12.32
C ARG B 49 25.71 -20.33 13.69
N GLN B 50 25.93 -21.51 14.28
CA GLN B 50 25.41 -21.79 15.61
C GLN B 50 25.90 -20.75 16.60
N PHE B 51 27.19 -20.47 16.59
CA PHE B 51 27.73 -19.46 17.49
C PHE B 51 27.07 -18.11 17.22
N GLU B 52 26.84 -17.81 15.94
CA GLU B 52 26.21 -16.56 15.52
C GLU B 52 24.77 -16.50 16.02
N MET B 53 24.02 -17.58 15.86
CA MET B 53 22.67 -17.66 16.39
C MET B 53 22.64 -17.31 17.88
N ASP B 54 23.54 -17.91 18.65
CA ASP B 54 23.49 -17.72 20.10
C ASP B 54 23.87 -16.29 20.48
N GLU B 55 24.79 -15.67 19.75
CA GLU B 55 25.18 -14.30 20.05
C GLU B 55 24.00 -13.36 19.84
N LEU B 56 23.26 -13.52 18.74
CA LEU B 56 22.14 -12.62 18.47
C LEU B 56 21.01 -12.81 19.47
N ILE B 57 20.77 -14.03 19.93
CA ILE B 57 19.75 -14.25 20.96
C ILE B 57 20.10 -13.44 22.22
N LEU B 58 21.37 -13.44 22.59
CA LEU B 58 21.78 -12.60 23.71
C LEU B 58 21.60 -11.12 23.36
N GLU B 59 21.98 -10.73 22.15
CA GLU B 59 21.80 -9.34 21.75
C GLU B 59 20.34 -8.92 21.83
N LEU B 60 19.43 -9.80 21.42
CA LEU B 60 18.02 -9.44 21.45
C LEU B 60 17.52 -9.23 22.86
N ALA B 61 17.91 -10.13 23.78
CA ALA B 61 17.54 -9.97 25.18
C ALA B 61 18.21 -8.75 25.78
N ALA B 62 19.45 -8.45 25.37
CA ALA B 62 20.14 -7.30 25.92
C ALA B 62 19.40 -6.01 25.60
N GLN B 63 18.83 -5.92 24.39
CA GLN B 63 18.06 -4.75 24.03
C GLN B 63 16.78 -4.64 24.85
N VAL B 64 16.08 -5.76 25.03
CA VAL B 64 14.82 -5.72 25.77
C VAL B 64 15.04 -5.27 27.21
N LEU B 65 16.10 -5.75 27.86
CA LEU B 65 16.30 -5.48 29.27
C LEU B 65 17.35 -4.41 29.53
N GLU B 66 17.69 -3.59 28.54
CA GLU B 66 18.65 -2.53 28.79
C GLU B 66 18.15 -1.55 29.85
N ASP B 67 16.88 -1.14 29.76
CA ASP B 67 16.35 -0.14 30.67
C ASP B 67 16.24 -0.66 32.10
N LYS B 68 16.06 -1.97 32.27
CA LYS B 68 15.89 -2.55 33.60
C LYS B 68 17.21 -2.96 34.23
N GLY B 69 18.34 -2.63 33.61
CA GLY B 69 19.63 -2.81 34.23
C GLY B 69 20.17 -4.22 34.21
N VAL B 70 19.86 -5.00 33.17
CA VAL B 70 20.36 -6.36 33.01
C VAL B 70 21.41 -6.36 31.91
N GLY B 71 22.63 -6.80 32.26
CA GLY B 71 23.72 -6.92 31.31
C GLY B 71 23.89 -8.34 30.81
N PHE B 72 24.55 -8.47 29.66
CA PHE B 72 24.80 -9.76 29.03
C PHE B 72 26.23 -9.80 28.55
N GLY B 73 26.96 -10.86 28.89
CA GLY B 73 28.35 -10.98 28.49
C GLY B 73 28.66 -12.39 28.04
N MET B 74 29.77 -12.50 27.32
CA MET B 74 30.29 -13.78 26.85
C MET B 74 31.68 -13.99 27.41
N VAL B 75 31.95 -15.21 27.87
CA VAL B 75 33.24 -15.57 28.44
C VAL B 75 33.77 -16.79 27.69
N ASP B 76 34.91 -16.61 27.04
CA ASP B 76 35.54 -17.67 26.28
C ASP B 76 36.35 -18.57 27.20
N SER B 77 36.20 -19.89 27.03
CA SER B 77 36.82 -20.84 27.93
C SER B 77 38.35 -20.86 27.82
N GLU B 78 38.91 -20.36 26.72
CA GLU B 78 40.36 -20.31 26.57
C GLU B 78 40.90 -18.90 26.72
N LYS B 79 40.41 -17.95 25.91
CA LYS B 79 40.91 -16.59 25.99
C LYS B 79 40.62 -15.95 27.34
N ASP B 80 39.48 -16.27 27.93
CA ASP B 80 39.10 -15.70 29.21
C ASP B 80 39.14 -16.76 30.32
N ALA B 81 40.01 -17.75 30.15
CA ALA B 81 40.05 -18.89 31.05
C ALA B 81 40.33 -18.47 32.49
N ALA B 82 41.16 -17.45 32.69
CA ALA B 82 41.42 -16.97 34.04
C ALA B 82 40.18 -16.36 34.66
N VAL B 83 39.38 -15.65 33.86
CA VAL B 83 38.15 -15.06 34.37
C VAL B 83 37.13 -16.15 34.71
N ALA B 84 37.02 -17.15 33.86
CA ALA B 84 36.18 -18.30 34.19
C ALA B 84 36.64 -18.93 35.49
N LYS B 85 37.96 -18.97 35.71
CA LYS B 85 38.49 -19.55 36.94
C LYS B 85 38.02 -18.74 38.15
N LYS B 86 38.16 -17.41 38.09
CA LYS B 86 37.79 -16.57 39.22
C LYS B 86 36.28 -16.60 39.45
N LEU B 87 35.48 -16.74 38.40
CA LEU B 87 34.02 -16.67 38.51
C LEU B 87 33.37 -18.01 38.73
N GLY B 88 34.06 -19.10 38.42
CA GLY B 88 33.54 -20.43 38.66
C GLY B 88 32.71 -20.94 37.51
N LEU B 89 33.09 -20.60 36.29
CA LEU B 89 32.34 -21.02 35.10
C LEU B 89 32.92 -22.33 34.60
N THR B 90 32.20 -23.42 34.88
CA THR B 90 32.61 -24.78 34.57
C THR B 90 31.76 -25.42 33.48
N GLU B 91 30.44 -25.27 33.54
CA GLU B 91 29.57 -25.93 32.58
C GLU B 91 29.74 -25.24 31.23
N GLU B 92 30.37 -25.92 30.28
CA GLU B 92 30.66 -25.29 29.02
C GLU B 92 29.38 -25.08 28.21
N ASP B 93 29.37 -23.99 27.45
CA ASP B 93 28.24 -23.65 26.58
C ASP B 93 26.94 -23.59 27.37
N SER B 94 26.96 -22.82 28.45
CA SER B 94 25.79 -22.66 29.30
C SER B 94 25.84 -21.28 29.94
N VAL B 95 24.70 -20.85 30.50
CA VAL B 95 24.53 -19.49 30.96
C VAL B 95 24.58 -19.47 32.48
N TYR B 96 25.28 -18.48 33.03
CA TYR B 96 25.34 -18.24 34.46
C TYR B 96 24.77 -16.87 34.74
N VAL B 97 23.85 -16.78 35.69
CA VAL B 97 23.22 -15.51 36.06
C VAL B 97 23.68 -15.13 37.46
N PHE B 98 24.14 -13.90 37.60
CA PHE B 98 24.65 -13.38 38.85
C PHE B 98 23.71 -12.28 39.35
N LYS B 99 23.19 -12.43 40.56
CA LYS B 99 22.42 -11.39 41.22
C LYS B 99 23.08 -11.09 42.56
N GLY B 100 23.78 -9.96 42.62
CA GLY B 100 24.53 -9.61 43.82
C GLY B 100 25.50 -10.68 44.23
N ASP B 101 25.20 -11.37 45.33
CA ASP B 101 26.08 -12.40 45.85
C ASP B 101 25.77 -13.75 45.23
N GLU B 102 24.51 -14.17 45.27
CA GLU B 102 24.13 -15.47 44.77
C GLU B 102 24.51 -15.62 43.29
N VAL B 103 24.62 -16.87 42.87
CA VAL B 103 24.91 -17.25 41.50
C VAL B 103 23.89 -18.30 41.09
N ILE B 104 23.33 -18.16 39.89
CA ILE B 104 22.33 -19.07 39.39
C ILE B 104 22.87 -19.71 38.14
N GLU B 105 22.87 -21.03 38.10
CA GLU B 105 23.43 -21.80 36.99
C GLU B 105 22.27 -22.12 36.06
N TYR B 106 22.01 -21.23 35.12
CA TYR B 106 20.85 -21.38 34.26
C TYR B 106 20.93 -22.73 33.54
N ASP B 107 19.78 -23.40 33.44
CA ASP B 107 19.70 -24.68 32.76
C ASP B 107 18.38 -24.79 32.01
N GLY B 108 17.99 -23.73 31.33
CA GLY B 108 16.76 -23.71 30.58
C GLY B 108 16.92 -23.47 29.09
N GLU B 109 15.81 -23.34 28.40
CA GLU B 109 15.82 -23.11 26.97
C GLU B 109 16.61 -21.84 26.63
N PHE B 110 17.43 -21.93 25.59
CA PHE B 110 18.29 -20.83 25.19
C PHE B 110 17.58 -20.07 24.06
N SER B 111 16.60 -19.27 24.47
CA SER B 111 15.84 -18.42 23.57
C SER B 111 15.66 -17.07 24.24
N ALA B 112 15.39 -16.05 23.42
CA ALA B 112 15.18 -14.72 23.94
C ALA B 112 13.91 -14.66 24.79
N ASP B 113 12.82 -15.30 24.34
CA ASP B 113 11.59 -15.27 25.13
C ASP B 113 11.85 -15.81 26.53
N THR B 114 12.41 -17.01 26.64
CA THR B 114 12.58 -17.62 27.95
C THR B 114 13.60 -16.87 28.79
N LEU B 115 14.69 -16.42 28.17
CA LEU B 115 15.74 -15.71 28.92
C LEU B 115 15.21 -14.41 29.53
N VAL B 116 14.44 -13.65 28.77
CA VAL B 116 13.86 -12.41 29.29
C VAL B 116 12.85 -12.72 30.39
N GLU B 117 11.97 -13.70 30.17
CA GLU B 117 11.02 -14.08 31.22
C GLU B 117 11.77 -14.45 32.49
N PHE B 118 12.81 -15.26 32.36
CA PHE B 118 13.54 -15.73 33.54
C PHE B 118 14.26 -14.58 34.24
N LEU B 119 14.94 -13.73 33.47
CA LEU B 119 15.70 -12.65 34.08
C LEU B 119 14.78 -11.63 34.74
N LEU B 120 13.60 -11.39 34.17
CA LEU B 120 12.64 -10.51 34.83
C LEU B 120 12.21 -11.10 36.16
N ASP B 121 12.02 -12.42 36.23
CA ASP B 121 11.75 -13.05 37.53
C ASP B 121 12.93 -12.94 38.48
N VAL B 122 14.16 -12.96 37.96
CA VAL B 122 15.31 -12.82 38.83
C VAL B 122 15.33 -11.44 39.47
N LEU B 123 14.94 -10.41 38.72
CA LEU B 123 14.92 -9.06 39.26
C LEU B 123 13.96 -8.93 40.44
N GLU B 124 12.88 -9.71 40.46
CA GLU B 124 11.92 -9.62 41.55
C GLU B 124 12.52 -10.11 42.86
N ASP B 125 12.04 -9.54 43.96
CA ASP B 125 12.51 -9.97 45.27
C ASP B 125 12.16 -11.43 45.49
N PRO B 126 12.94 -12.14 46.33
CA PRO B 126 12.69 -13.58 46.50
C PRO B 126 11.37 -13.90 47.19
N VAL B 127 10.88 -13.05 48.09
CA VAL B 127 9.63 -13.33 48.81
C VAL B 127 8.56 -12.35 48.36
N GLU B 128 7.41 -12.87 47.95
CA GLU B 128 6.26 -12.07 47.56
C GLU B 128 5.22 -12.06 48.69
N LEU B 129 4.78 -10.87 49.08
CA LEU B 129 3.84 -10.74 50.19
C LEU B 129 2.41 -10.89 49.72
N ILE B 130 1.56 -11.31 50.64
CA ILE B 130 0.14 -11.45 50.39
C ILE B 130 -0.61 -10.71 51.48
N GLU B 131 -1.47 -9.76 51.08
CA GLU B 131 -2.20 -8.93 52.03
C GLU B 131 -3.69 -9.16 51.90
N GLY B 132 -4.32 -8.68 50.84
CA GLY B 132 -5.76 -8.77 50.72
C GLY B 132 -6.27 -10.18 50.45
N GLU B 133 -7.53 -10.22 50.04
CA GLU B 133 -8.17 -11.47 49.65
C GLU B 133 -7.81 -11.85 48.23
N ARG B 134 -7.69 -10.86 47.34
CA ARG B 134 -7.35 -11.15 45.95
C ARG B 134 -5.94 -11.69 45.81
N GLU B 135 -5.01 -11.13 46.58
CA GLU B 135 -3.66 -11.68 46.55
C GLU B 135 -3.64 -13.10 47.08
N LEU B 136 -4.49 -13.40 48.07
CA LEU B 136 -4.55 -14.76 48.56
C LEU B 136 -5.07 -15.72 47.51
N GLN B 137 -6.12 -15.33 46.81
CA GLN B 137 -6.72 -16.25 45.86
C GLN B 137 -5.79 -16.50 44.68
N ALA B 138 -4.95 -15.50 44.35
CA ALA B 138 -3.93 -15.70 43.31
C ALA B 138 -2.90 -16.74 43.74
N PHE B 139 -2.53 -16.72 45.02
CA PHE B 139 -1.60 -17.72 45.54
C PHE B 139 -2.20 -19.12 45.45
N GLU B 140 -3.45 -19.27 45.88
CA GLU B 140 -4.11 -20.56 45.90
C GLU B 140 -4.31 -21.15 44.50
N ASN B 141 -4.18 -20.33 43.46
CA ASN B 141 -4.35 -20.79 42.09
C ASN B 141 -3.08 -21.37 41.48
N ILE B 142 -1.92 -21.09 42.08
CA ILE B 142 -0.68 -21.67 41.59
C ILE B 142 -0.70 -23.17 41.84
N GLU B 143 -0.32 -23.94 40.83
CA GLU B 143 -0.26 -25.38 40.97
C GLU B 143 0.84 -26.02 40.14
N ASP B 144 1.40 -25.32 39.17
CA ASP B 144 2.50 -25.90 38.39
C ASP B 144 3.87 -25.60 38.98
N ASP B 145 3.92 -24.85 40.08
CA ASP B 145 5.14 -24.58 40.82
C ASP B 145 4.99 -25.09 42.25
N ASN B 146 6.04 -25.66 42.80
CA ASN B 146 6.10 -25.82 44.24
C ASN B 146 6.14 -24.43 44.87
N LYS B 147 5.35 -24.23 45.92
CA LYS B 147 5.25 -22.92 46.55
C LYS B 147 5.31 -23.11 48.05
N LEU B 148 5.86 -22.09 48.73
CA LEU B 148 5.89 -22.03 50.18
C LEU B 148 5.16 -20.79 50.67
N ILE B 149 4.52 -20.93 51.83
CA ILE B 149 3.82 -19.81 52.45
C ILE B 149 4.10 -19.83 53.95
N GLY B 150 4.49 -18.68 54.48
CA GLY B 150 4.78 -18.56 55.90
C GLY B 150 4.04 -17.38 56.50
N TYR B 151 3.77 -17.49 57.80
CA TYR B 151 3.07 -16.47 58.55
C TYR B 151 4.00 -15.94 59.62
N PHE B 152 4.25 -14.63 59.58
CA PHE B 152 5.15 -13.98 60.53
C PHE B 152 4.50 -12.70 61.02
N LYS B 153 5.14 -12.07 62.02
CA LYS B 153 4.59 -10.85 62.59
C LYS B 153 4.81 -9.66 61.67
N ASN B 154 6.05 -9.47 61.23
CA ASN B 154 6.42 -8.36 60.37
C ASN B 154 7.75 -8.70 59.73
N LYS B 155 8.16 -7.88 58.77
CA LYS B 155 9.44 -8.09 58.10
C LYS B 155 10.61 -7.97 59.05
N ASP B 156 10.45 -7.31 60.20
CA ASP B 156 11.53 -7.20 61.17
C ASP B 156 11.70 -8.46 61.99
N SER B 157 10.80 -9.43 61.83
CA SER B 157 10.88 -10.69 62.57
C SER B 157 12.16 -11.46 62.22
N GLU B 158 12.75 -12.09 63.23
CA GLU B 158 13.93 -12.91 63.00
C GLU B 158 13.61 -14.09 62.10
N HIS B 159 12.46 -14.71 62.29
CA HIS B 159 12.08 -15.90 61.53
C HIS B 159 11.64 -15.59 60.11
N TYR B 160 11.27 -14.34 59.82
CA TYR B 160 10.98 -13.98 58.44
C TYR B 160 12.27 -13.77 57.66
N LYS B 161 13.26 -13.14 58.30
CA LYS B 161 14.55 -12.93 57.64
C LYS B 161 15.22 -14.26 57.31
N ALA B 162 15.12 -15.24 58.21
CA ALA B 162 15.59 -16.58 57.91
C ALA B 162 14.82 -17.18 56.74
N TYR B 163 13.51 -16.92 56.68
CA TYR B 163 12.69 -17.37 55.57
C TYR B 163 13.09 -16.70 54.26
N GLU B 164 13.43 -15.41 54.31
CA GLU B 164 13.86 -14.70 53.11
C GLU B 164 15.22 -15.18 52.64
N ASP B 165 16.14 -15.42 53.58
CA ASP B 165 17.45 -15.93 53.19
C ASP B 165 17.32 -17.27 52.48
N ALA B 166 16.40 -18.14 52.95
CA ALA B 166 16.19 -19.41 52.28
C ALA B 166 15.58 -19.23 50.91
N ALA B 167 14.74 -18.22 50.72
CA ALA B 167 14.11 -18.00 49.42
C ALA B 167 15.14 -17.69 48.35
N GLU B 168 16.27 -17.08 48.75
CA GLU B 168 17.30 -16.74 47.78
C GLU B 168 17.97 -17.97 47.21
N GLU B 169 18.01 -19.08 47.95
CA GLU B 169 18.65 -20.27 47.43
C GLU B 169 17.88 -20.88 46.27
N PHE B 170 16.59 -20.61 46.16
CA PHE B 170 15.74 -21.23 45.14
C PHE B 170 15.12 -20.20 44.21
N HIS B 171 15.58 -18.96 44.28
CA HIS B 171 15.04 -17.88 43.47
C HIS B 171 15.47 -18.02 42.03
N PRO B 172 14.55 -17.86 41.07
CA PRO B 172 13.11 -17.65 41.16
C PRO B 172 12.33 -18.93 40.87
N TYR B 173 13.03 -20.05 40.83
CA TYR B 173 12.38 -21.31 40.43
C TYR B 173 11.24 -21.69 41.38
N ILE B 174 11.43 -21.53 42.68
CA ILE B 174 10.43 -21.92 43.68
C ILE B 174 9.95 -20.66 44.39
N PRO B 175 8.70 -20.25 44.20
CA PRO B 175 8.23 -19.03 44.86
C PRO B 175 8.02 -19.19 46.35
N PHE B 176 8.48 -18.20 47.10
CA PHE B 176 8.32 -18.12 48.53
C PHE B 176 7.34 -16.98 48.82
N PHE B 177 6.23 -17.30 49.46
CA PHE B 177 5.22 -16.31 49.83
C PHE B 177 5.20 -16.14 51.34
N ALA B 178 4.79 -14.95 51.78
CA ALA B 178 4.68 -14.66 53.20
C ALA B 178 3.54 -13.69 53.43
N THR B 179 2.90 -13.82 54.59
CA THR B 179 1.83 -12.93 55.00
C THR B 179 2.08 -12.42 56.40
N PHE B 180 1.64 -11.19 56.64
CA PHE B 180 1.56 -10.65 57.99
C PHE B 180 0.11 -10.47 58.44
N ASP B 181 -0.85 -10.86 57.62
CA ASP B 181 -2.27 -10.65 57.91
C ASP B 181 -2.86 -11.88 58.60
N SER B 182 -3.31 -11.70 59.84
CA SER B 182 -3.87 -12.82 60.61
C SER B 182 -5.11 -13.41 59.94
N LYS B 183 -5.89 -12.60 59.24
CA LYS B 183 -7.04 -13.12 58.51
C LYS B 183 -6.59 -14.09 57.43
N VAL B 184 -5.57 -13.70 56.65
CA VAL B 184 -5.05 -14.59 55.62
C VAL B 184 -4.47 -15.85 56.24
N ALA B 185 -3.75 -15.71 57.37
CA ALA B 185 -3.18 -16.87 58.03
C ALA B 185 -4.26 -17.85 58.47
N LYS B 186 -5.40 -17.34 58.93
CA LYS B 186 -6.49 -18.23 59.36
C LYS B 186 -7.03 -19.05 58.20
N LYS B 187 -7.17 -18.44 57.02
CA LYS B 187 -7.67 -19.17 55.87
C LYS B 187 -6.73 -20.30 55.46
N LEU B 188 -5.44 -20.20 55.80
CA LEU B 188 -4.45 -21.20 55.44
C LEU B 188 -4.13 -22.17 56.56
N THR B 189 -4.78 -22.03 57.72
CA THR B 189 -4.54 -22.90 58.88
C THR B 189 -3.07 -22.82 59.30
N LEU B 190 -2.56 -21.60 59.38
CA LEU B 190 -1.15 -21.36 59.67
C LEU B 190 -1.04 -20.73 61.05
N LYS B 191 -0.34 -21.42 61.95
CA LYS B 191 0.08 -20.80 63.19
C LYS B 191 1.14 -19.75 62.89
N LEU B 192 1.54 -19.02 63.92
CA LEU B 192 2.57 -18.00 63.74
C LEU B 192 3.94 -18.66 63.58
N ASN B 193 4.70 -18.17 62.60
CA ASN B 193 6.01 -18.68 62.24
C ASN B 193 5.94 -20.08 61.64
N GLU B 194 4.75 -20.53 61.26
CA GLU B 194 4.58 -21.81 60.59
C GLU B 194 4.76 -21.61 59.08
N ILE B 195 5.27 -22.64 58.42
CA ILE B 195 5.52 -22.60 56.98
C ILE B 195 4.86 -23.83 56.37
N ASP B 196 4.00 -23.60 55.39
CA ASP B 196 3.37 -24.68 54.65
C ASP B 196 4.03 -24.79 53.28
N PHE B 197 4.22 -26.02 52.84
CA PHE B 197 4.83 -26.33 51.56
C PHE B 197 3.78 -27.04 50.71
N TYR B 198 3.42 -26.42 49.59
CA TYR B 198 2.43 -26.99 48.67
C TYR B 198 3.21 -27.61 47.52
N GLU B 199 3.30 -28.93 47.52
CA GLU B 199 3.86 -29.62 46.36
C GLU B 199 3.02 -29.31 45.13
N ALA B 200 3.67 -29.20 43.98
CA ALA B 200 2.97 -28.89 42.74
C ALA B 200 1.81 -29.87 42.52
N PHE B 201 0.69 -29.32 42.06
CA PHE B 201 -0.48 -30.11 41.67
C PHE B 201 -1.10 -30.87 42.84
N MET B 202 -0.89 -30.41 44.07
CA MET B 202 -1.40 -31.07 45.25
C MET B 202 -2.36 -30.15 45.98
N GLU B 203 -3.41 -30.75 46.53
CA GLU B 203 -4.44 -29.98 47.21
C GLU B 203 -3.96 -29.55 48.59
N GLU B 204 -3.44 -30.52 49.40
CA GLU B 204 -3.10 -30.31 50.79
C GLU B 204 -1.60 -30.05 50.94
N PRO B 205 -1.19 -29.12 51.79
CA PRO B 205 0.24 -28.85 51.96
C PRO B 205 0.90 -29.82 52.94
N VAL B 206 2.19 -29.60 53.15
CA VAL B 206 2.97 -30.27 54.18
C VAL B 206 3.60 -29.17 55.02
N THR B 207 3.37 -29.22 56.33
CA THR B 207 3.89 -28.19 57.22
C THR B 207 5.30 -28.57 57.64
N ILE B 208 6.19 -27.59 57.70
CA ILE B 208 7.56 -27.84 58.13
C ILE B 208 7.56 -28.03 59.65
N PRO B 209 8.02 -29.15 60.17
CA PRO B 209 7.95 -29.39 61.61
C PRO B 209 8.96 -28.57 62.38
N ASP B 210 8.79 -28.60 63.70
CA ASP B 210 9.74 -27.99 64.63
C ASP B 210 9.82 -26.48 64.41
N LYS B 211 8.66 -25.85 64.25
CA LYS B 211 8.64 -24.40 64.08
C LYS B 211 9.01 -23.76 65.42
N PRO B 212 9.64 -22.58 65.40
CA PRO B 212 10.09 -21.83 64.22
C PRO B 212 11.27 -22.49 63.53
N ASN B 213 11.44 -22.19 62.24
CA ASN B 213 12.44 -22.85 61.41
C ASN B 213 13.55 -21.87 61.06
N SER B 214 14.78 -22.39 60.99
CA SER B 214 15.92 -21.59 60.60
C SER B 214 16.13 -21.67 59.08
N GLU B 215 17.06 -20.84 58.59
CA GLU B 215 17.38 -20.86 57.17
C GLU B 215 17.73 -22.27 56.71
N GLU B 216 18.56 -22.97 57.48
CA GLU B 216 19.03 -24.29 57.04
C GLU B 216 17.90 -25.31 57.10
N GLU B 217 17.03 -25.23 58.11
CA GLU B 217 15.92 -26.17 58.20
C GLU B 217 15.01 -26.05 56.98
N ILE B 218 14.82 -24.82 56.49
CA ILE B 218 13.96 -24.60 55.33
C ILE B 218 14.64 -25.12 54.07
N VAL B 219 15.92 -24.78 53.87
CA VAL B 219 16.62 -25.19 52.66
C VAL B 219 16.61 -26.72 52.56
N SER B 220 16.90 -27.39 53.68
CA SER B 220 16.91 -28.85 53.69
C SER B 220 15.54 -29.39 53.33
N PHE B 221 14.49 -28.81 53.91
CA PHE B 221 13.14 -29.32 53.65
C PHE B 221 12.78 -29.18 52.18
N VAL B 222 13.08 -28.02 51.58
CA VAL B 222 12.79 -27.82 50.17
C VAL B 222 13.60 -28.78 49.32
N GLU B 223 14.89 -28.93 49.63
CA GLU B 223 15.73 -29.83 48.83
C GLU B 223 15.14 -31.23 48.78
N ALA B 224 14.56 -31.70 49.88
CA ALA B 224 14.02 -33.05 49.94
C ALA B 224 12.64 -33.15 49.31
N HIS B 225 12.00 -32.04 48.97
CA HIS B 225 10.66 -32.03 48.42
C HIS B 225 10.58 -31.39 47.05
N LYS B 226 11.71 -30.99 46.46
CA LYS B 226 11.68 -30.27 45.19
C LYS B 226 11.11 -31.12 44.07
N ARG B 227 11.34 -32.44 44.10
CA ARG B 227 10.86 -33.34 43.05
C ARG B 227 9.39 -33.67 43.28
N SER B 228 8.51 -32.86 42.72
CA SER B 228 7.10 -33.12 42.88
C SER B 228 6.73 -34.40 42.11
N THR B 229 5.71 -35.09 42.60
CA THR B 229 5.29 -36.34 41.97
C THR B 229 4.88 -36.10 40.53
N LEU B 230 4.25 -34.97 40.26
CA LEU B 230 3.95 -34.53 38.90
C LEU B 230 4.69 -33.24 38.60
N ARG B 231 5.40 -33.21 37.48
CA ARG B 231 6.20 -32.06 37.08
C ARG B 231 5.81 -31.58 35.69
N LYS B 232 5.75 -30.27 35.54
CA LYS B 232 5.56 -29.65 34.23
C LYS B 232 6.92 -29.32 33.63
N LEU B 233 7.10 -29.68 32.36
CA LEU B 233 8.29 -29.26 31.63
C LEU B 233 8.15 -27.78 31.30
N LYS B 234 8.91 -26.96 32.00
CA LYS B 234 8.91 -25.52 31.81
C LYS B 234 10.16 -25.09 31.03
N PRO B 235 10.07 -24.13 30.12
CA PRO B 235 11.27 -23.77 29.35
C PRO B 235 12.39 -23.20 30.21
N GLU B 236 12.07 -22.47 31.28
CA GLU B 236 13.12 -21.92 32.14
C GLU B 236 14.00 -22.99 32.77
N SER B 237 13.57 -24.26 32.79
CA SER B 237 14.34 -25.31 33.45
C SER B 237 14.16 -26.65 32.77
N MET B 238 13.85 -26.65 31.48
CA MET B 238 13.49 -27.90 30.83
C MET B 238 14.63 -28.90 30.92
N TYR B 239 15.88 -28.44 30.83
CA TYR B 239 17.00 -29.37 30.79
C TYR B 239 17.25 -29.98 32.16
N GLU B 240 17.18 -29.17 33.22
CA GLU B 240 17.31 -29.72 34.57
C GLU B 240 16.25 -30.79 34.84
N THR B 241 15.01 -30.51 34.46
CA THR B 241 13.95 -31.48 34.69
C THR B 241 14.20 -32.76 33.90
N TRP B 242 14.53 -32.64 32.62
CA TRP B 242 14.66 -33.83 31.79
C TRP B 242 15.84 -34.69 32.21
N GLU B 243 16.97 -34.07 32.57
CA GLU B 243 18.16 -34.82 32.97
C GLU B 243 18.00 -35.51 34.31
N ASP B 244 16.94 -35.18 35.06
CA ASP B 244 16.67 -35.80 36.35
C ASP B 244 15.82 -37.06 36.18
N ASP B 245 16.36 -37.99 35.40
CA ASP B 245 15.68 -39.25 35.15
C ASP B 245 15.59 -40.07 36.43
N LEU B 246 14.44 -40.71 36.64
CA LEU B 246 14.24 -41.51 37.84
C LEU B 246 15.17 -42.72 37.84
N ASP B 247 15.02 -43.58 36.83
CA ASP B 247 15.84 -44.77 36.69
C ASP B 247 16.20 -44.94 35.22
N GLY B 248 16.65 -43.86 34.59
CA GLY B 248 16.95 -43.91 33.17
C GLY B 248 15.72 -43.89 32.30
N ILE B 249 14.57 -43.51 32.85
CA ILE B 249 13.32 -43.46 32.08
C ILE B 249 12.48 -42.29 32.58
N HIS B 250 11.58 -41.82 31.71
CA HIS B 250 10.60 -40.79 32.08
C HIS B 250 9.21 -41.25 31.69
N ILE B 251 8.26 -40.99 32.57
CA ILE B 251 6.83 -41.07 32.23
C ILE B 251 6.45 -39.70 31.72
N VAL B 252 6.21 -39.59 30.42
CA VAL B 252 5.90 -38.32 29.77
C VAL B 252 4.42 -38.27 29.44
N ALA B 253 3.80 -37.13 29.73
CA ALA B 253 2.41 -36.89 29.37
C ALA B 253 2.32 -35.59 28.60
N PHE B 254 1.73 -35.65 27.41
CA PHE B 254 1.44 -34.48 26.60
C PHE B 254 -0.02 -34.09 26.81
N ALA B 255 -0.26 -32.82 27.10
CA ALA B 255 -1.63 -32.35 27.28
C ALA B 255 -1.66 -30.83 27.10
N GLU B 256 -2.46 -30.36 26.14
CA GLU B 256 -2.58 -28.93 25.91
C GLU B 256 -3.64 -28.37 26.85
N GLU B 257 -3.20 -27.50 27.77
CA GLU B 257 -4.08 -27.04 28.84
C GLU B 257 -5.33 -26.37 28.29
N THR B 258 -5.19 -25.50 27.29
CA THR B 258 -6.34 -24.76 26.79
C THR B 258 -7.33 -25.65 26.04
N ASP B 259 -6.90 -26.80 25.58
CA ASP B 259 -7.79 -27.66 24.83
C ASP B 259 -8.68 -28.47 25.80
N PRO B 260 -9.97 -28.63 25.50
CA PRO B 260 -10.83 -29.37 26.45
C PRO B 260 -10.37 -30.78 26.76
N ASP B 261 -10.03 -31.57 25.74
CA ASP B 261 -9.53 -32.92 26.00
C ASP B 261 -8.23 -32.87 26.80
N GLY B 262 -7.39 -31.87 26.55
CA GLY B 262 -6.14 -31.77 27.29
C GLY B 262 -6.35 -31.36 28.73
N TYR B 263 -7.34 -30.50 28.97
CA TYR B 263 -7.66 -30.11 30.35
C TYR B 263 -8.19 -31.29 31.14
N GLU B 264 -9.08 -32.10 30.55
CA GLU B 264 -9.60 -33.26 31.25
C GLU B 264 -8.48 -34.25 31.56
N PHE B 265 -7.66 -34.56 30.56
CA PHE B 265 -6.57 -35.51 30.77
C PHE B 265 -5.60 -34.99 31.84
N LEU B 266 -5.41 -33.67 31.89
CA LEU B 266 -4.59 -33.10 32.95
C LEU B 266 -5.25 -33.27 34.31
N GLU B 267 -6.57 -33.07 34.39
CA GLU B 267 -7.28 -33.30 35.65
C GLU B 267 -7.15 -34.75 36.10
N THR B 268 -7.20 -35.68 35.15
CA THR B 268 -6.92 -37.08 35.44
C THR B 268 -5.48 -37.26 35.92
N LEU B 269 -4.52 -36.60 35.23
CA LEU B 269 -3.13 -36.68 35.65
C LEU B 269 -2.97 -36.16 37.08
N LYS B 270 -3.59 -35.01 37.37
CA LYS B 270 -3.54 -34.47 38.73
C LYS B 270 -4.06 -35.49 39.74
N ALA B 271 -5.11 -36.22 39.38
CA ALA B 271 -5.67 -37.20 40.30
C ALA B 271 -4.71 -38.36 40.53
N VAL B 272 -4.18 -38.93 39.45
CA VAL B 272 -3.21 -40.01 39.55
C VAL B 272 -2.03 -39.59 40.42
N ALA B 273 -1.56 -38.36 40.24
CA ALA B 273 -0.41 -37.89 41.01
C ALA B 273 -0.76 -37.76 42.49
N GLN B 274 -1.96 -37.27 42.80
CA GLN B 274 -2.37 -37.11 44.19
C GLN B 274 -2.56 -38.46 44.87
N ASP B 275 -3.01 -39.48 44.12
CA ASP B 275 -3.23 -40.79 44.70
C ASP B 275 -1.94 -41.52 45.00
N ASN B 276 -0.83 -41.12 44.37
CA ASN B 276 0.45 -41.78 44.56
C ASN B 276 1.53 -40.78 44.97
N THR B 277 1.16 -39.67 45.59
CA THR B 277 2.15 -38.63 45.87
C THR B 277 3.20 -39.09 46.87
N ASP B 278 2.93 -40.17 47.61
CA ASP B 278 3.85 -40.68 48.60
C ASP B 278 4.83 -41.71 48.02
N ASN B 279 4.68 -42.07 46.76
CA ASN B 279 5.62 -42.96 46.08
C ASN B 279 6.92 -42.20 45.79
N PRO B 280 8.05 -42.56 46.39
CA PRO B 280 9.27 -41.77 46.16
C PRO B 280 9.87 -41.94 44.78
N ASP B 281 9.43 -42.93 43.99
CA ASP B 281 10.02 -43.20 42.68
C ASP B 281 9.20 -42.61 41.53
N LEU B 282 7.91 -42.39 41.73
CA LEU B 282 7.04 -41.92 40.66
C LEU B 282 7.27 -40.45 40.43
N SER B 283 7.65 -40.09 39.21
CA SER B 283 7.74 -38.68 38.82
C SER B 283 7.33 -38.57 37.36
N ILE B 284 6.17 -37.97 37.11
CA ILE B 284 5.63 -37.80 35.76
C ILE B 284 5.96 -36.41 35.23
N ILE B 285 6.43 -36.34 34.00
CA ILE B 285 6.67 -35.07 33.32
C ILE B 285 5.46 -34.75 32.44
N TRP B 286 4.82 -33.62 32.70
CA TRP B 286 3.77 -33.09 31.84
C TRP B 286 4.37 -32.05 30.89
N ILE B 287 4.15 -32.24 29.60
CA ILE B 287 4.59 -31.31 28.57
C ILE B 287 3.36 -30.69 27.91
N ASP B 288 3.25 -29.37 27.99
CA ASP B 288 2.19 -28.67 27.26
C ASP B 288 2.72 -28.31 25.88
N PRO B 289 2.26 -28.96 24.81
CA PRO B 289 2.87 -28.69 23.48
C PRO B 289 2.82 -27.23 23.08
N ASP B 290 1.87 -26.45 23.61
CA ASP B 290 1.85 -25.02 23.31
C ASP B 290 3.09 -24.31 23.79
N ASP B 291 3.80 -24.86 24.78
CA ASP B 291 4.97 -24.19 25.31
C ASP B 291 6.22 -24.41 24.43
N PHE B 292 6.20 -25.40 23.54
CA PHE B 292 7.37 -25.77 22.75
C PHE B 292 6.96 -25.97 21.30
N PRO B 293 6.48 -24.92 20.63
CA PRO B 293 5.98 -25.08 19.27
C PRO B 293 7.03 -25.57 18.28
N LEU B 294 8.31 -25.29 18.51
CA LEU B 294 9.36 -25.72 17.58
C LEU B 294 9.71 -27.20 17.71
N LEU B 295 9.32 -27.85 18.82
CA LEU B 295 9.61 -29.26 19.04
C LEU B 295 8.45 -30.17 18.68
N VAL B 296 7.27 -29.62 18.39
CA VAL B 296 6.12 -30.46 18.08
C VAL B 296 6.41 -31.38 16.90
N PRO B 297 6.92 -30.90 15.76
CA PRO B 297 7.17 -31.84 14.65
C PRO B 297 8.17 -32.92 15.00
N TYR B 298 9.24 -32.56 15.75
CA TYR B 298 10.22 -33.55 16.19
C TYR B 298 9.58 -34.59 17.10
N TRP B 299 8.69 -34.15 18.00
CA TRP B 299 8.04 -35.08 18.91
C TRP B 299 7.09 -36.01 18.18
N GLU B 300 6.27 -35.47 17.28
CA GLU B 300 5.35 -36.33 16.54
C GLU B 300 6.11 -37.35 15.71
N LYS B 301 7.26 -36.97 15.18
CA LYS B 301 8.04 -37.87 14.33
C LYS B 301 8.74 -38.95 15.15
N THR B 302 9.36 -38.56 16.26
CA THR B 302 10.11 -39.50 17.10
C THR B 302 9.18 -40.49 17.79
N PHE B 303 8.12 -40.01 18.40
CA PHE B 303 7.22 -40.81 19.22
C PHE B 303 6.05 -41.38 18.43
N ASN B 304 5.90 -41.00 17.16
CA ASN B 304 4.81 -41.49 16.33
C ASN B 304 3.46 -41.29 17.02
N ILE B 305 3.25 -40.06 17.52
CA ILE B 305 2.01 -39.68 18.19
C ILE B 305 1.52 -38.37 17.56
N ASP B 306 0.26 -38.07 17.80
CA ASP B 306 -0.38 -36.86 17.31
C ASP B 306 -0.65 -35.93 18.49
N LEU B 307 0.14 -34.87 18.61
CA LEU B 307 0.03 -33.98 19.77
C LEU B 307 -1.17 -33.06 19.69
N SER B 308 -2.09 -33.29 18.76
CA SER B 308 -3.38 -32.62 18.83
C SER B 308 -4.34 -33.35 19.77
N ALA B 309 -4.01 -34.58 20.15
CA ALA B 309 -4.73 -35.35 21.15
C ALA B 309 -3.82 -35.61 22.35
N PRO B 310 -4.39 -35.76 23.55
CA PRO B 310 -3.55 -36.04 24.73
C PRO B 310 -2.80 -37.35 24.57
N GLN B 311 -1.63 -37.41 25.20
CA GLN B 311 -0.81 -38.62 25.14
C GLN B 311 -0.17 -38.87 26.49
N ILE B 312 0.23 -40.12 26.71
CA ILE B 312 1.01 -40.51 27.88
C ILE B 312 1.82 -41.74 27.50
N GLY B 313 3.07 -41.77 27.95
CA GLY B 313 3.94 -42.87 27.57
C GLY B 313 5.19 -42.89 28.42
N VAL B 314 6.07 -43.83 28.09
CA VAL B 314 7.34 -44.02 28.77
C VAL B 314 8.46 -43.85 27.77
N VAL B 315 9.46 -43.06 28.12
CA VAL B 315 10.56 -42.72 27.22
C VAL B 315 11.87 -43.14 27.84
N ASN B 316 12.66 -43.88 27.07
CA ASN B 316 14.04 -44.21 27.43
C ASN B 316 14.89 -42.99 27.11
N VAL B 317 15.52 -42.42 28.13
CA VAL B 317 16.23 -41.14 27.97
C VAL B 317 17.54 -41.31 27.21
N THR B 318 17.90 -42.55 26.87
CA THR B 318 19.19 -42.81 26.23
C THR B 318 19.11 -42.77 24.72
N ASP B 319 18.05 -43.34 24.12
CA ASP B 319 17.92 -43.40 22.67
C ASP B 319 16.60 -42.80 22.19
N ALA B 320 15.83 -42.17 23.08
CA ALA B 320 14.52 -41.62 22.75
C ALA B 320 13.53 -42.70 22.33
N ASP B 321 13.81 -43.95 22.67
CA ASP B 321 12.83 -45.00 22.44
C ASP B 321 11.67 -44.82 23.41
N SER B 322 10.48 -45.20 22.97
CA SER B 322 9.29 -44.82 23.72
C SER B 322 8.18 -45.84 23.52
N VAL B 323 7.24 -45.85 24.46
CA VAL B 323 5.99 -46.59 24.33
C VAL B 323 4.86 -45.64 24.74
N TRP B 324 3.75 -45.69 24.02
CA TRP B 324 2.65 -44.75 24.22
C TRP B 324 1.32 -45.48 24.32
N MET B 325 0.52 -45.06 25.29
CA MET B 325 -0.81 -45.63 25.49
C MET B 325 -1.72 -45.24 24.33
N GLU B 326 -2.21 -46.24 23.60
CA GLU B 326 -3.13 -45.97 22.51
C GLU B 326 -4.50 -45.63 23.08
N MET B 327 -5.10 -44.55 22.55
CA MET B 327 -6.43 -44.12 22.95
C MET B 327 -7.28 -43.96 21.70
N ASP B 328 -8.54 -44.34 21.79
CA ASP B 328 -9.45 -44.22 20.66
C ASP B 328 -9.91 -42.77 20.54
N ASP B 329 -9.85 -42.25 19.31
CA ASP B 329 -10.23 -40.86 19.07
C ASP B 329 -11.73 -40.63 19.17
N GLU B 330 -12.53 -41.69 19.27
CA GLU B 330 -13.98 -41.58 19.37
C GLU B 330 -14.51 -41.95 20.74
N GLU B 331 -13.84 -42.85 21.46
CA GLU B 331 -14.24 -43.22 22.80
C GLU B 331 -13.78 -42.15 23.80
N ASP B 332 -14.34 -42.21 25.01
CA ASP B 332 -14.00 -41.25 26.05
C ASP B 332 -12.55 -41.42 26.49
N LEU B 333 -12.01 -40.37 27.10
CA LEU B 333 -10.63 -40.41 27.53
C LEU B 333 -10.44 -41.38 28.68
N PRO B 334 -9.25 -41.98 28.81
CA PRO B 334 -9.01 -42.91 29.90
C PRO B 334 -9.17 -42.25 31.26
N SER B 335 -9.58 -43.05 32.25
CA SER B 335 -9.76 -42.56 33.60
C SER B 335 -8.47 -42.73 34.40
N ALA B 336 -8.48 -42.22 35.63
CA ALA B 336 -7.29 -42.35 36.48
C ALA B 336 -6.93 -43.80 36.69
N GLU B 337 -7.95 -44.65 36.93
CA GLU B 337 -7.71 -46.07 37.12
C GLU B 337 -7.12 -46.70 35.87
N GLU B 338 -7.67 -46.35 34.70
CA GLU B 338 -7.16 -46.90 33.44
C GLU B 338 -5.70 -46.50 33.24
N LEU B 339 -5.35 -45.27 33.61
CA LEU B 339 -3.95 -44.84 33.53
C LEU B 339 -3.08 -45.60 34.52
N GLU B 340 -3.51 -45.69 35.78
CA GLU B 340 -2.78 -46.50 36.74
C GLU B 340 -2.66 -47.93 36.24
N ASP B 341 -3.68 -48.41 35.52
CA ASP B 341 -3.64 -49.76 34.99
C ASP B 341 -2.68 -49.87 33.81
N TRP B 342 -2.48 -48.77 33.04
CA TRP B 342 -1.55 -48.85 31.90
C TRP B 342 -0.09 -48.67 32.30
N LEU B 343 0.22 -47.80 33.27
CA LEU B 343 1.62 -47.61 33.65
C LEU B 343 2.18 -48.82 34.40
N GLU B 344 1.48 -49.27 35.45
CA GLU B 344 1.98 -50.41 36.22
C GLU B 344 2.15 -51.63 35.32
N ASP B 345 1.33 -51.73 34.28
CA ASP B 345 1.39 -52.86 33.36
C ASP B 345 2.66 -52.82 32.52
N VAL B 346 2.94 -51.66 31.90
CA VAL B 346 4.11 -51.54 31.04
C VAL B 346 5.41 -51.59 31.85
N LEU B 347 5.36 -51.17 33.12
CA LEU B 347 6.56 -51.14 33.94
C LEU B 347 6.86 -52.50 34.58
N GLU B 348 5.85 -53.33 34.81
CA GLU B 348 6.08 -54.63 35.42
C GLU B 348 6.82 -55.54 34.47
N LEU C 4 -24.95 19.53 -39.70
CA LEU C 4 -24.70 18.38 -38.85
C LEU C 4 -23.91 18.77 -37.61
N ASP C 5 -24.38 18.31 -36.45
CA ASP C 5 -23.76 18.66 -35.18
C ASP C 5 -22.57 17.76 -34.90
N PHE C 6 -21.62 18.31 -34.15
CA PHE C 6 -20.54 17.50 -33.62
C PHE C 6 -21.11 16.46 -32.67
N PRO C 7 -20.40 15.34 -32.47
CA PRO C 7 -20.86 14.35 -31.50
C PRO C 7 -20.99 14.96 -30.10
N GLU C 8 -21.85 14.34 -29.30
CA GLU C 8 -22.08 14.82 -27.94
C GLU C 8 -22.35 13.64 -27.02
N TYR C 9 -22.20 13.89 -25.71
CA TYR C 9 -22.61 12.91 -24.72
C TYR C 9 -24.11 12.69 -24.85
N ASP C 10 -24.50 11.41 -25.00
CA ASP C 10 -25.90 11.07 -25.24
C ASP C 10 -26.69 10.77 -23.98
N GLY C 11 -26.05 10.73 -22.81
CA GLY C 11 -26.77 10.49 -21.57
C GLY C 11 -27.12 9.06 -21.28
N VAL C 12 -26.71 8.13 -22.14
CA VAL C 12 -26.96 6.70 -21.90
C VAL C 12 -25.94 6.17 -20.89
N ASP C 13 -26.43 5.35 -19.97
CA ASP C 13 -25.55 4.74 -18.98
C ASP C 13 -24.92 3.49 -19.56
N ARG C 14 -23.58 3.43 -19.48
CA ARG C 14 -22.80 2.29 -19.97
C ARG C 14 -21.87 1.71 -18.93
N VAL C 15 -21.62 2.42 -17.83
CA VAL C 15 -20.77 1.89 -16.76
C VAL C 15 -21.54 0.78 -16.05
N VAL C 16 -21.01 -0.44 -16.11
CA VAL C 16 -21.65 -1.58 -15.49
C VAL C 16 -21.53 -1.48 -13.97
N ASN C 17 -22.62 -1.76 -13.27
CA ASN C 17 -22.57 -1.90 -11.82
C ASN C 17 -22.13 -3.33 -11.52
N VAL C 18 -20.83 -3.49 -11.30
CA VAL C 18 -20.22 -4.81 -11.17
C VAL C 18 -20.54 -5.39 -9.80
N ASN C 19 -21.05 -6.63 -9.81
CA ASN C 19 -21.39 -7.35 -8.59
C ASN C 19 -20.98 -8.79 -8.76
N ALA C 20 -21.25 -9.60 -7.73
CA ALA C 20 -20.76 -10.97 -7.71
C ALA C 20 -21.39 -11.82 -8.82
N LYS C 21 -22.57 -11.46 -9.29
CA LYS C 21 -23.29 -12.31 -10.24
C LYS C 21 -22.93 -12.04 -11.69
N ASN C 22 -22.43 -10.85 -12.01
CA ASN C 22 -22.14 -10.50 -13.39
C ASN C 22 -20.66 -10.32 -13.68
N TYR C 23 -19.79 -10.29 -12.67
CA TYR C 23 -18.41 -9.90 -12.93
C TYR C 23 -17.72 -10.91 -13.85
N LYS C 24 -18.16 -12.16 -13.84
CA LYS C 24 -17.54 -13.15 -14.70
C LYS C 24 -17.91 -12.92 -16.16
N ASN C 25 -19.17 -12.54 -16.41
CA ASN C 25 -19.61 -12.22 -17.77
C ASN C 25 -18.96 -10.95 -18.28
N VAL C 26 -18.78 -9.96 -17.41
CA VAL C 26 -18.20 -8.70 -17.83
C VAL C 26 -16.81 -8.92 -18.39
N PHE C 27 -15.96 -9.61 -17.62
CA PHE C 27 -14.59 -9.86 -18.08
C PHE C 27 -14.58 -10.62 -19.39
N LYS C 28 -15.58 -11.47 -19.61
CA LYS C 28 -15.67 -12.23 -20.85
C LYS C 28 -16.17 -11.35 -21.99
N LYS C 29 -17.09 -10.43 -21.70
CA LYS C 29 -17.68 -9.60 -22.75
C LYS C 29 -16.66 -8.65 -23.36
N TYR C 30 -15.85 -8.00 -22.52
CA TYR C 30 -14.99 -6.93 -22.98
C TYR C 30 -13.55 -7.40 -23.11
N GLU C 31 -12.89 -6.92 -24.16
CA GLU C 31 -11.47 -7.21 -24.37
C GLU C 31 -10.62 -6.47 -23.35
N VAL C 32 -10.89 -5.18 -23.18
CA VAL C 32 -10.22 -4.33 -22.19
C VAL C 32 -11.27 -3.83 -21.24
N LEU C 33 -11.01 -3.98 -19.93
CA LEU C 33 -11.95 -3.62 -18.89
C LEU C 33 -11.27 -2.68 -17.92
N ALA C 34 -11.91 -1.54 -17.64
CA ALA C 34 -11.44 -0.61 -16.62
C ALA C 34 -12.43 -0.63 -15.47
N LEU C 35 -11.93 -0.92 -14.27
CA LEU C 35 -12.77 -1.03 -13.08
C LEU C 35 -12.35 0.01 -12.06
N LEU C 36 -13.33 0.78 -11.59
CA LEU C 36 -13.11 1.74 -10.52
C LEU C 36 -13.43 1.07 -9.19
N TYR C 37 -12.40 0.74 -8.41
CA TYR C 37 -12.59 0.26 -7.05
C TYR C 37 -12.75 1.47 -6.13
N HIS C 38 -13.95 1.64 -5.56
CA HIS C 38 -14.30 2.85 -4.83
C HIS C 38 -14.93 2.52 -3.50
N GLU C 39 -14.69 3.39 -2.52
CA GLU C 39 -15.34 3.24 -1.24
C GLU C 39 -16.80 3.67 -1.37
N PRO C 40 -17.68 3.15 -0.52
CA PRO C 40 -19.08 3.53 -0.62
C PRO C 40 -19.24 5.02 -0.45
N PRO C 41 -20.06 5.66 -1.27
CA PRO C 41 -20.17 7.12 -1.20
C PRO C 41 -20.81 7.57 0.11
N GLU C 42 -20.13 8.48 0.79
CA GLU C 42 -20.71 9.12 1.97
C GLU C 42 -22.02 9.82 1.60
N ASP C 43 -22.77 10.21 2.62
CA ASP C 43 -24.11 10.75 2.43
C ASP C 43 -24.15 12.26 2.26
N ASP C 44 -23.11 12.97 2.68
CA ASP C 44 -23.13 14.42 2.59
C ASP C 44 -23.20 14.85 1.13
N LYS C 45 -23.59 16.11 0.93
CA LYS C 45 -23.87 16.61 -0.40
C LYS C 45 -22.59 16.69 -1.24
N ALA C 46 -21.53 17.24 -0.67
CA ALA C 46 -20.29 17.42 -1.43
C ALA C 46 -19.75 16.07 -1.89
N SER C 47 -19.69 15.10 -0.98
CA SER C 47 -19.20 13.78 -1.36
C SER C 47 -20.07 13.19 -2.46
N GLN C 48 -21.39 13.43 -2.40
CA GLN C 48 -22.28 12.91 -3.43
C GLN C 48 -22.01 13.54 -4.77
N ARG C 49 -21.59 14.82 -4.77
CA ARG C 49 -21.22 15.48 -6.02
C ARG C 49 -19.92 14.92 -6.56
N GLN C 50 -18.93 14.73 -5.68
CA GLN C 50 -17.67 14.15 -6.11
C GLN C 50 -17.89 12.79 -6.74
N PHE C 51 -18.68 11.94 -6.08
CA PHE C 51 -18.95 10.63 -6.64
C PHE C 51 -19.66 10.75 -7.98
N GLU C 52 -20.58 11.71 -8.07
CA GLU C 52 -21.34 11.94 -9.30
C GLU C 52 -20.43 12.40 -10.43
N MET C 53 -19.54 13.34 -10.14
CA MET C 53 -18.55 13.76 -11.13
C MET C 53 -17.76 12.57 -11.67
N ASP C 54 -17.25 11.72 -10.77
CA ASP C 54 -16.40 10.63 -11.21
C ASP C 54 -17.16 9.59 -12.03
N GLU C 55 -18.42 9.35 -11.72
CA GLU C 55 -19.18 8.39 -12.51
C GLU C 55 -19.36 8.88 -13.94
N LEU C 56 -19.68 10.16 -14.11
CA LEU C 56 -19.93 10.70 -15.45
C LEU C 56 -18.67 10.68 -16.31
N ILE C 57 -17.50 10.90 -15.70
CA ILE C 57 -16.25 10.82 -16.46
C ILE C 57 -16.09 9.44 -17.07
N LEU C 58 -16.44 8.40 -16.31
CA LEU C 58 -16.42 7.06 -16.87
C LEU C 58 -17.45 6.90 -17.98
N GLU C 59 -18.65 7.45 -17.77
CA GLU C 59 -19.69 7.34 -18.78
C GLU C 59 -19.25 7.94 -20.11
N LEU C 60 -18.58 9.10 -20.05
CA LEU C 60 -18.13 9.75 -21.27
C LEU C 60 -17.08 8.91 -21.98
N ALA C 61 -16.14 8.34 -21.22
CA ALA C 61 -15.14 7.46 -21.80
C ALA C 61 -15.76 6.20 -22.39
N ALA C 62 -16.77 5.65 -21.71
CA ALA C 62 -17.41 4.43 -22.20
C ALA C 62 -18.09 4.65 -23.53
N GLN C 63 -18.72 5.82 -23.71
CA GLN C 63 -19.37 6.12 -24.99
C GLN C 63 -18.34 6.19 -26.10
N VAL C 64 -17.22 6.86 -25.83
CA VAL C 64 -16.19 7.01 -26.84
C VAL C 64 -15.63 5.66 -27.26
N LEU C 65 -15.36 4.79 -26.30
CA LEU C 65 -14.67 3.54 -26.57
C LEU C 65 -15.63 2.36 -26.66
N GLU C 66 -16.92 2.64 -26.85
CA GLU C 66 -17.87 1.54 -27.00
C GLU C 66 -17.54 0.68 -28.21
N ASP C 67 -17.24 1.32 -29.35
CA ASP C 67 -17.06 0.57 -30.59
C ASP C 67 -15.80 -0.27 -30.57
N LYS C 68 -14.80 0.13 -29.79
CA LYS C 68 -13.55 -0.62 -29.70
C LYS C 68 -13.58 -1.68 -28.60
N GLY C 69 -14.73 -1.91 -27.99
CA GLY C 69 -14.88 -3.02 -27.07
C GLY C 69 -14.24 -2.78 -25.73
N VAL C 70 -14.19 -1.54 -25.25
CA VAL C 70 -13.62 -1.23 -23.95
C VAL C 70 -14.78 -0.94 -23.03
N GLY C 71 -14.93 -1.78 -22.00
CA GLY C 71 -15.98 -1.62 -21.03
C GLY C 71 -15.49 -0.94 -19.77
N PHE C 72 -16.43 -0.41 -19.01
CA PHE C 72 -16.13 0.32 -17.79
C PHE C 72 -17.08 -0.12 -16.70
N GLY C 73 -16.54 -0.44 -15.53
CA GLY C 73 -17.36 -0.90 -14.42
C GLY C 73 -16.91 -0.25 -13.12
N MET C 74 -17.79 -0.31 -12.13
CA MET C 74 -17.51 0.15 -10.78
C MET C 74 -17.68 -0.98 -9.79
N VAL C 75 -16.75 -1.07 -8.83
CA VAL C 75 -16.76 -2.11 -7.81
C VAL C 75 -16.74 -1.42 -6.45
N ASP C 76 -17.80 -1.63 -5.68
CA ASP C 76 -17.95 -1.02 -4.37
C ASP C 76 -17.21 -1.85 -3.31
N SER C 77 -16.43 -1.17 -2.47
CA SER C 77 -15.52 -1.87 -1.55
C SER C 77 -16.24 -2.67 -0.46
N GLU C 78 -17.49 -2.35 -0.15
CA GLU C 78 -18.25 -3.12 0.84
C GLU C 78 -19.30 -4.01 0.19
N LYS C 79 -20.16 -3.45 -0.66
CA LYS C 79 -21.20 -4.26 -1.29
C LYS C 79 -20.60 -5.34 -2.17
N ASP C 80 -19.49 -5.05 -2.83
CA ASP C 80 -18.83 -6.00 -3.72
C ASP C 80 -17.50 -6.48 -3.15
N ALA C 81 -17.42 -6.59 -1.82
CA ALA C 81 -16.16 -6.93 -1.17
C ALA C 81 -15.59 -8.25 -1.66
N ALA C 82 -16.46 -9.22 -1.97
CA ALA C 82 -15.98 -10.50 -2.48
C ALA C 82 -15.37 -10.35 -3.86
N VAL C 83 -15.95 -9.49 -4.70
CA VAL C 83 -15.40 -9.31 -6.04
C VAL C 83 -14.04 -8.63 -5.96
N ALA C 84 -13.91 -7.63 -5.09
CA ALA C 84 -12.61 -7.02 -4.89
C ALA C 84 -11.57 -8.06 -4.47
N LYS C 85 -11.95 -8.98 -3.58
CA LYS C 85 -11.00 -10.00 -3.16
C LYS C 85 -10.62 -10.91 -4.31
N LYS C 86 -11.60 -11.41 -5.06
CA LYS C 86 -11.27 -12.35 -6.12
C LYS C 86 -10.42 -11.70 -7.21
N LEU C 87 -10.60 -10.39 -7.44
CA LEU C 87 -9.88 -9.70 -8.51
C LEU C 87 -8.58 -9.05 -8.03
N GLY C 88 -8.41 -8.84 -6.73
CA GLY C 88 -7.19 -8.27 -6.19
C GLY C 88 -7.18 -6.75 -6.13
N LEU C 89 -8.33 -6.14 -5.83
CA LEU C 89 -8.46 -4.69 -5.78
C LEU C 89 -8.23 -4.20 -4.35
N THR C 90 -7.06 -3.60 -4.12
CA THR C 90 -6.62 -3.15 -2.80
C THR C 90 -6.62 -1.63 -2.66
N GLU C 91 -6.10 -0.92 -3.65
CA GLU C 91 -5.95 0.53 -3.57
C GLU C 91 -7.32 1.19 -3.70
N GLU C 92 -7.79 1.77 -2.61
CA GLU C 92 -9.13 2.35 -2.62
C GLU C 92 -9.17 3.61 -3.47
N ASP C 93 -10.32 3.82 -4.12
CA ASP C 93 -10.56 4.99 -4.97
C ASP C 93 -9.53 5.11 -6.09
N SER C 94 -9.36 4.02 -6.84
CA SER C 94 -8.41 4.00 -7.95
C SER C 94 -8.88 3.03 -9.03
N VAL C 95 -8.29 3.15 -10.22
CA VAL C 95 -8.75 2.42 -11.40
C VAL C 95 -7.78 1.30 -11.70
N TYR C 96 -8.34 0.13 -12.00
CA TYR C 96 -7.57 -1.05 -12.41
C TYR C 96 -8.01 -1.41 -13.83
N VAL C 97 -7.04 -1.65 -14.70
CA VAL C 97 -7.30 -1.96 -16.10
C VAL C 97 -6.89 -3.39 -16.37
N PHE C 98 -7.79 -4.16 -16.95
CA PHE C 98 -7.55 -5.57 -17.25
C PHE C 98 -7.49 -5.76 -18.75
N LYS C 99 -6.36 -6.28 -19.24
CA LYS C 99 -6.22 -6.70 -20.64
C LYS C 99 -5.77 -8.15 -20.62
N GLY C 100 -6.71 -9.07 -20.90
CA GLY C 100 -6.41 -10.48 -20.88
C GLY C 100 -5.79 -10.97 -19.59
N ASP C 101 -4.50 -11.29 -19.65
CA ASP C 101 -3.77 -11.86 -18.52
C ASP C 101 -3.23 -10.81 -17.58
N GLU C 102 -2.68 -9.72 -18.11
CA GLU C 102 -2.07 -8.70 -17.28
C GLU C 102 -3.14 -7.85 -16.60
N VAL C 103 -2.71 -7.16 -15.54
CA VAL C 103 -3.54 -6.20 -14.82
C VAL C 103 -2.72 -4.94 -14.63
N ILE C 104 -3.33 -3.79 -14.90
CA ILE C 104 -2.62 -2.51 -14.84
C ILE C 104 -3.27 -1.67 -13.75
N GLU C 105 -2.45 -1.21 -12.81
CA GLU C 105 -2.93 -0.42 -11.68
C GLU C 105 -2.76 1.05 -12.03
N TYR C 106 -3.77 1.63 -12.67
CA TYR C 106 -3.70 3.00 -13.16
C TYR C 106 -3.39 3.96 -12.03
N ASP C 107 -2.55 4.96 -12.32
CA ASP C 107 -2.17 5.95 -11.31
C ASP C 107 -1.98 7.32 -11.96
N GLY C 108 -2.88 7.68 -12.89
CA GLY C 108 -2.79 8.94 -13.61
C GLY C 108 -3.97 9.85 -13.41
N GLU C 109 -4.01 10.95 -14.16
CA GLU C 109 -5.11 11.90 -14.05
C GLU C 109 -6.44 11.21 -14.31
N PHE C 110 -7.44 11.54 -13.49
CA PHE C 110 -8.76 10.95 -13.61
C PHE C 110 -9.64 11.91 -14.41
N SER C 111 -9.43 11.90 -15.73
CA SER C 111 -10.19 12.72 -16.65
C SER C 111 -10.56 11.89 -17.86
N ALA C 112 -11.59 12.33 -18.57
CA ALA C 112 -12.02 11.60 -19.75
C ALA C 112 -10.94 11.60 -20.83
N ASP C 113 -10.29 12.75 -21.05
CA ASP C 113 -9.23 12.83 -22.06
C ASP C 113 -8.14 11.81 -21.78
N THR C 114 -7.59 11.84 -20.57
CA THR C 114 -6.43 11.00 -20.28
C THR C 114 -6.80 9.52 -20.27
N LEU C 115 -7.98 9.18 -19.73
CA LEU C 115 -8.39 7.78 -19.68
C LEU C 115 -8.55 7.20 -21.08
N VAL C 116 -9.19 7.94 -21.98
CA VAL C 116 -9.38 7.45 -23.35
C VAL C 116 -8.04 7.32 -24.06
N GLU C 117 -7.16 8.32 -23.90
CA GLU C 117 -5.81 8.20 -24.44
C GLU C 117 -5.11 6.96 -23.91
N PHE C 118 -5.16 6.76 -22.59
CA PHE C 118 -4.45 5.64 -21.99
C PHE C 118 -5.02 4.31 -22.45
N LEU C 119 -6.35 4.17 -22.45
CA LEU C 119 -6.94 2.90 -22.83
C LEU C 119 -6.72 2.59 -24.30
N LEU C 120 -6.70 3.61 -25.15
CA LEU C 120 -6.37 3.38 -26.55
C LEU C 120 -4.94 2.90 -26.68
N ASP C 121 -4.03 3.42 -25.86
CA ASP C 121 -2.67 2.90 -25.87
C ASP C 121 -2.63 1.48 -25.33
N VAL C 122 -3.52 1.14 -24.40
CA VAL C 122 -3.57 -0.22 -23.87
C VAL C 122 -4.01 -1.20 -24.96
N LEU C 123 -4.97 -0.79 -25.79
CA LEU C 123 -5.46 -1.66 -26.86
C LEU C 123 -4.35 -2.02 -27.84
N GLU C 124 -3.37 -1.15 -28.00
CA GLU C 124 -2.25 -1.40 -28.91
C GLU C 124 -1.40 -2.55 -28.38
N ASP C 125 -0.77 -3.27 -29.32
CA ASP C 125 0.11 -4.38 -28.94
C ASP C 125 1.31 -3.86 -28.14
N PRO C 126 1.88 -4.71 -27.27
CA PRO C 126 2.98 -4.23 -26.42
C PRO C 126 4.23 -3.86 -27.20
N VAL C 127 4.50 -4.50 -28.33
CA VAL C 127 5.68 -4.20 -29.14
C VAL C 127 5.27 -3.52 -30.44
N GLU C 128 5.88 -2.38 -30.73
CA GLU C 128 5.66 -1.70 -31.99
C GLU C 128 6.84 -1.98 -32.91
N LEU C 129 6.54 -2.38 -34.14
CA LEU C 129 7.58 -2.74 -35.09
C LEU C 129 8.08 -1.51 -35.86
N ILE C 130 9.31 -1.63 -36.35
CA ILE C 130 9.92 -0.61 -37.18
C ILE C 130 10.38 -1.28 -38.46
N GLU C 131 9.89 -0.78 -39.59
CA GLU C 131 10.25 -1.35 -40.89
C GLU C 131 10.94 -0.32 -41.77
N GLY C 132 10.22 0.67 -42.28
CA GLY C 132 10.81 1.65 -43.17
C GLY C 132 11.73 2.61 -42.44
N GLU C 133 12.32 3.53 -43.22
CA GLU C 133 13.12 4.60 -42.63
C GLU C 133 12.22 5.61 -41.93
N ARG C 134 10.97 5.72 -42.36
CA ARG C 134 10.04 6.67 -41.77
C ARG C 134 9.62 6.20 -40.39
N GLU C 135 9.35 4.91 -40.23
CA GLU C 135 9.05 4.38 -38.91
C GLU C 135 10.24 4.51 -37.98
N LEU C 136 11.45 4.36 -38.52
CA LEU C 136 12.65 4.53 -37.71
C LEU C 136 12.81 5.98 -37.24
N GLN C 137 12.58 6.93 -38.12
CA GLN C 137 12.78 8.33 -37.75
C GLN C 137 11.76 8.76 -36.70
N ALA C 138 10.56 8.16 -36.71
CA ALA C 138 9.60 8.44 -35.65
C ALA C 138 10.11 7.89 -34.33
N PHE C 139 10.77 6.74 -34.35
CA PHE C 139 11.36 6.19 -33.14
C PHE C 139 12.46 7.09 -32.60
N GLU C 140 13.37 7.54 -33.47
CA GLU C 140 14.49 8.35 -33.00
C GLU C 140 14.04 9.71 -32.47
N ASN C 141 12.82 10.12 -32.78
CA ASN C 141 12.31 11.41 -32.33
C ASN C 141 11.70 11.38 -30.94
N ILE C 142 11.40 10.19 -30.42
CA ILE C 142 10.89 10.08 -29.06
C ILE C 142 11.99 10.47 -28.08
N GLU C 143 11.66 11.29 -27.09
CA GLU C 143 12.67 11.63 -26.10
C GLU C 143 12.07 11.86 -24.71
N ASP C 144 10.75 12.03 -24.60
CA ASP C 144 10.17 12.22 -23.27
C ASP C 144 9.72 10.90 -22.65
N ASP C 145 9.89 9.78 -23.35
CA ASP C 145 9.66 8.44 -22.79
C ASP C 145 10.95 7.63 -22.86
N ASN C 146 11.19 6.83 -21.83
CA ASN C 146 12.15 5.75 -21.94
C ASN C 146 11.67 4.79 -23.03
N LYS C 147 12.59 4.36 -23.88
CA LYS C 147 12.21 3.48 -24.98
C LYS C 147 13.24 2.37 -25.09
N LEU C 148 12.77 1.21 -25.55
CA LEU C 148 13.64 0.08 -25.84
C LEU C 148 13.46 -0.32 -27.30
N ILE C 149 14.55 -0.77 -27.90
CA ILE C 149 14.55 -1.24 -29.27
C ILE C 149 15.37 -2.51 -29.35
N GLY C 150 14.81 -3.54 -29.99
CA GLY C 150 15.49 -4.80 -30.13
C GLY C 150 15.50 -5.28 -31.57
N TYR C 151 16.53 -6.07 -31.89
CA TYR C 151 16.70 -6.65 -33.22
C TYR C 151 16.67 -8.17 -33.10
N PHE C 152 15.71 -8.79 -33.77
CA PHE C 152 15.52 -10.23 -33.75
C PHE C 152 15.29 -10.72 -35.17
N LYS C 153 15.37 -12.05 -35.35
CA LYS C 153 15.19 -12.66 -36.67
C LYS C 153 13.77 -12.46 -37.18
N ASN C 154 12.80 -13.12 -36.57
CA ASN C 154 11.40 -13.06 -37.00
C ASN C 154 10.49 -13.17 -35.80
N LYS C 155 9.17 -13.04 -36.05
CA LYS C 155 8.19 -13.08 -34.97
C LYS C 155 8.24 -14.38 -34.19
N ASP C 156 8.73 -15.46 -34.80
CA ASP C 156 8.80 -16.76 -34.15
C ASP C 156 10.05 -16.95 -33.30
N SER C 157 10.96 -15.99 -33.29
CA SER C 157 12.19 -16.12 -32.51
C SER C 157 11.88 -16.29 -31.03
N GLU C 158 12.67 -17.15 -30.36
CA GLU C 158 12.49 -17.35 -28.92
C GLU C 158 12.84 -16.09 -28.15
N HIS C 159 13.89 -15.39 -28.57
CA HIS C 159 14.36 -14.20 -27.86
C HIS C 159 13.47 -13.00 -28.10
N TYR C 160 12.65 -13.05 -29.15
CA TYR C 160 11.65 -12.02 -29.38
C TYR C 160 10.44 -12.21 -28.47
N LYS C 161 10.02 -13.47 -28.24
CA LYS C 161 8.91 -13.71 -27.33
C LYS C 161 9.28 -13.30 -25.91
N ALA C 162 10.53 -13.54 -25.50
CA ALA C 162 10.97 -13.04 -24.21
C ALA C 162 10.86 -11.53 -24.15
N TYR C 163 11.23 -10.85 -25.24
CA TYR C 163 11.12 -9.40 -25.31
C TYR C 163 9.66 -8.96 -25.28
N GLU C 164 8.79 -9.71 -25.95
CA GLU C 164 7.37 -9.36 -25.95
C GLU C 164 6.74 -9.62 -24.58
N ASP C 165 7.10 -10.73 -23.93
CA ASP C 165 6.60 -10.98 -22.58
C ASP C 165 7.04 -9.88 -21.63
N ALA C 166 8.28 -9.40 -21.77
CA ALA C 166 8.74 -8.29 -20.94
C ALA C 166 8.02 -6.99 -21.28
N ALA C 167 7.65 -6.80 -22.55
CA ALA C 167 6.95 -5.57 -22.91
C ALA C 167 5.61 -5.47 -22.21
N GLU C 168 4.97 -6.61 -21.95
CA GLU C 168 3.67 -6.58 -21.29
C GLU C 168 3.76 -6.08 -19.87
N GLU C 169 4.91 -6.27 -19.20
CA GLU C 169 5.04 -5.80 -17.84
C GLU C 169 5.02 -4.29 -17.73
N PHE C 170 5.38 -3.57 -18.79
CA PHE C 170 5.48 -2.12 -18.76
C PHE C 170 4.55 -1.46 -19.76
N HIS C 171 3.63 -2.22 -20.33
CA HIS C 171 2.71 -1.71 -21.32
C HIS C 171 1.63 -0.83 -20.67
N PRO C 172 1.33 0.35 -21.25
CA PRO C 172 1.94 1.04 -22.39
C PRO C 172 2.87 2.16 -21.94
N TYR C 173 3.13 2.23 -20.64
CA TYR C 173 3.89 3.36 -20.10
C TYR C 173 5.25 3.48 -20.77
N ILE C 174 5.91 2.35 -21.02
CA ILE C 174 7.24 2.34 -21.61
C ILE C 174 7.14 1.65 -22.96
N PRO C 175 7.29 2.37 -24.08
CA PRO C 175 7.13 1.72 -25.38
C PRO C 175 8.29 0.78 -25.67
N PHE C 176 7.95 -0.41 -26.17
CA PHE C 176 8.93 -1.43 -26.55
C PHE C 176 8.89 -1.55 -28.05
N PHE C 177 10.04 -1.32 -28.69
CA PHE C 177 10.15 -1.41 -30.14
C PHE C 177 11.02 -2.58 -30.53
N ALA C 178 10.73 -3.12 -31.71
CA ALA C 178 11.48 -4.24 -32.26
C ALA C 178 11.55 -4.08 -33.77
N THR C 179 12.65 -4.53 -34.35
CA THR C 179 12.80 -4.54 -35.80
C THR C 179 13.36 -5.88 -36.24
N PHE C 180 12.92 -6.32 -37.41
CA PHE C 180 13.48 -7.52 -38.05
C PHE C 180 14.30 -7.18 -39.28
N ASP C 181 14.49 -5.90 -39.60
CA ASP C 181 15.21 -5.49 -40.80
C ASP C 181 16.68 -5.28 -40.44
N SER C 182 17.56 -6.05 -41.08
CA SER C 182 18.99 -5.94 -40.80
C SER C 182 19.54 -4.55 -41.11
N LYS C 183 19.00 -3.90 -42.14
CA LYS C 183 19.44 -2.53 -42.42
C LYS C 183 19.06 -1.59 -41.28
N VAL C 184 17.82 -1.68 -40.80
CA VAL C 184 17.40 -0.83 -39.70
C VAL C 184 18.28 -1.10 -38.48
N ALA C 185 18.59 -2.37 -38.22
CA ALA C 185 19.41 -2.70 -37.06
C ALA C 185 20.79 -2.07 -37.18
N LYS C 186 21.40 -2.13 -38.37
CA LYS C 186 22.74 -1.57 -38.54
C LYS C 186 22.74 -0.07 -38.28
N LYS C 187 21.69 0.62 -38.72
CA LYS C 187 21.62 2.05 -38.49
C LYS C 187 21.62 2.36 -36.99
N LEU C 188 21.17 1.42 -36.17
CA LEU C 188 21.12 1.58 -34.73
C LEU C 188 22.27 0.87 -34.02
N THR C 189 23.16 0.22 -34.74
CA THR C 189 24.28 -0.52 -34.13
C THR C 189 23.78 -1.60 -33.19
N LEU C 190 22.83 -2.41 -33.67
CA LEU C 190 22.24 -3.50 -32.91
C LEU C 190 22.62 -4.82 -33.55
N LYS C 191 23.33 -5.66 -32.80
CA LYS C 191 23.55 -7.02 -33.26
C LYS C 191 22.25 -7.81 -33.10
N LEU C 192 22.25 -9.03 -33.63
CA LEU C 192 21.06 -9.86 -33.53
C LEU C 192 20.79 -10.21 -32.07
N ASN C 193 19.53 -10.08 -31.65
CA ASN C 193 19.04 -10.33 -30.30
C ASN C 193 19.55 -9.32 -29.28
N GLU C 194 20.17 -8.22 -29.73
CA GLU C 194 20.62 -7.16 -28.84
C GLU C 194 19.48 -6.17 -28.59
N ILE C 195 19.47 -5.59 -27.39
CA ILE C 195 18.43 -4.66 -26.97
C ILE C 195 19.07 -3.40 -26.40
N ASP C 196 18.69 -2.25 -26.95
CA ASP C 196 19.17 -0.96 -26.50
C ASP C 196 18.10 -0.24 -25.70
N PHE C 197 18.51 0.43 -24.63
CA PHE C 197 17.61 1.19 -23.77
C PHE C 197 17.99 2.66 -23.85
N TYR C 198 17.06 3.49 -24.34
CA TYR C 198 17.29 4.93 -24.48
C TYR C 198 16.61 5.62 -23.30
N GLU C 199 17.41 6.05 -22.34
CA GLU C 199 16.85 6.83 -21.24
C GLU C 199 16.20 8.09 -21.78
N ALA C 200 15.08 8.46 -21.21
CA ALA C 200 14.39 9.65 -21.69
C ALA C 200 15.35 10.84 -21.66
N PHE C 201 15.32 11.63 -22.73
CA PHE C 201 16.09 12.85 -22.88
C PHE C 201 17.60 12.62 -22.96
N MET C 202 18.03 11.42 -23.33
CA MET C 202 19.45 11.10 -23.42
C MET C 202 19.80 10.75 -24.85
N GLU C 203 21.01 11.16 -25.27
CA GLU C 203 21.40 10.94 -26.65
C GLU C 203 21.77 9.49 -26.89
N GLU C 204 22.69 8.94 -26.05
CA GLU C 204 23.20 7.60 -26.32
C GLU C 204 22.48 6.55 -25.48
N PRO C 205 22.17 5.40 -26.06
CA PRO C 205 21.45 4.35 -25.31
C PRO C 205 22.41 3.54 -24.45
N VAL C 206 21.83 2.59 -23.73
CA VAL C 206 22.55 1.61 -22.95
C VAL C 206 22.09 0.24 -23.42
N THR C 207 23.05 -0.63 -23.72
CA THR C 207 22.73 -1.97 -24.18
C THR C 207 22.52 -2.92 -23.01
N ILE C 208 21.51 -3.77 -23.13
CA ILE C 208 21.29 -4.78 -22.09
C ILE C 208 22.38 -5.82 -22.28
N PRO C 209 23.20 -6.10 -21.27
CA PRO C 209 24.32 -7.02 -21.45
C PRO C 209 23.87 -8.48 -21.45
N ASP C 210 24.81 -9.34 -21.82
CA ASP C 210 24.64 -10.79 -21.75
C ASP C 210 23.50 -11.23 -22.67
N LYS C 211 23.46 -10.64 -23.85
CA LYS C 211 22.49 -11.03 -24.85
C LYS C 211 22.83 -12.44 -25.34
N PRO C 212 21.82 -13.23 -25.74
CA PRO C 212 20.40 -12.87 -25.74
C PRO C 212 19.86 -12.72 -24.32
N ASN C 213 18.80 -11.93 -24.19
CA ASN C 213 18.22 -11.62 -22.90
C ASN C 213 16.88 -12.31 -22.74
N SER C 214 16.59 -12.77 -21.54
CA SER C 214 15.32 -13.38 -21.20
C SER C 214 14.35 -12.34 -20.69
N GLU C 215 13.10 -12.78 -20.50
CA GLU C 215 12.08 -11.89 -19.95
C GLU C 215 12.57 -11.27 -18.65
N GLU C 216 13.13 -12.09 -17.76
CA GLU C 216 13.54 -11.62 -16.45
C GLU C 216 14.74 -10.69 -16.54
N GLU C 217 15.69 -10.98 -17.45
CA GLU C 217 16.84 -10.10 -17.59
C GLU C 217 16.41 -8.71 -18.05
N ILE C 218 15.45 -8.65 -18.96
CA ILE C 218 14.99 -7.37 -19.48
C ILE C 218 14.20 -6.62 -18.41
N VAL C 219 13.27 -7.30 -17.74
CA VAL C 219 12.44 -6.63 -16.74
C VAL C 219 13.30 -6.03 -15.64
N SER C 220 14.30 -6.77 -15.16
CA SER C 220 15.18 -6.23 -14.14
C SER C 220 15.90 -4.98 -14.65
N PHE C 221 16.37 -5.02 -15.90
CA PHE C 221 17.09 -3.89 -16.43
C PHE C 221 16.22 -2.63 -16.48
N VAL C 222 15.02 -2.76 -17.04
CA VAL C 222 14.08 -1.63 -17.09
C VAL C 222 13.77 -1.15 -15.68
N GLU C 223 13.50 -2.07 -14.75
CA GLU C 223 13.19 -1.67 -13.39
C GLU C 223 14.32 -0.82 -12.81
N ALA C 224 15.55 -1.16 -13.15
CA ALA C 224 16.71 -0.43 -12.62
C ALA C 224 17.01 0.87 -13.35
N HIS C 225 16.40 1.14 -14.51
CA HIS C 225 16.72 2.34 -15.27
C HIS C 225 15.52 3.22 -15.61
N LYS C 226 14.29 2.84 -15.21
CA LYS C 226 13.12 3.61 -15.65
C LYS C 226 13.05 4.98 -15.00
N ARG C 227 13.63 5.14 -13.80
CA ARG C 227 13.61 6.43 -13.12
C ARG C 227 14.70 7.29 -13.77
N SER C 228 14.32 7.96 -14.86
CA SER C 228 15.27 8.75 -15.63
C SER C 228 15.70 10.01 -14.88
N THR C 229 16.91 10.46 -15.19
CA THR C 229 17.47 11.65 -14.54
C THR C 229 16.59 12.87 -14.77
N LEU C 230 16.01 12.99 -15.96
CA LEU C 230 15.00 14.00 -16.24
C LEU C 230 13.70 13.29 -16.57
N ARG C 231 12.62 13.67 -15.87
CA ARG C 231 11.31 13.06 -16.05
C ARG C 231 10.29 14.14 -16.40
N LYS C 232 9.42 13.83 -17.35
CA LYS C 232 8.31 14.72 -17.67
C LYS C 232 7.07 14.27 -16.91
N LEU C 233 6.40 15.22 -16.26
CA LEU C 233 5.13 14.92 -15.62
C LEU C 233 4.06 14.78 -16.69
N LYS C 234 3.63 13.62 -16.91
CA LYS C 234 2.59 13.29 -17.88
C LYS C 234 1.27 12.98 -17.18
N PRO C 235 0.12 13.35 -17.73
CA PRO C 235 -1.13 13.08 -17.01
C PRO C 235 -1.42 11.60 -16.83
N GLU C 236 -1.00 10.74 -17.78
CA GLU C 236 -1.27 9.31 -17.65
C GLU C 236 -0.61 8.70 -16.42
N SER C 237 0.35 9.40 -15.80
CA SER C 237 1.09 8.82 -14.70
C SER C 237 1.54 9.87 -13.68
N MET C 238 0.83 10.99 -13.61
CA MET C 238 1.32 12.11 -12.82
C MET C 238 1.47 11.73 -11.35
N TYR C 239 0.57 10.89 -10.83
CA TYR C 239 0.61 10.55 -9.42
C TYR C 239 1.76 9.60 -9.11
N GLU C 240 1.99 8.61 -9.97
CA GLU C 240 3.12 7.71 -9.76
C GLU C 240 4.42 8.49 -9.71
N THR C 241 4.62 9.40 -10.65
CA THR C 241 5.88 10.16 -10.69
C THR C 241 6.04 11.02 -9.45
N TRP C 242 5.00 11.77 -9.09
CA TRP C 242 5.14 12.73 -8.00
C TRP C 242 5.41 12.03 -6.67
N GLU C 243 4.77 10.90 -6.43
CA GLU C 243 4.97 10.17 -5.18
C GLU C 243 6.34 9.52 -5.09
N ASP C 244 7.08 9.46 -6.20
CA ASP C 244 8.41 8.89 -6.23
C ASP C 244 9.46 9.96 -5.94
N ASP C 245 9.27 10.64 -4.80
CA ASP C 245 10.19 11.69 -4.38
C ASP C 245 11.53 11.10 -3.98
N LEU C 246 12.60 11.83 -4.29
CA LEU C 246 13.93 11.35 -3.99
C LEU C 246 14.12 11.23 -2.48
N ASP C 247 14.08 12.35 -1.77
CA ASP C 247 14.27 12.34 -0.31
C ASP C 247 13.33 13.35 0.34
N GLY C 248 12.04 13.24 0.01
CA GLY C 248 11.04 14.16 0.51
C GLY C 248 10.99 15.49 -0.21
N ILE C 249 11.65 15.63 -1.36
CA ILE C 249 11.59 16.85 -2.15
C ILE C 249 11.67 16.47 -3.62
N HIS C 250 11.24 17.39 -4.46
CA HIS C 250 11.34 17.26 -5.90
C HIS C 250 12.02 18.50 -6.44
N ILE C 251 12.90 18.29 -7.41
CA ILE C 251 13.40 19.39 -8.22
C ILE C 251 12.41 19.54 -9.37
N VAL C 252 11.62 20.61 -9.33
CA VAL C 252 10.57 20.85 -10.31
C VAL C 252 10.98 21.99 -11.23
N ALA C 253 10.76 21.79 -12.54
CA ALA C 253 11.02 22.82 -13.55
C ALA C 253 9.78 22.99 -14.41
N PHE C 254 9.30 24.22 -14.52
CA PHE C 254 8.19 24.58 -15.40
C PHE C 254 8.74 25.15 -16.71
N ALA C 255 8.25 24.63 -17.84
CA ALA C 255 8.65 25.17 -19.14
C ALA C 255 7.64 24.78 -20.20
N GLU C 256 7.09 25.76 -20.90
CA GLU C 256 6.19 25.50 -22.01
C GLU C 256 7.02 25.26 -23.27
N GLU C 257 6.94 24.05 -23.81
CA GLU C 257 7.81 23.64 -24.91
C GLU C 257 7.65 24.55 -26.13
N THR C 258 6.41 24.88 -26.49
CA THR C 258 6.17 25.68 -27.69
C THR C 258 6.62 27.13 -27.52
N ASP C 259 6.82 27.58 -26.31
CA ASP C 259 7.26 28.95 -26.09
C ASP C 259 8.76 29.04 -26.29
N PRO C 260 9.25 30.10 -26.95
CA PRO C 260 10.70 30.19 -27.18
C PRO C 260 11.50 30.17 -25.89
N ASP C 261 11.07 30.95 -24.90
CA ASP C 261 11.74 30.96 -23.60
C ASP C 261 11.73 29.58 -22.97
N GLY C 262 10.63 28.83 -23.16
CA GLY C 262 10.55 27.51 -22.57
C GLY C 262 11.43 26.52 -23.30
N TYR C 263 11.51 26.64 -24.62
CA TYR C 263 12.37 25.74 -25.39
C TYR C 263 13.83 25.95 -25.02
N GLU C 264 14.26 27.21 -24.89
CA GLU C 264 15.64 27.49 -24.52
C GLU C 264 15.94 26.94 -23.13
N PHE C 265 15.06 27.21 -22.16
CA PHE C 265 15.28 26.73 -20.81
C PHE C 265 15.27 25.20 -20.73
N LEU C 266 14.42 24.56 -21.53
CA LEU C 266 14.36 23.10 -21.53
C LEU C 266 15.63 22.49 -22.11
N GLU C 267 16.19 23.09 -23.17
CA GLU C 267 17.43 22.58 -23.72
C GLU C 267 18.56 22.62 -22.70
N THR C 268 18.61 23.68 -21.88
CA THR C 268 19.58 23.71 -20.79
C THR C 268 19.33 22.57 -19.82
N LEU C 269 18.07 22.30 -19.45
CA LEU C 269 17.78 21.19 -18.56
C LEU C 269 18.26 19.88 -19.14
N LYS C 270 17.94 19.62 -20.40
CA LYS C 270 18.41 18.40 -21.04
C LYS C 270 19.93 18.32 -20.97
N ALA C 271 20.60 19.46 -21.11
CA ALA C 271 22.06 19.48 -21.06
C ALA C 271 22.55 19.15 -19.65
N VAL C 272 22.01 19.84 -18.65
CA VAL C 272 22.37 19.57 -17.26
C VAL C 272 22.09 18.11 -16.93
N ALA C 273 20.96 17.58 -17.40
CA ALA C 273 20.63 16.19 -17.13
C ALA C 273 21.62 15.25 -17.82
N GLN C 274 22.01 15.55 -19.06
CA GLN C 274 22.99 14.68 -19.73
C GLN C 274 24.36 14.78 -19.05
N ASP C 275 24.69 15.93 -18.45
CA ASP C 275 25.96 16.07 -17.77
C ASP C 275 25.99 15.35 -16.43
N ASN C 276 24.83 15.05 -15.84
CA ASN C 276 24.75 14.39 -14.56
C ASN C 276 23.90 13.12 -14.63
N THR C 277 23.84 12.49 -15.80
CA THR C 277 22.94 11.35 -16.01
C THR C 277 23.30 10.14 -15.14
N ASP C 278 24.52 10.06 -14.64
CA ASP C 278 24.94 8.93 -13.81
C ASP C 278 24.74 9.17 -12.32
N ASN C 279 24.29 10.34 -11.92
CA ASN C 279 23.97 10.59 -10.52
C ASN C 279 22.71 9.84 -10.13
N PRO C 280 22.77 8.83 -9.26
CA PRO C 280 21.57 8.02 -8.98
C PRO C 280 20.53 8.69 -8.10
N ASP C 281 20.86 9.76 -7.38
CA ASP C 281 19.93 10.41 -6.47
C ASP C 281 19.36 11.71 -7.04
N LEU C 282 19.38 11.86 -8.36
CA LEU C 282 18.89 13.07 -9.01
C LEU C 282 17.83 12.73 -10.04
N SER C 283 16.63 13.23 -9.85
CA SER C 283 15.55 13.10 -10.81
C SER C 283 14.77 14.41 -10.81
N ILE C 284 14.87 15.14 -11.90
CA ILE C 284 14.22 16.44 -12.05
C ILE C 284 12.89 16.24 -12.76
N ILE C 285 11.83 16.83 -12.23
CA ILE C 285 10.50 16.75 -12.84
C ILE C 285 10.29 17.97 -13.73
N TRP C 286 10.09 17.72 -15.02
CA TRP C 286 9.73 18.78 -15.96
C TRP C 286 8.22 18.78 -16.12
N ILE C 287 7.60 19.94 -15.86
CA ILE C 287 6.17 20.13 -16.01
C ILE C 287 5.93 21.16 -17.11
N ASP C 288 5.27 20.73 -18.18
CA ASP C 288 4.83 21.66 -19.21
C ASP C 288 3.45 22.16 -18.83
N PRO C 289 3.30 23.41 -18.36
CA PRO C 289 1.99 23.84 -17.88
C PRO C 289 0.88 23.68 -18.89
N ASP C 290 1.21 23.61 -20.17
CA ASP C 290 0.18 23.41 -21.18
C ASP C 290 -0.52 22.06 -21.00
N ASP C 291 0.14 21.10 -20.36
CA ASP C 291 -0.48 19.79 -20.16
C ASP C 291 -1.48 19.79 -19.02
N PHE C 292 -1.45 20.80 -18.16
CA PHE C 292 -2.28 20.85 -16.95
C PHE C 292 -2.93 22.22 -16.80
N PRO C 293 -3.77 22.61 -17.75
CA PRO C 293 -4.37 23.96 -17.68
C PRO C 293 -5.20 24.21 -16.43
N LEU C 294 -5.78 23.18 -15.83
CA LEU C 294 -6.63 23.43 -14.65
C LEU C 294 -5.82 23.68 -13.39
N LEU C 295 -4.52 23.35 -13.38
CA LEU C 295 -3.69 23.55 -12.21
C LEU C 295 -2.82 24.80 -12.28
N VAL C 296 -2.73 25.47 -13.42
CA VAL C 296 -1.88 26.66 -13.52
C VAL C 296 -2.25 27.71 -12.47
N PRO C 297 -3.51 28.09 -12.30
CA PRO C 297 -3.81 29.06 -11.23
C PRO C 297 -3.40 28.58 -9.85
N TYR C 298 -3.63 27.30 -9.55
CA TYR C 298 -3.22 26.76 -8.26
C TYR C 298 -1.72 26.84 -8.08
N TRP C 299 -0.95 26.55 -9.14
CA TRP C 299 0.50 26.57 -9.04
C TRP C 299 1.02 27.98 -8.87
N GLU C 300 0.49 28.93 -9.66
CA GLU C 300 0.94 30.30 -9.55
C GLU C 300 0.64 30.85 -8.15
N LYS C 301 -0.48 30.45 -7.56
CA LYS C 301 -0.85 30.92 -6.24
C LYS C 301 0.01 30.28 -5.15
N THR C 302 0.21 28.96 -5.24
CA THR C 302 0.98 28.24 -4.22
C THR C 302 2.45 28.61 -4.26
N PHE C 303 3.05 28.63 -5.44
CA PHE C 303 4.48 28.82 -5.58
C PHE C 303 4.87 30.27 -5.78
N ASN C 304 3.90 31.17 -5.92
CA ASN C 304 4.15 32.59 -6.13
C ASN C 304 5.13 32.79 -7.30
N ILE C 305 4.82 32.12 -8.40
CA ILE C 305 5.60 32.22 -9.63
C ILE C 305 4.63 32.49 -10.78
N ASP C 306 5.18 32.94 -11.90
CA ASP C 306 4.43 33.24 -13.11
C ASP C 306 4.77 32.19 -14.17
N LEU C 307 3.84 31.29 -14.45
CA LEU C 307 4.08 30.19 -15.39
C LEU C 307 4.06 30.64 -16.84
N SER C 308 4.05 31.94 -17.11
CA SER C 308 4.32 32.42 -18.45
C SER C 308 5.81 32.53 -18.71
N ALA C 309 6.64 32.48 -17.66
CA ALA C 309 8.08 32.45 -17.77
C ALA C 309 8.61 31.12 -17.26
N PRO C 310 9.75 30.65 -17.77
CA PRO C 310 10.32 29.42 -17.24
C PRO C 310 10.66 29.59 -15.77
N GLN C 311 10.58 28.47 -15.04
CA GLN C 311 10.91 28.44 -13.62
C GLN C 311 11.64 27.15 -13.31
N ILE C 312 12.37 27.16 -12.20
CA ILE C 312 12.99 25.96 -11.65
C ILE C 312 13.15 26.17 -10.15
N GLY C 313 12.84 25.13 -9.38
CA GLY C 313 12.88 25.27 -7.94
C GLY C 313 12.85 23.91 -7.27
N VAL C 314 12.80 23.96 -5.94
CA VAL C 314 12.75 22.76 -5.11
C VAL C 314 11.47 22.81 -4.29
N VAL C 315 10.76 21.69 -4.24
CA VAL C 315 9.46 21.63 -3.57
C VAL C 315 9.51 20.56 -2.50
N ASN C 316 9.05 20.91 -1.29
CA ASN C 316 8.85 19.97 -0.21
C ASN C 316 7.53 19.26 -0.43
N VAL C 317 7.56 17.94 -0.61
CA VAL C 317 6.35 17.21 -0.99
C VAL C 317 5.37 17.05 0.15
N THR C 318 5.73 17.46 1.37
CA THR C 318 4.88 17.25 2.54
C THR C 318 3.92 18.40 2.77
N ASP C 319 4.38 19.64 2.60
CA ASP C 319 3.54 20.82 2.83
C ASP C 319 3.50 21.74 1.62
N ALA C 320 4.12 21.34 0.50
CA ALA C 320 4.16 22.12 -0.73
C ALA C 320 4.95 23.43 -0.61
N ASP C 321 5.82 23.55 0.39
CA ASP C 321 6.70 24.70 0.46
C ASP C 321 7.75 24.60 -0.64
N SER C 322 8.22 25.75 -1.13
CA SER C 322 9.05 25.76 -2.33
C SER C 322 10.03 26.92 -2.29
N VAL C 323 11.08 26.78 -3.09
CA VAL C 323 12.04 27.86 -3.38
C VAL C 323 12.28 27.88 -4.88
N TRP C 324 12.37 29.07 -5.46
CA TRP C 324 12.45 29.19 -6.91
C TRP C 324 13.58 30.13 -7.32
N MET C 325 14.31 29.74 -8.35
CA MET C 325 15.43 30.53 -8.83
C MET C 325 14.94 31.85 -9.43
N GLU C 326 15.49 32.95 -8.92
CA GLU C 326 15.20 34.26 -9.47
C GLU C 326 15.80 34.39 -10.86
N MET C 327 15.01 34.95 -11.79
CA MET C 327 15.51 35.22 -13.13
C MET C 327 14.95 36.54 -13.63
N ASP C 328 15.80 37.31 -14.30
CA ASP C 328 15.42 38.60 -14.85
C ASP C 328 14.70 38.43 -16.18
N ASP C 329 13.59 39.14 -16.35
CA ASP C 329 12.87 39.10 -17.62
C ASP C 329 13.62 39.85 -18.71
N GLU C 330 14.51 40.78 -18.34
CA GLU C 330 15.30 41.56 -19.29
C GLU C 330 16.61 40.87 -19.63
N GLU C 331 17.24 40.19 -18.67
CA GLU C 331 18.47 39.45 -18.92
C GLU C 331 18.16 38.07 -19.50
N ASP C 332 19.20 37.44 -20.05
CA ASP C 332 19.06 36.12 -20.64
C ASP C 332 18.86 35.06 -19.57
N LEU C 333 18.32 33.92 -20.00
CA LEU C 333 18.02 32.83 -19.09
C LEU C 333 19.32 32.19 -18.57
N PRO C 334 19.28 31.56 -17.39
CA PRO C 334 20.50 30.96 -16.86
C PRO C 334 21.06 29.89 -17.79
N SER C 335 22.38 29.72 -17.72
CA SER C 335 23.12 28.74 -18.50
C SER C 335 23.23 27.43 -17.72
N ALA C 336 23.82 26.42 -18.36
CA ALA C 336 23.96 25.12 -17.71
C ALA C 336 24.75 25.23 -16.40
N GLU C 337 25.85 26.00 -16.41
CA GLU C 337 26.63 26.17 -15.20
C GLU C 337 25.82 26.86 -14.11
N GLU C 338 25.08 27.91 -14.49
CA GLU C 338 24.30 28.68 -13.52
C GLU C 338 23.22 27.83 -12.85
N LEU C 339 22.57 26.94 -13.61
CA LEU C 339 21.60 26.05 -12.98
C LEU C 339 22.27 25.09 -12.02
N GLU C 340 23.34 24.44 -12.45
CA GLU C 340 24.08 23.58 -11.54
C GLU C 340 24.54 24.35 -10.32
N ASP C 341 24.87 25.63 -10.50
CA ASP C 341 25.33 26.45 -9.38
C ASP C 341 24.18 26.88 -8.46
N TRP C 342 22.99 27.10 -8.99
CA TRP C 342 21.87 27.51 -8.15
C TRP C 342 21.26 26.33 -7.41
N LEU C 343 21.22 25.15 -8.04
CA LEU C 343 20.62 24.00 -7.37
C LEU C 343 21.48 23.54 -6.20
N GLU C 344 22.78 23.34 -6.42
CA GLU C 344 23.64 22.90 -5.33
C GLU C 344 23.64 23.89 -4.18
N ASP C 345 23.48 25.19 -4.48
CA ASP C 345 23.47 26.20 -3.43
C ASP C 345 22.27 26.03 -2.52
N VAL C 346 21.08 25.86 -3.11
CA VAL C 346 19.86 25.71 -2.34
C VAL C 346 19.85 24.36 -1.62
N LEU C 347 20.54 23.36 -2.15
CA LEU C 347 20.55 22.03 -1.54
C LEU C 347 21.55 21.94 -0.40
N GLU C 348 22.63 22.71 -0.45
CA GLU C 348 23.64 22.69 0.60
C GLU C 348 23.10 23.34 1.88
N GLY D 3 2.37 12.05 1.58
CA GLY D 3 2.53 13.47 1.26
C GLY D 3 1.21 14.18 0.97
N LEU D 4 1.31 15.45 0.60
CA LEU D 4 0.14 16.26 0.32
C LEU D 4 -0.49 15.88 -1.03
N ASP D 5 -1.81 15.80 -1.05
CA ASP D 5 -2.53 15.35 -2.23
C ASP D 5 -2.65 16.47 -3.26
N PHE D 6 -2.78 16.07 -4.52
CA PHE D 6 -3.09 17.03 -5.58
C PHE D 6 -4.46 17.65 -5.32
N PRO D 7 -4.70 18.83 -5.86
CA PRO D 7 -6.04 19.43 -5.76
C PRO D 7 -7.07 18.51 -6.39
N GLU D 8 -8.32 18.63 -5.92
CA GLU D 8 -9.40 17.82 -6.44
C GLU D 8 -10.69 18.64 -6.43
N TYR D 9 -11.65 18.23 -7.25
CA TYR D 9 -12.99 18.79 -7.20
C TYR D 9 -13.60 18.50 -5.84
N ASP D 10 -14.04 19.56 -5.16
CA ASP D 10 -14.51 19.41 -3.79
C ASP D 10 -16.02 19.17 -3.67
N GLY D 11 -16.75 19.21 -4.78
CA GLY D 11 -18.17 18.92 -4.73
C GLY D 11 -19.04 20.07 -4.27
N VAL D 12 -18.47 21.23 -3.99
CA VAL D 12 -19.25 22.40 -3.61
C VAL D 12 -19.87 23.02 -4.86
N ASP D 13 -21.12 23.43 -4.75
CA ASP D 13 -21.80 24.06 -5.87
C ASP D 13 -21.46 25.55 -5.90
N ARG D 14 -21.05 26.04 -7.08
CA ARG D 14 -20.74 27.45 -7.28
C ARG D 14 -21.49 28.06 -8.45
N VAL D 15 -22.11 27.24 -9.31
CA VAL D 15 -22.85 27.75 -10.46
C VAL D 15 -24.13 28.42 -9.97
N VAL D 16 -24.24 29.73 -10.23
CA VAL D 16 -25.41 30.49 -9.79
C VAL D 16 -26.62 30.13 -10.64
N ASN D 17 -27.76 29.92 -9.98
CA ASN D 17 -29.03 29.77 -10.66
C ASN D 17 -29.54 31.18 -10.95
N VAL D 18 -29.22 31.68 -12.14
CA VAL D 18 -29.55 33.04 -12.49
C VAL D 18 -31.03 33.12 -12.84
N ASN D 19 -31.72 34.06 -12.20
CA ASN D 19 -33.14 34.27 -12.44
C ASN D 19 -33.39 35.77 -12.37
N ALA D 20 -34.65 36.16 -12.56
CA ALA D 20 -34.97 37.57 -12.64
C ALA D 20 -34.64 38.32 -11.36
N LYS D 21 -34.57 37.65 -10.22
CA LYS D 21 -34.42 38.38 -8.97
C LYS D 21 -32.97 38.62 -8.57
N ASN D 22 -32.02 37.80 -9.04
CA ASN D 22 -30.63 37.96 -8.66
C ASN D 22 -29.70 38.34 -9.80
N TYR D 23 -30.16 38.36 -11.05
CA TYR D 23 -29.22 38.51 -12.15
C TYR D 23 -28.51 39.85 -12.11
N LYS D 24 -29.15 40.88 -11.57
CA LYS D 24 -28.50 42.19 -11.51
C LYS D 24 -27.36 42.19 -10.49
N ASN D 25 -27.55 41.48 -9.37
CA ASN D 25 -26.50 41.38 -8.37
C ASN D 25 -25.31 40.58 -8.90
N VAL D 26 -25.58 39.55 -9.70
CA VAL D 26 -24.53 38.70 -10.21
C VAL D 26 -23.54 39.51 -11.04
N PHE D 27 -24.04 40.28 -12.02
CA PHE D 27 -23.17 41.06 -12.88
C PHE D 27 -22.34 42.07 -12.07
N LYS D 28 -22.92 42.60 -10.99
CA LYS D 28 -22.18 43.51 -10.12
C LYS D 28 -21.07 42.78 -9.38
N LYS D 29 -21.30 41.52 -9.01
CA LYS D 29 -20.35 40.81 -8.16
C LYS D 29 -19.08 40.44 -8.92
N TYR D 30 -19.22 39.92 -10.14
CA TYR D 30 -18.11 39.34 -10.87
C TYR D 30 -17.61 40.26 -11.98
N GLU D 31 -16.29 40.32 -12.13
CA GLU D 31 -15.71 41.06 -13.24
C GLU D 31 -15.98 40.34 -14.55
N VAL D 32 -15.77 39.02 -14.56
CA VAL D 32 -16.02 38.16 -15.72
C VAL D 32 -17.07 37.15 -15.33
N LEU D 33 -18.13 37.05 -16.14
CA LEU D 33 -19.25 36.16 -15.86
C LEU D 33 -19.50 35.28 -17.08
N ALA D 34 -19.56 33.97 -16.86
CA ALA D 34 -19.90 33.00 -17.91
C ALA D 34 -21.28 32.44 -17.61
N LEU D 35 -22.20 32.59 -18.57
CA LEU D 35 -23.58 32.16 -18.40
C LEU D 35 -23.91 31.10 -19.44
N LEU D 36 -24.46 29.98 -18.98
CA LEU D 36 -24.96 28.96 -19.88
C LEU D 36 -26.45 29.20 -20.13
N TYR D 37 -26.79 29.69 -21.32
CA TYR D 37 -28.18 29.81 -21.74
C TYR D 37 -28.63 28.45 -22.27
N HIS D 38 -29.55 27.81 -21.56
CA HIS D 38 -29.90 26.41 -21.83
C HIS D 38 -31.41 26.24 -21.90
N GLU D 39 -31.82 25.26 -22.70
CA GLU D 39 -33.22 24.89 -22.77
C GLU D 39 -33.61 24.09 -21.54
N PRO D 40 -34.88 24.11 -21.16
CA PRO D 40 -35.29 23.35 -19.98
C PRO D 40 -35.02 21.88 -20.20
N PRO D 41 -34.43 21.19 -19.22
CA PRO D 41 -34.07 19.79 -19.44
C PRO D 41 -35.33 18.94 -19.57
N GLU D 42 -35.38 18.15 -20.64
CA GLU D 42 -36.48 17.21 -20.81
C GLU D 42 -36.52 16.22 -19.64
N ASP D 43 -37.64 15.50 -19.55
CA ASP D 43 -37.89 14.62 -18.42
C ASP D 43 -37.22 13.27 -18.55
N ASP D 44 -36.86 12.85 -19.76
CA ASP D 44 -36.29 11.53 -19.96
C ASP D 44 -34.96 11.40 -19.23
N LYS D 45 -34.57 10.14 -18.97
CA LYS D 45 -33.39 9.86 -18.19
C LYS D 45 -32.12 10.37 -18.86
N ALA D 46 -31.98 10.10 -20.16
CA ALA D 46 -30.78 10.53 -20.89
C ALA D 46 -30.63 12.04 -20.84
N SER D 47 -31.70 12.78 -21.14
CA SER D 47 -31.61 14.24 -21.13
C SER D 47 -31.22 14.74 -19.75
N GLN D 48 -31.71 14.10 -18.69
CA GLN D 48 -31.32 14.52 -17.35
C GLN D 48 -29.84 14.28 -17.10
N ARG D 49 -29.28 13.23 -17.71
CA ARG D 49 -27.84 12.99 -17.58
C ARG D 49 -27.03 14.03 -18.34
N GLN D 50 -27.45 14.35 -19.56
CA GLN D 50 -26.77 15.38 -20.34
C GLN D 50 -26.76 16.71 -19.60
N PHE D 51 -27.91 17.13 -19.07
CA PHE D 51 -27.95 18.38 -18.33
C PHE D 51 -27.02 18.30 -17.11
N GLU D 52 -27.01 17.15 -16.44
CA GLU D 52 -26.19 16.96 -15.25
C GLU D 52 -24.71 17.04 -15.59
N MET D 53 -24.30 16.37 -16.68
CA MET D 53 -22.92 16.49 -17.14
C MET D 53 -22.50 17.94 -17.31
N ASP D 54 -23.30 18.73 -18.02
CA ASP D 54 -22.88 20.09 -18.35
C ASP D 54 -22.79 20.97 -17.11
N GLU D 55 -23.67 20.75 -16.12
CA GLU D 55 -23.58 21.55 -14.90
C GLU D 55 -22.27 21.29 -14.18
N LEU D 56 -21.86 20.02 -14.08
CA LEU D 56 -20.64 19.71 -13.35
C LEU D 56 -19.40 20.23 -14.09
N ILE D 57 -19.43 20.24 -15.42
CA ILE D 57 -18.31 20.83 -16.16
C ILE D 57 -18.13 22.28 -15.74
N LEU D 58 -19.24 22.99 -15.60
CA LEU D 58 -19.16 24.36 -15.09
C LEU D 58 -18.71 24.40 -13.64
N GLU D 59 -19.24 23.50 -12.81
CA GLU D 59 -18.86 23.49 -11.41
C GLU D 59 -17.35 23.35 -11.30
N LEU D 60 -16.76 22.49 -12.13
CA LEU D 60 -15.31 22.30 -12.09
C LEU D 60 -14.56 23.55 -12.53
N ALA D 61 -15.02 24.21 -13.60
CA ALA D 61 -14.39 25.45 -14.02
C ALA D 61 -14.55 26.53 -12.97
N ALA D 62 -15.72 26.59 -12.32
CA ALA D 62 -15.95 27.60 -11.30
C ALA D 62 -15.01 27.43 -10.12
N GLN D 63 -14.72 26.19 -9.73
CA GLN D 63 -13.79 25.97 -8.63
C GLN D 63 -12.39 26.43 -8.99
N VAL D 64 -11.94 26.11 -10.21
CA VAL D 64 -10.59 26.48 -10.63
C VAL D 64 -10.43 27.99 -10.61
N LEU D 65 -11.44 28.72 -11.09
CA LEU D 65 -11.33 30.15 -11.30
C LEU D 65 -11.99 30.96 -10.17
N GLU D 66 -12.24 30.34 -9.02
CA GLU D 66 -12.85 31.08 -7.93
C GLU D 66 -11.96 32.23 -7.46
N ASP D 67 -10.65 31.99 -7.33
CA ASP D 67 -9.77 33.01 -6.77
C ASP D 67 -9.59 34.19 -7.71
N LYS D 68 -9.77 33.99 -9.01
CA LYS D 68 -9.59 35.09 -9.96
C LYS D 68 -10.88 35.86 -10.25
N GLY D 69 -11.97 35.57 -9.52
CA GLY D 69 -13.16 36.40 -9.64
C GLY D 69 -14.00 36.14 -10.86
N VAL D 70 -14.03 34.89 -11.34
CA VAL D 70 -14.82 34.51 -12.51
C VAL D 70 -16.03 33.75 -12.00
N GLY D 71 -17.22 34.25 -12.32
CA GLY D 71 -18.46 33.63 -11.92
C GLY D 71 -19.05 32.77 -13.03
N PHE D 72 -19.92 31.85 -12.63
CA PHE D 72 -20.57 30.93 -13.55
C PHE D 72 -22.04 30.83 -13.18
N GLY D 73 -22.92 30.98 -14.18
CA GLY D 73 -24.34 30.91 -13.95
C GLY D 73 -25.04 30.14 -15.05
N MET D 74 -26.28 29.75 -14.75
CA MET D 74 -27.16 29.12 -15.72
C MET D 74 -28.44 29.92 -15.88
N VAL D 75 -28.90 30.06 -17.13
CA VAL D 75 -30.11 30.79 -17.45
C VAL D 75 -31.03 29.86 -18.23
N ASP D 76 -32.21 29.59 -17.67
CA ASP D 76 -33.21 28.74 -18.30
C ASP D 76 -34.01 29.52 -19.34
N SER D 77 -34.22 28.90 -20.50
CA SER D 77 -34.83 29.59 -21.64
C SER D 77 -36.30 29.91 -21.40
N GLU D 78 -36.96 29.21 -20.46
CA GLU D 78 -38.36 29.48 -20.12
C GLU D 78 -38.51 30.16 -18.77
N LYS D 79 -37.96 29.58 -17.70
CA LYS D 79 -38.12 30.16 -16.38
C LYS D 79 -37.49 31.54 -16.29
N ASP D 80 -36.38 31.74 -16.99
CA ASP D 80 -35.66 33.01 -16.95
C ASP D 80 -35.75 33.73 -18.30
N ALA D 81 -36.85 33.51 -19.03
CA ALA D 81 -36.98 34.05 -20.38
C ALA D 81 -36.85 35.56 -20.38
N ALA D 82 -37.31 36.22 -19.31
CA ALA D 82 -37.17 37.66 -19.21
C ALA D 82 -35.71 38.07 -19.09
N VAL D 83 -34.91 37.28 -18.36
CA VAL D 83 -33.50 37.59 -18.19
C VAL D 83 -32.75 37.38 -19.50
N ALA D 84 -33.09 36.32 -20.23
CA ALA D 84 -32.49 36.10 -21.54
C ALA D 84 -32.72 37.29 -22.45
N LYS D 85 -33.93 37.85 -22.41
CA LYS D 85 -34.24 39.00 -23.25
C LYS D 85 -33.41 40.22 -22.84
N LYS D 86 -33.33 40.51 -21.55
CA LYS D 86 -32.60 41.70 -21.11
C LYS D 86 -31.12 41.60 -21.45
N LEU D 87 -30.56 40.40 -21.41
CA LEU D 87 -29.13 40.20 -21.60
C LEU D 87 -28.73 39.92 -23.04
N GLY D 88 -29.68 39.53 -23.88
CA GLY D 88 -29.40 39.27 -25.28
C GLY D 88 -28.96 37.85 -25.55
N LEU D 89 -29.50 36.88 -24.81
CA LEU D 89 -29.13 35.48 -24.95
C LEU D 89 -30.08 34.86 -25.97
N THR D 90 -29.57 34.63 -27.18
CA THR D 90 -30.37 34.12 -28.30
C THR D 90 -30.01 32.68 -28.67
N GLU D 91 -28.72 32.38 -28.79
CA GLU D 91 -28.27 31.04 -29.18
C GLU D 91 -28.51 30.07 -28.04
N GLU D 92 -29.43 29.13 -28.24
CA GLU D 92 -29.79 28.19 -27.19
C GLU D 92 -28.67 27.16 -26.97
N ASP D 93 -28.57 26.70 -25.72
CA ASP D 93 -27.61 25.68 -25.31
C ASP D 93 -26.18 26.10 -25.68
N SER D 94 -25.85 27.34 -25.34
CA SER D 94 -24.54 27.89 -25.64
C SER D 94 -24.17 28.91 -24.58
N VAL D 95 -22.87 29.24 -24.54
CA VAL D 95 -22.29 30.00 -23.43
C VAL D 95 -22.02 31.42 -23.90
N TYR D 96 -22.37 32.38 -23.04
CA TYR D 96 -22.08 33.79 -23.25
C TYR D 96 -21.16 34.25 -22.14
N VAL D 97 -20.08 34.95 -22.50
CA VAL D 97 -19.11 35.43 -21.54
C VAL D 97 -19.19 36.95 -21.49
N PHE D 98 -19.35 37.49 -20.29
CA PHE D 98 -19.44 38.93 -20.08
C PHE D 98 -18.18 39.37 -19.36
N LYS D 99 -17.47 40.33 -19.95
CA LYS D 99 -16.30 40.94 -19.33
C LYS D 99 -16.66 42.41 -19.15
N GLY D 100 -16.91 42.78 -17.90
CA GLY D 100 -17.41 44.10 -17.60
C GLY D 100 -18.68 44.31 -18.40
N ASP D 101 -18.67 45.25 -19.33
CA ASP D 101 -19.84 45.50 -20.16
C ASP D 101 -19.76 44.83 -21.53
N GLU D 102 -18.56 44.56 -22.02
CA GLU D 102 -18.41 43.88 -23.31
C GLU D 102 -18.90 42.44 -23.20
N VAL D 103 -19.34 41.88 -24.32
CA VAL D 103 -19.93 40.54 -24.35
C VAL D 103 -19.21 39.70 -25.39
N ILE D 104 -18.86 38.47 -25.02
CA ILE D 104 -18.15 37.54 -25.88
C ILE D 104 -19.01 36.29 -26.00
N GLU D 105 -19.32 35.90 -27.24
CA GLU D 105 -20.22 34.78 -27.51
C GLU D 105 -19.40 33.51 -27.74
N TYR D 106 -19.17 32.76 -26.66
CA TYR D 106 -18.36 31.55 -26.74
C TYR D 106 -18.93 30.56 -27.73
N ASP D 107 -18.06 29.95 -28.55
CA ASP D 107 -18.48 28.96 -29.53
C ASP D 107 -17.42 27.88 -29.67
N GLY D 108 -16.85 27.44 -28.54
CA GLY D 108 -15.82 26.44 -28.52
C GLY D 108 -16.23 25.19 -27.75
N GLU D 109 -15.28 24.29 -27.62
CA GLU D 109 -15.51 23.04 -26.94
C GLU D 109 -16.02 23.28 -25.53
N PHE D 110 -17.04 22.50 -25.15
CA PHE D 110 -17.67 22.64 -23.83
C PHE D 110 -17.05 21.62 -22.88
N SER D 111 -15.85 21.96 -22.43
CA SER D 111 -15.12 21.16 -21.46
C SER D 111 -14.50 22.10 -20.43
N ALA D 112 -14.15 21.54 -19.28
CA ALA D 112 -13.52 22.35 -18.25
C ALA D 112 -12.17 22.89 -18.71
N ASP D 113 -11.35 22.06 -19.37
CA ASP D 113 -10.03 22.50 -19.81
C ASP D 113 -10.13 23.73 -20.71
N THR D 114 -10.90 23.62 -21.79
CA THR D 114 -10.96 24.68 -22.78
C THR D 114 -11.61 25.92 -22.21
N LEU D 115 -12.68 25.76 -21.42
CA LEU D 115 -13.37 26.91 -20.85
C LEU D 115 -12.44 27.71 -19.93
N VAL D 116 -11.70 27.03 -19.08
CA VAL D 116 -10.78 27.73 -18.20
C VAL D 116 -9.67 28.41 -18.99
N GLU D 117 -9.13 27.71 -20.00
CA GLU D 117 -8.13 28.34 -20.87
C GLU D 117 -8.70 29.60 -21.51
N PHE D 118 -9.91 29.50 -22.06
CA PHE D 118 -10.52 30.64 -22.74
C PHE D 118 -10.78 31.79 -21.78
N LEU D 119 -11.34 31.49 -20.61
CA LEU D 119 -11.65 32.56 -19.67
C LEU D 119 -10.39 33.21 -19.15
N LEU D 120 -9.33 32.42 -18.97
CA LEU D 120 -8.05 33.00 -18.56
C LEU D 120 -7.52 33.95 -19.63
N ASP D 121 -7.69 33.58 -20.91
CA ASP D 121 -7.37 34.50 -22.00
C ASP D 121 -8.28 35.72 -22.00
N VAL D 122 -9.53 35.56 -21.59
CA VAL D 122 -10.44 36.70 -21.53
C VAL D 122 -9.97 37.71 -20.48
N LEU D 123 -9.44 37.21 -19.36
CA LEU D 123 -9.00 38.12 -18.30
C LEU D 123 -7.85 39.01 -18.75
N GLU D 124 -7.03 38.56 -19.69
CA GLU D 124 -5.92 39.38 -20.16
C GLU D 124 -6.43 40.62 -20.88
N ASP D 125 -5.64 41.69 -20.81
CA ASP D 125 -5.99 42.90 -21.52
C ASP D 125 -6.05 42.59 -23.01
N PRO D 126 -6.86 43.34 -23.77
CA PRO D 126 -7.01 43.03 -25.21
C PRO D 126 -5.74 43.23 -26.01
N VAL D 127 -4.88 44.18 -25.65
CA VAL D 127 -3.65 44.44 -26.37
C VAL D 127 -2.46 44.03 -25.50
N GLU D 128 -1.58 43.22 -26.06
CA GLU D 128 -0.35 42.81 -25.39
C GLU D 128 0.82 43.61 -25.97
N LEU D 129 1.62 44.21 -25.09
CA LEU D 129 2.72 45.06 -25.51
C LEU D 129 3.98 44.23 -25.71
N ILE D 130 4.87 44.75 -26.54
CA ILE D 130 6.15 44.11 -26.84
C ILE D 130 7.24 45.13 -26.56
N GLU D 131 8.20 44.75 -25.70
CA GLU D 131 9.29 45.65 -25.32
C GLU D 131 10.64 45.10 -25.77
N GLY D 132 11.15 44.07 -25.10
CA GLY D 132 12.47 43.56 -25.41
C GLY D 132 12.50 42.80 -26.73
N GLU D 133 13.70 42.37 -27.10
CA GLU D 133 13.86 41.54 -28.29
C GLU D 133 13.46 40.10 -28.03
N ARG D 134 13.21 39.74 -26.77
CA ARG D 134 12.74 38.42 -26.44
C ARG D 134 11.22 38.35 -26.56
N GLU D 135 10.54 39.42 -26.14
CA GLU D 135 9.10 39.53 -26.37
C GLU D 135 8.80 39.60 -27.85
N LEU D 136 9.68 40.24 -28.63
CA LEU D 136 9.50 40.28 -30.07
C LEU D 136 9.64 38.89 -30.67
N GLN D 137 10.61 38.12 -30.16
CA GLN D 137 10.83 36.78 -30.70
C GLN D 137 9.65 35.86 -30.41
N ALA D 138 8.97 36.07 -29.29
CA ALA D 138 7.77 35.29 -29.01
C ALA D 138 6.65 35.67 -29.96
N PHE D 139 6.53 36.95 -30.30
CA PHE D 139 5.51 37.38 -31.26
C PHE D 139 5.78 36.80 -32.63
N GLU D 140 7.02 36.87 -33.11
CA GLU D 140 7.35 36.40 -34.44
C GLU D 140 7.14 34.90 -34.56
N ASN D 141 7.01 34.19 -33.45
CA ASN D 141 6.89 32.74 -33.46
C ASN D 141 5.45 32.26 -33.63
N ILE D 142 4.46 33.12 -33.43
CA ILE D 142 3.07 32.75 -33.61
C ILE D 142 2.77 32.51 -35.08
N GLU D 143 2.04 31.43 -35.37
CA GLU D 143 1.68 31.14 -36.76
C GLU D 143 0.32 30.49 -36.93
N ASP D 144 -0.28 29.96 -35.86
CA ASP D 144 -1.60 29.34 -35.98
C ASP D 144 -2.73 30.31 -35.65
N ASP D 145 -2.42 31.56 -35.33
CA ASP D 145 -3.41 32.61 -35.10
C ASP D 145 -3.17 33.75 -36.06
N ASN D 146 -4.25 34.35 -36.56
CA ASN D 146 -4.13 35.68 -37.17
C ASN D 146 -3.69 36.66 -36.09
N LYS D 147 -2.70 37.50 -36.39
CA LYS D 147 -2.19 38.41 -35.40
C LYS D 147 -1.97 39.78 -36.01
N LEU D 148 -2.14 40.82 -35.20
CA LEU D 148 -1.90 42.19 -35.59
C LEU D 148 -0.81 42.79 -34.70
N ILE D 149 -0.04 43.70 -35.28
CA ILE D 149 0.98 44.43 -34.56
C ILE D 149 0.92 45.89 -35.00
N GLY D 150 0.94 46.79 -34.03
CA GLY D 150 0.90 48.21 -34.33
C GLY D 150 2.00 48.96 -33.61
N TYR D 151 2.40 50.09 -34.20
CA TYR D 151 3.43 50.95 -33.65
C TYR D 151 2.82 52.32 -33.36
N PHE D 152 2.86 52.73 -32.09
CA PHE D 152 2.29 54.00 -31.67
C PHE D 152 3.29 54.70 -30.74
N LYS D 153 3.05 55.99 -30.51
CA LYS D 153 3.97 56.77 -29.69
C LYS D 153 3.85 56.40 -28.22
N ASN D 154 2.62 56.25 -27.73
CA ASN D 154 2.39 55.94 -26.32
C ASN D 154 0.96 55.46 -26.18
N LYS D 155 0.64 54.93 -24.99
CA LYS D 155 -0.71 54.45 -24.75
C LYS D 155 -1.75 55.56 -24.89
N ASP D 156 -1.34 56.81 -24.70
CA ASP D 156 -2.27 57.93 -24.80
C ASP D 156 -2.50 58.39 -26.23
N SER D 157 -1.79 57.80 -27.20
CA SER D 157 -1.98 58.17 -28.59
C SER D 157 -3.41 57.90 -29.01
N GLU D 158 -3.94 58.80 -29.84
CA GLU D 158 -5.30 58.63 -30.33
C GLU D 158 -5.43 57.37 -31.19
N HIS D 159 -4.40 57.09 -32.00
CA HIS D 159 -4.46 55.96 -32.90
C HIS D 159 -4.26 54.63 -32.19
N TYR D 160 -3.67 54.66 -30.99
CA TYR D 160 -3.54 53.43 -30.22
C TYR D 160 -4.84 53.08 -29.52
N LYS D 161 -5.55 54.08 -28.98
CA LYS D 161 -6.84 53.82 -28.34
C LYS D 161 -7.85 53.28 -29.34
N ALA D 162 -7.85 53.81 -30.57
CA ALA D 162 -8.65 53.22 -31.62
C ALA D 162 -8.23 51.79 -31.90
N TYR D 163 -6.92 51.54 -31.87
CA TYR D 163 -6.40 50.19 -32.03
C TYR D 163 -6.83 49.29 -30.87
N GLU D 164 -6.84 49.82 -29.65
CA GLU D 164 -7.26 49.03 -28.51
C GLU D 164 -8.76 48.74 -28.54
N ASP D 165 -9.56 49.75 -28.88
CA ASP D 165 -11.01 49.53 -28.97
C ASP D 165 -11.32 48.46 -30.01
N ALA D 166 -10.59 48.47 -31.13
CA ALA D 166 -10.78 47.43 -32.13
C ALA D 166 -10.35 46.07 -31.61
N ALA D 167 -9.36 46.05 -30.72
CA ALA D 167 -8.89 44.79 -30.16
C ALA D 167 -9.97 44.12 -29.32
N GLU D 168 -10.83 44.92 -28.68
CA GLU D 168 -11.88 44.34 -27.85
C GLU D 168 -12.91 43.61 -28.69
N GLU D 169 -13.08 44.02 -29.95
CA GLU D 169 -14.08 43.38 -30.80
C GLU D 169 -13.72 41.93 -31.13
N PHE D 170 -12.45 41.57 -31.04
CA PHE D 170 -11.98 40.23 -31.42
C PHE D 170 -11.31 39.51 -30.25
N HIS D 171 -11.43 40.04 -29.04
CA HIS D 171 -10.78 39.47 -27.88
C HIS D 171 -11.45 38.19 -27.37
N PRO D 172 -10.67 37.13 -27.07
CA PRO D 172 -9.23 36.92 -27.20
C PRO D 172 -8.87 36.07 -28.42
N TYR D 173 -9.86 35.81 -29.28
CA TYR D 173 -9.67 34.92 -30.41
C TYR D 173 -8.53 35.39 -31.31
N ILE D 174 -8.44 36.70 -31.56
CA ILE D 174 -7.43 37.26 -32.45
C ILE D 174 -6.51 38.15 -31.61
N PRO D 175 -5.25 37.77 -31.41
CA PRO D 175 -4.37 38.59 -30.56
C PRO D 175 -3.97 39.88 -31.26
N PHE D 176 -4.02 40.97 -30.49
CA PHE D 176 -3.60 42.29 -30.96
C PHE D 176 -2.33 42.66 -30.19
N PHE D 177 -1.26 42.94 -30.92
CA PHE D 177 0.01 43.35 -30.33
C PHE D 177 0.29 44.79 -30.70
N ALA D 178 1.02 45.48 -29.83
CA ALA D 178 1.41 46.85 -30.09
C ALA D 178 2.76 47.09 -29.45
N THR D 179 3.56 47.96 -30.05
CA THR D 179 4.84 48.33 -29.46
C THR D 179 4.96 49.84 -29.51
N PHE D 180 5.65 50.39 -28.51
CA PHE D 180 6.03 51.79 -28.51
C PHE D 180 7.52 51.98 -28.72
N ASP D 181 8.25 50.88 -28.97
CA ASP D 181 9.71 50.91 -29.08
C ASP D 181 10.11 51.11 -30.54
N SER D 182 10.80 52.22 -30.80
CA SER D 182 11.23 52.52 -32.17
C SER D 182 12.19 51.48 -32.71
N LYS D 183 13.02 50.88 -31.85
CA LYS D 183 13.91 49.83 -32.30
C LYS D 183 13.12 48.63 -32.79
N VAL D 184 12.15 48.17 -32.00
CA VAL D 184 11.35 47.02 -32.40
C VAL D 184 10.58 47.32 -33.68
N ALA D 185 10.03 48.52 -33.78
CA ALA D 185 9.27 48.89 -34.97
C ALA D 185 10.14 48.83 -36.23
N LYS D 186 11.42 49.24 -36.11
CA LYS D 186 12.30 49.23 -37.27
C LYS D 186 12.49 47.82 -37.80
N LYS D 187 12.64 46.84 -36.90
CA LYS D 187 12.81 45.47 -37.35
C LYS D 187 11.57 44.92 -38.04
N LEU D 188 10.40 45.47 -37.75
CA LEU D 188 9.14 45.00 -38.34
C LEU D 188 8.70 45.83 -39.54
N THR D 189 9.47 46.86 -39.92
CA THR D 189 9.16 47.73 -41.05
C THR D 189 7.81 48.43 -40.85
N LEU D 190 7.64 48.99 -39.66
CA LEU D 190 6.39 49.64 -39.27
C LEU D 190 6.63 51.13 -39.13
N LYS D 191 6.03 51.92 -40.02
CA LYS D 191 5.98 53.35 -39.82
C LYS D 191 5.10 53.68 -38.63
N LEU D 192 5.21 54.91 -38.14
CA LEU D 192 4.42 55.30 -36.98
C LEU D 192 2.94 55.19 -37.29
N ASN D 193 2.19 54.60 -36.37
CA ASN D 193 0.75 54.38 -36.47
C ASN D 193 0.36 53.40 -37.56
N GLU D 194 1.31 52.65 -38.10
CA GLU D 194 1.03 51.64 -39.09
C GLU D 194 0.71 50.32 -38.38
N ILE D 195 -0.16 49.53 -38.99
CA ILE D 195 -0.63 48.27 -38.42
C ILE D 195 -0.45 47.18 -39.45
N ASP D 196 0.27 46.11 -39.08
CA ASP D 196 0.48 44.98 -39.97
C ASP D 196 -0.36 43.80 -39.52
N PHE D 197 -0.91 43.07 -40.48
CA PHE D 197 -1.74 41.91 -40.22
C PHE D 197 -1.04 40.65 -40.74
N TYR D 198 -0.71 39.73 -39.84
CA TYR D 198 -0.04 38.49 -40.21
C TYR D 198 -1.09 37.39 -40.29
N GLU D 199 -1.48 37.04 -41.51
CA GLU D 199 -2.37 35.91 -41.69
C GLU D 199 -1.72 34.66 -41.12
N ALA D 200 -2.53 33.79 -40.53
CA ALA D 200 -2.00 32.56 -39.95
C ALA D 200 -1.22 31.78 -41.01
N PHE D 201 -0.06 31.26 -40.62
CA PHE D 201 0.79 30.41 -41.44
C PHE D 201 1.37 31.12 -42.66
N MET D 202 1.48 32.45 -42.64
CA MET D 202 1.98 33.21 -43.79
C MET D 202 3.25 33.96 -43.38
N GLU D 203 4.20 34.04 -44.31
CA GLU D 203 5.49 34.67 -44.00
C GLU D 203 5.36 36.18 -43.95
N GLU D 204 4.82 36.77 -44.97
CA GLU D 204 4.82 38.22 -45.09
C GLU D 204 3.48 38.81 -44.64
N PRO D 205 3.47 39.92 -43.93
CA PRO D 205 2.21 40.52 -43.49
C PRO D 205 1.57 41.38 -44.58
N VAL D 206 0.42 41.94 -44.22
CA VAL D 206 -0.30 42.92 -45.02
C VAL D 206 -0.50 44.15 -44.17
N THR D 207 -0.11 45.31 -44.69
CA THR D 207 -0.27 46.56 -43.97
C THR D 207 -1.69 47.09 -44.17
N ILE D 208 -2.27 47.64 -43.10
CA ILE D 208 -3.59 48.25 -43.24
C ILE D 208 -3.39 49.60 -43.94
N PRO D 209 -4.05 49.85 -45.07
CA PRO D 209 -3.76 51.06 -45.83
C PRO D 209 -4.34 52.30 -45.19
N ASP D 210 -3.89 53.45 -45.70
CA ASP D 210 -4.44 54.77 -45.35
C ASP D 210 -4.28 55.03 -43.86
N LYS D 211 -3.11 54.71 -43.33
CA LYS D 211 -2.81 54.95 -41.93
C LYS D 211 -2.66 56.45 -41.70
N PRO D 212 -2.98 56.93 -40.48
CA PRO D 212 -3.48 56.17 -39.33
C PRO D 212 -4.87 55.62 -39.55
N ASN D 213 -5.22 54.57 -38.82
CA ASN D 213 -6.47 53.87 -38.99
C ASN D 213 -7.37 54.11 -37.79
N SER D 214 -8.67 54.22 -38.05
CA SER D 214 -9.65 54.36 -37.01
C SER D 214 -10.13 52.98 -36.56
N GLU D 215 -10.90 52.97 -35.47
CA GLU D 215 -11.45 51.72 -34.96
C GLU D 215 -12.18 50.97 -36.07
N GLU D 216 -13.01 51.67 -36.84
CA GLU D 216 -13.82 51.02 -37.85
C GLU D 216 -12.98 50.50 -39.00
N GLU D 217 -11.94 51.24 -39.41
CA GLU D 217 -11.08 50.79 -40.49
C GLU D 217 -10.38 49.49 -40.12
N ILE D 218 -9.97 49.36 -38.86
CA ILE D 218 -9.28 48.17 -38.40
C ILE D 218 -10.23 46.98 -38.35
N VAL D 219 -11.41 47.17 -37.77
CA VAL D 219 -12.38 46.09 -37.65
C VAL D 219 -12.78 45.58 -39.02
N SER D 220 -13.08 46.50 -39.95
CA SER D 220 -13.46 46.08 -41.30
C SER D 220 -12.34 45.28 -41.95
N PHE D 221 -11.09 45.71 -41.73
CA PHE D 221 -9.96 44.99 -42.29
C PHE D 221 -9.91 43.58 -41.74
N VAL D 222 -9.96 43.45 -40.41
CA VAL D 222 -9.92 42.14 -39.78
C VAL D 222 -11.10 41.30 -40.24
N GLU D 223 -12.30 41.88 -40.28
CA GLU D 223 -13.46 41.11 -40.70
C GLU D 223 -13.23 40.51 -42.08
N ALA D 224 -12.54 41.24 -42.95
CA ALA D 224 -12.27 40.78 -44.29
C ALA D 224 -11.05 39.84 -44.38
N HIS D 225 -10.25 39.72 -43.33
CA HIS D 225 -9.04 38.92 -43.39
C HIS D 225 -8.96 37.80 -42.34
N LYS D 226 -9.96 37.65 -41.48
CA LYS D 226 -9.86 36.65 -40.42
C LYS D 226 -9.92 35.22 -40.98
N ARG D 227 -10.54 35.02 -42.14
CA ARG D 227 -10.57 33.70 -42.78
C ARG D 227 -9.24 33.45 -43.48
N SER D 228 -8.28 32.91 -42.74
CA SER D 228 -6.97 32.62 -43.30
C SER D 228 -7.06 31.44 -44.27
N THR D 229 -6.16 31.42 -45.24
CA THR D 229 -6.17 30.36 -46.25
C THR D 229 -6.00 28.99 -45.59
N LEU D 230 -5.17 28.91 -44.56
CA LEU D 230 -5.04 27.72 -43.74
C LEU D 230 -5.51 28.06 -42.34
N ARG D 231 -6.45 27.28 -41.82
CA ARG D 231 -7.00 27.49 -40.49
C ARG D 231 -6.80 26.24 -39.64
N LYS D 232 -6.38 26.44 -38.40
CA LYS D 232 -6.26 25.33 -37.46
C LYS D 232 -7.53 25.23 -36.65
N LEU D 233 -8.07 24.02 -36.54
CA LEU D 233 -9.23 23.77 -35.68
C LEU D 233 -8.75 23.79 -34.23
N LYS D 234 -9.10 24.84 -33.52
CA LYS D 234 -8.73 24.98 -32.13
C LYS D 234 -9.96 24.74 -31.26
N PRO D 235 -9.82 24.09 -30.10
CA PRO D 235 -11.03 23.79 -29.31
C PRO D 235 -11.76 25.03 -28.85
N GLU D 236 -11.06 26.12 -28.56
CA GLU D 236 -11.72 27.34 -28.12
C GLU D 236 -12.67 27.91 -29.16
N SER D 237 -12.59 27.45 -30.43
CA SER D 237 -13.41 28.04 -31.48
C SER D 237 -13.78 27.00 -32.54
N MET D 238 -13.78 25.73 -32.19
CA MET D 238 -13.96 24.69 -33.19
C MET D 238 -15.29 24.83 -33.92
N TYR D 239 -16.34 25.25 -33.20
CA TYR D 239 -17.67 25.29 -33.79
C TYR D 239 -17.80 26.46 -34.75
N GLU D 240 -17.29 27.63 -34.36
CA GLU D 240 -17.31 28.77 -35.28
C GLU D 240 -16.58 28.44 -36.57
N THR D 241 -15.39 27.85 -36.46
CA THR D 241 -14.61 27.53 -37.64
C THR D 241 -15.36 26.52 -38.51
N TRP D 242 -15.89 25.46 -37.90
CA TRP D 242 -16.50 24.41 -38.70
C TRP D 242 -17.75 24.93 -39.39
N GLU D 243 -18.53 25.76 -38.69
CA GLU D 243 -19.76 26.29 -39.25
C GLU D 243 -19.51 27.32 -40.34
N ASP D 244 -18.26 27.76 -40.50
CA ASP D 244 -17.87 28.71 -41.54
C ASP D 244 -17.46 27.99 -42.82
N ASP D 245 -18.35 27.13 -43.32
CA ASP D 245 -18.10 26.44 -44.56
C ASP D 245 -18.17 27.40 -45.74
N LEU D 246 -17.27 27.19 -46.71
CA LEU D 246 -17.26 28.05 -47.89
C LEU D 246 -18.52 27.83 -48.73
N ASP D 247 -18.69 26.63 -49.25
CA ASP D 247 -19.85 26.28 -50.08
C ASP D 247 -20.37 24.90 -49.67
N GLY D 248 -20.55 24.70 -48.37
CA GLY D 248 -21.00 23.43 -47.85
C GLY D 248 -19.97 22.34 -47.79
N ILE D 249 -18.68 22.68 -47.93
CA ILE D 249 -17.61 21.70 -47.81
C ILE D 249 -16.42 22.36 -47.15
N HIS D 250 -15.57 21.51 -46.61
CA HIS D 250 -14.31 21.92 -46.00
C HIS D 250 -13.21 21.08 -46.60
N ILE D 251 -12.05 21.70 -46.83
CA ILE D 251 -10.83 20.95 -47.07
C ILE D 251 -10.21 20.73 -45.70
N VAL D 252 -10.23 19.49 -45.24
CA VAL D 252 -9.76 19.12 -43.92
C VAL D 252 -8.43 18.39 -44.05
N ALA D 253 -7.48 18.76 -43.20
CA ALA D 253 -6.19 18.06 -43.14
C ALA D 253 -5.91 17.65 -41.71
N PHE D 254 -5.65 16.35 -41.51
CA PHE D 254 -5.22 15.83 -40.22
C PHE D 254 -3.70 15.70 -40.24
N ALA D 255 -3.06 16.25 -39.21
CA ALA D 255 -1.61 16.17 -39.10
C ALA D 255 -1.22 16.38 -37.65
N GLU D 256 -0.53 15.41 -37.06
CA GLU D 256 -0.03 15.56 -35.70
C GLU D 256 1.32 16.26 -35.78
N GLU D 257 1.38 17.48 -35.25
CA GLU D 257 2.56 18.32 -35.38
C GLU D 257 3.81 17.63 -34.80
N THR D 258 3.68 16.99 -33.64
CA THR D 258 4.85 16.39 -33.01
C THR D 258 5.39 15.18 -33.77
N ASP D 259 4.60 14.59 -34.66
CA ASP D 259 5.05 13.43 -35.41
C ASP D 259 5.88 13.87 -36.62
N PRO D 260 6.97 13.18 -36.95
CA PRO D 260 7.79 13.64 -38.09
C PRO D 260 7.03 13.72 -39.40
N ASP D 261 6.27 12.67 -39.76
CA ASP D 261 5.44 12.76 -40.96
C ASP D 261 4.41 13.87 -40.86
N GLY D 262 3.89 14.13 -39.67
CA GLY D 262 2.90 15.18 -39.53
C GLY D 262 3.52 16.56 -39.66
N TYR D 263 4.73 16.73 -39.16
CA TYR D 263 5.40 18.02 -39.29
C TYR D 263 5.70 18.32 -40.76
N GLU D 264 6.22 17.34 -41.51
CA GLU D 264 6.51 17.59 -42.92
C GLU D 264 5.24 17.91 -43.69
N PHE D 265 4.20 17.09 -43.49
CA PHE D 265 2.95 17.31 -44.21
C PHE D 265 2.37 18.67 -43.88
N LEU D 266 2.60 19.15 -42.65
CA LEU D 266 2.17 20.49 -42.28
C LEU D 266 2.98 21.55 -43.03
N GLU D 267 4.29 21.34 -43.14
CA GLU D 267 5.11 22.28 -43.91
C GLU D 267 4.67 22.32 -45.37
N THR D 268 4.28 21.18 -45.92
CA THR D 268 3.70 21.15 -47.26
C THR D 268 2.41 21.95 -47.31
N LEU D 269 1.53 21.78 -46.31
CA LEU D 269 0.28 22.54 -46.30
C LEU D 269 0.57 24.04 -46.28
N LYS D 270 1.48 24.46 -45.40
CA LYS D 270 1.81 25.90 -45.33
C LYS D 270 2.31 26.39 -46.68
N ALA D 271 3.08 25.56 -47.40
CA ALA D 271 3.56 25.97 -48.71
C ALA D 271 2.41 26.12 -49.68
N VAL D 272 1.51 25.12 -49.70
CA VAL D 272 0.32 25.20 -50.54
C VAL D 272 -0.49 26.45 -50.20
N ALA D 273 -0.63 26.76 -48.91
CA ALA D 273 -1.39 27.94 -48.53
C ALA D 273 -0.69 29.21 -49.00
N GLN D 274 0.63 29.27 -48.88
CA GLN D 274 1.35 30.47 -49.29
C GLN D 274 1.29 30.68 -50.80
N ASP D 275 1.22 29.59 -51.58
CA ASP D 275 1.14 29.70 -53.02
C ASP D 275 -0.25 30.09 -53.52
N ASN D 276 -1.29 29.85 -52.72
CA ASN D 276 -2.66 30.14 -53.12
C ASN D 276 -3.35 31.06 -52.12
N THR D 277 -2.56 31.87 -51.41
CA THR D 277 -3.08 32.69 -50.34
C THR D 277 -4.06 33.76 -50.82
N ASP D 278 -4.04 34.11 -52.10
CA ASP D 278 -4.94 35.12 -52.63
C ASP D 278 -6.24 34.54 -53.20
N ASN D 279 -6.37 33.23 -53.22
CA ASN D 279 -7.61 32.59 -53.65
C ASN D 279 -8.68 32.81 -52.58
N PRO D 280 -9.75 33.56 -52.86
CA PRO D 280 -10.71 33.87 -51.78
C PRO D 280 -11.62 32.72 -51.40
N ASP D 281 -11.71 31.66 -52.21
CA ASP D 281 -12.63 30.56 -51.95
C ASP D 281 -11.93 29.36 -51.34
N LEU D 282 -10.64 29.47 -51.03
CA LEU D 282 -9.86 28.37 -50.49
C LEU D 282 -9.56 28.63 -49.01
N SER D 283 -10.06 27.75 -48.15
CA SER D 283 -9.73 27.78 -46.72
C SER D 283 -9.65 26.33 -46.24
N ILE D 284 -8.44 25.89 -45.93
CA ILE D 284 -8.19 24.52 -45.48
C ILE D 284 -8.18 24.51 -43.96
N ILE D 285 -8.90 23.55 -43.38
CA ILE D 285 -8.92 23.37 -41.94
C ILE D 285 -7.86 22.31 -41.59
N TRP D 286 -6.90 22.70 -40.77
CA TRP D 286 -5.92 21.77 -40.22
C TRP D 286 -6.40 21.30 -38.85
N ILE D 287 -6.54 19.99 -38.69
CA ILE D 287 -6.93 19.38 -37.41
C ILE D 287 -5.77 18.55 -36.92
N ASP D 288 -5.24 18.91 -35.74
CA ASP D 288 -4.23 18.11 -35.07
C ASP D 288 -4.90 17.08 -34.17
N PRO D 289 -4.87 15.80 -34.48
CA PRO D 289 -5.60 14.83 -33.64
C PRO D 289 -5.18 14.87 -32.18
N ASP D 290 -3.97 15.33 -31.86
CA ASP D 290 -3.59 15.46 -30.46
C ASP D 290 -4.45 16.47 -29.72
N ASP D 291 -5.08 17.40 -30.41
CA ASP D 291 -5.91 18.39 -29.73
C ASP D 291 -7.30 17.87 -29.37
N PHE D 292 -7.75 16.77 -29.98
CA PHE D 292 -9.12 16.28 -29.80
C PHE D 292 -9.11 14.78 -29.59
N PRO D 293 -8.52 14.30 -28.50
CA PRO D 293 -8.41 12.85 -28.30
C PRO D 293 -9.75 12.12 -28.25
N LEU D 294 -10.84 12.78 -27.82
CA LEU D 294 -12.12 12.10 -27.73
C LEU D 294 -12.80 11.90 -29.08
N LEU D 295 -12.37 12.61 -30.11
CA LEU D 295 -12.97 12.49 -31.44
C LEU D 295 -12.19 11.59 -32.37
N VAL D 296 -11.00 11.14 -32.00
CA VAL D 296 -10.20 10.30 -32.91
C VAL D 296 -10.98 9.07 -33.33
N PRO D 297 -11.56 8.27 -32.43
CA PRO D 297 -12.32 7.09 -32.91
C PRO D 297 -13.50 7.46 -33.79
N TYR D 298 -14.24 8.52 -33.46
CA TYR D 298 -15.35 8.94 -34.31
C TYR D 298 -14.86 9.33 -35.70
N TRP D 299 -13.73 10.04 -35.78
CA TRP D 299 -13.21 10.43 -37.08
C TRP D 299 -12.73 9.22 -37.87
N GLU D 300 -11.99 8.33 -37.22
CA GLU D 300 -11.53 7.14 -37.93
C GLU D 300 -12.70 6.29 -38.41
N LYS D 301 -13.77 6.23 -37.63
CA LYS D 301 -14.89 5.39 -38.03
C LYS D 301 -15.69 6.05 -39.15
N THR D 302 -15.97 7.34 -39.03
CA THR D 302 -16.78 8.03 -40.02
C THR D 302 -16.06 8.12 -41.36
N PHE D 303 -14.79 8.51 -41.34
CA PHE D 303 -14.04 8.77 -42.56
C PHE D 303 -13.23 7.58 -43.06
N ASN D 304 -13.19 6.47 -42.31
CA ASN D 304 -12.42 5.30 -42.71
C ASN D 304 -10.98 5.69 -43.02
N ILE D 305 -10.36 6.40 -42.07
CA ILE D 305 -8.96 6.80 -42.18
C ILE D 305 -8.25 6.44 -40.88
N ASP D 306 -6.91 6.39 -40.95
CA ASP D 306 -6.05 6.11 -39.79
C ASP D 306 -5.30 7.38 -39.42
N LEU D 307 -5.69 8.01 -38.32
CA LEU D 307 -5.12 9.29 -37.91
C LEU D 307 -3.73 9.17 -37.29
N SER D 308 -3.09 8.01 -37.37
CA SER D 308 -1.68 7.94 -37.07
C SER D 308 -0.83 8.33 -38.27
N ALA D 309 -1.43 8.41 -39.46
CA ALA D 309 -0.82 8.91 -40.67
C ALA D 309 -1.48 10.21 -41.09
N PRO D 310 -0.76 11.10 -41.77
CA PRO D 310 -1.39 12.33 -42.24
C PRO D 310 -2.47 12.03 -43.26
N GLN D 311 -3.47 12.91 -43.32
CA GLN D 311 -4.58 12.74 -44.26
C GLN D 311 -4.96 14.12 -44.82
N ILE D 312 -5.64 14.10 -45.96
CA ILE D 312 -6.22 15.32 -46.52
C ILE D 312 -7.39 14.91 -47.40
N GLY D 313 -8.49 15.65 -47.30
CA GLY D 313 -9.69 15.31 -48.03
C GLY D 313 -10.70 16.45 -48.00
N VAL D 314 -11.87 16.17 -48.57
CA VAL D 314 -12.97 17.11 -48.64
C VAL D 314 -14.17 16.52 -47.92
N VAL D 315 -14.78 17.30 -47.03
CA VAL D 315 -15.87 16.83 -46.17
C VAL D 315 -17.09 17.70 -46.40
N ASN D 316 -18.24 17.06 -46.64
CA ASN D 316 -19.52 17.74 -46.73
C ASN D 316 -20.06 17.98 -45.33
N VAL D 317 -20.22 19.26 -44.96
CA VAL D 317 -20.58 19.61 -43.58
C VAL D 317 -22.02 19.27 -43.23
N THR D 318 -22.82 18.82 -44.20
CA THR D 318 -24.23 18.54 -43.94
C THR D 318 -24.46 17.10 -43.51
N ASP D 319 -23.77 16.14 -44.14
CA ASP D 319 -23.94 14.73 -43.83
C ASP D 319 -22.63 14.04 -43.48
N ALA D 320 -21.52 14.77 -43.38
CA ALA D 320 -20.21 14.22 -43.05
C ALA D 320 -19.73 13.23 -44.09
N ASP D 321 -20.29 13.27 -45.31
CA ASP D 321 -19.75 12.48 -46.40
C ASP D 321 -18.42 13.09 -46.82
N SER D 322 -17.49 12.23 -47.25
CA SER D 322 -16.12 12.68 -47.43
C SER D 322 -15.40 11.84 -48.48
N VAL D 323 -14.32 12.42 -49.00
CA VAL D 323 -13.35 11.74 -49.86
C VAL D 323 -11.98 12.06 -49.30
N TRP D 324 -11.08 11.08 -49.32
CA TRP D 324 -9.75 11.26 -48.74
C TRP D 324 -8.67 10.80 -49.70
N MET D 325 -7.63 11.62 -49.80
CA MET D 325 -6.49 11.29 -50.64
C MET D 325 -5.78 10.07 -50.10
N GLU D 326 -5.53 9.10 -50.98
CA GLU D 326 -4.75 7.93 -50.61
C GLU D 326 -3.27 8.23 -50.75
N MET D 327 -2.48 7.70 -49.82
CA MET D 327 -1.04 7.92 -49.81
C MET D 327 -0.36 6.61 -49.43
N ASP D 328 0.75 6.31 -50.09
CA ASP D 328 1.49 5.09 -49.79
C ASP D 328 2.31 5.31 -48.52
N ASP D 329 2.22 4.35 -47.59
CA ASP D 329 2.91 4.47 -46.33
C ASP D 329 4.42 4.27 -46.46
N GLU D 330 4.87 3.69 -47.58
CA GLU D 330 6.28 3.41 -47.81
C GLU D 330 6.97 4.51 -48.61
N GLU D 331 6.31 5.07 -49.61
CA GLU D 331 6.85 6.15 -50.41
C GLU D 331 6.82 7.47 -49.64
N ASP D 332 7.53 8.46 -50.17
CA ASP D 332 7.58 9.76 -49.52
C ASP D 332 6.22 10.45 -49.59
N LEU D 333 6.01 11.39 -48.67
CA LEU D 333 4.73 12.08 -48.64
C LEU D 333 4.56 12.96 -49.87
N PRO D 334 3.32 13.19 -50.29
CA PRO D 334 3.10 14.04 -51.46
C PRO D 334 3.61 15.44 -51.21
N SER D 335 4.09 16.07 -52.29
CA SER D 335 4.58 17.42 -52.18
C SER D 335 3.45 18.40 -52.48
N ALA D 336 3.74 19.68 -52.37
CA ALA D 336 2.72 20.69 -52.63
C ALA D 336 2.13 20.53 -54.02
N GLU D 337 2.94 20.14 -54.99
CA GLU D 337 2.44 19.96 -56.35
C GLU D 337 1.33 18.91 -56.40
N GLU D 338 1.56 17.76 -55.76
CA GLU D 338 0.57 16.68 -55.76
C GLU D 338 -0.69 17.09 -55.03
N LEU D 339 -0.56 17.87 -53.95
CA LEU D 339 -1.74 18.31 -53.21
C LEU D 339 -2.58 19.26 -54.04
N GLU D 340 -1.95 20.26 -54.65
CA GLU D 340 -2.70 21.19 -55.51
C GLU D 340 -3.39 20.45 -56.64
N ASP D 341 -2.75 19.40 -57.17
CA ASP D 341 -3.35 18.67 -58.29
C ASP D 341 -4.50 17.79 -57.83
N TRP D 342 -4.43 17.27 -56.60
CA TRP D 342 -5.46 16.36 -56.10
C TRP D 342 -6.71 17.12 -55.68
N LEU D 343 -6.55 18.33 -55.13
CA LEU D 343 -7.70 19.12 -54.73
C LEU D 343 -8.46 19.61 -55.96
N GLU D 344 -7.75 20.18 -56.94
CA GLU D 344 -8.41 20.70 -58.13
C GLU D 344 -9.19 19.62 -58.86
N ASP D 345 -8.69 18.38 -58.84
CA ASP D 345 -9.37 17.30 -59.55
C ASP D 345 -10.68 16.93 -58.86
N VAL D 346 -10.63 16.74 -57.54
CA VAL D 346 -11.80 16.30 -56.79
C VAL D 346 -12.87 17.37 -56.80
N LEU D 347 -12.47 18.64 -56.86
CA LEU D 347 -13.44 19.72 -56.83
C LEU D 347 -13.99 20.07 -58.20
N GLU D 348 -13.19 19.88 -59.26
CA GLU D 348 -13.63 20.16 -60.63
C GLU D 348 -14.62 19.10 -61.11
C1 NAG E . 17.50 -47.71 26.92
C2 NAG E . 17.48 -49.04 27.68
C3 NAG E . 18.91 -49.51 27.95
C4 NAG E . 19.74 -49.52 26.66
C5 NAG E . 19.62 -48.19 25.92
C6 NAG E . 20.27 -48.22 24.56
C7 NAG E . 15.69 -49.64 29.24
C8 NAG E . 15.07 -49.37 30.59
N2 NAG E . 16.76 -48.91 28.93
O3 NAG E . 18.89 -50.81 28.51
O4 NAG E . 21.12 -49.71 26.99
O5 NAG E . 18.24 -47.86 25.71
O6 NAG E . 19.80 -47.17 23.74
O7 NAG E . 15.22 -50.48 28.48
H2 NAG E . 17.05 -49.71 27.13
H3 NAG E . 19.33 -48.89 28.59
H4 NAG E . 19.44 -50.24 26.09
H5 NAG E . 20.03 -47.48 26.46
H61 NAG E . 20.08 -49.08 24.13
H62 NAG E . 21.24 -48.12 24.67
H81 NAG E . 14.30 -49.96 30.71
H82 NAG E . 14.79 -48.44 30.63
H83 NAG E . 15.73 -49.54 31.28
HN2 NAG E . 17.05 -48.31 29.54
HO3 NAG E . 19.57 -51.28 28.20
HO6 NAG E . 19.21 -46.68 24.19
C1 NAG E . 21.62 -50.94 26.44
C2 NAG E . 23.14 -50.84 26.39
C3 NAG E . 23.73 -52.14 25.87
C4 NAG E . 23.26 -53.31 26.71
C5 NAG E . 21.74 -53.33 26.77
C6 NAG E . 21.21 -54.38 27.73
C7 NAG E . 23.75 -48.49 26.04
C8 NAG E . 24.19 -47.46 25.05
N2 NAG E . 23.57 -49.72 25.56
O3 NAG E . 25.15 -52.06 25.91
O4 NAG E . 23.72 -54.54 26.15
O5 NAG E . 21.24 -52.07 27.25
O6 NAG E . 20.13 -53.89 28.51
O7 NAG E . 23.56 -48.21 27.22
H2 NAG E . 23.47 -50.70 27.29
H3 NAG E . 23.44 -52.28 24.94
H4 NAG E . 23.62 -53.22 27.61
H5 NAG E . 21.38 -53.50 25.89
H61 NAG E . 21.92 -54.68 28.31
H62 NAG E . 20.89 -55.15 27.21
H81 NAG E . 24.30 -46.60 25.50
H82 NAG E . 23.52 -47.37 24.34
H83 NAG E . 25.04 -47.72 24.66
HN2 NAG E . 23.72 -49.88 24.68
HO3 NAG E . 25.51 -52.82 25.60
HO4 NAG E . 23.72 -55.17 26.78
HO6 NAG E . 20.27 -53.02 28.68
C1 NAG F . -23.88 17.74 -48.95
C2 NAG F . -24.10 18.43 -50.30
C3 NAG F . -25.52 19.01 -50.35
C4 NAG F . -26.57 17.95 -49.96
C5 NAG F . -26.18 17.25 -48.67
C6 NAG F . -27.07 16.07 -48.35
C7 NAG F . -22.25 19.46 -51.55
C8 NAG F . -21.34 20.65 -51.64
N2 NAG F . -23.13 19.48 -50.54
O3 NAG F . -25.78 19.47 -51.67
O4 NAG F . -27.83 18.58 -49.76
O5 NAG F . -24.85 16.73 -48.75
O6 NAG F . -26.47 15.19 -47.41
O7 NAG F . -22.20 18.54 -52.35
H2 NAG F . -24.02 17.76 -51.00
H3 NAG F . -25.58 19.75 -49.73
H4 NAG F . -26.64 17.30 -50.68
H5 NAG F . -26.23 17.88 -47.93
H61 NAG F . -27.26 15.58 -49.18
H62 NAG F . -27.92 16.40 -47.99
H81 NAG F . -20.75 20.55 -52.41
H82 NAG F . -20.81 20.71 -50.82
H83 NAG F . -21.87 21.46 -51.75
HN2 NAG F . -23.13 20.20 -49.98
HO3 NAG F . -26.65 19.54 -51.80
HO6 NAG F . -27.05 14.55 -47.20
C1 NAG F . -28.76 18.21 -50.79
C2 NAG F . -30.18 18.39 -50.27
C3 NAG F . -31.19 18.08 -51.36
C4 NAG F . -30.89 18.88 -52.62
C5 NAG F . -29.43 18.66 -53.04
C6 NAG F . -29.02 19.52 -54.22
C7 NAG F . -30.19 17.99 -47.84
C8 NAG F . -30.50 17.01 -46.76
N2 NAG F . -30.42 17.58 -49.09
O3 NAG F . -32.50 18.38 -50.90
O4 NAG F . -31.73 18.46 -53.67
O5 NAG F . -28.56 19.00 -51.96
O6 NAG F . -27.81 19.05 -54.79
O7 NAG F . -29.72 19.10 -47.60
H2 NAG F . -30.28 19.33 -50.01
H3 NAG F . -31.14 17.13 -51.57
H4 NAG F . -31.02 19.83 -52.44
H5 NAG F . -29.31 17.72 -53.27
H61 NAG F . -28.90 20.44 -53.91
H62 NAG F . -29.73 19.49 -54.89
H81 NAG F . -30.29 17.41 -45.88
H82 NAG F . -29.97 16.20 -46.88
H83 NAG F . -31.45 16.78 -46.79
HN2 NAG F . -30.76 16.74 -49.21
HO3 NAG F . -33.09 18.15 -51.51
HO6 NAG F . -27.57 19.59 -55.45
C1 BMA F . -32.82 19.40 -53.80
C2 BMA F . -33.22 19.41 -55.27
C3 BMA F . -34.47 20.31 -55.45
C4 BMA F . -35.57 19.97 -54.43
C5 BMA F . -35.02 19.93 -53.00
C6 BMA F . -36.07 19.46 -51.98
O2 BMA F . -33.57 18.09 -55.70
O3 BMA F . -34.97 20.26 -56.79
O4 BMA F . -36.62 20.93 -54.49
O5 BMA F . -33.90 19.02 -52.96
O6 BMA F . -35.53 19.59 -50.66
H2 BMA F . -32.39 19.81 -55.86
H3 BMA F . -34.18 21.36 -55.29
H4 BMA F . -35.96 18.96 -54.67
H5 BMA F . -34.69 20.94 -52.70
H61 BMA F . -36.32 18.41 -52.21
H62 BMA F . -36.96 20.07 -52.13
HO2 BMA F . -34.24 18.20 -56.39
HO3 BMA F . -35.76 20.81 -56.78
HO4 BMA F . -37.42 20.45 -54.24
HO6 BMA F . -34.59 19.39 -50.71
C1 NAG G . -2.89 11.69 18.60
C2 NAG G . -4.11 12.61 18.60
C3 NAG G . -3.97 13.69 17.53
C4 NAG G . -2.66 14.44 17.70
C5 NAG G . -1.49 13.46 17.71
C6 NAG G . -0.15 14.13 17.97
C7 NAG G . -6.34 11.85 19.31
C8 NAG G . -7.55 11.04 18.93
N2 NAG G . -5.35 11.88 18.41
O3 NAG G . -5.07 14.59 17.61
O4 NAG G . -2.48 15.36 16.62
O5 NAG G . -1.68 12.47 18.75
O6 NAG G . 0.93 13.21 17.87
O7 NAG G . -6.26 12.44 20.39
H2 NAG G . -4.15 13.06 19.47
H3 NAG G . -3.97 13.26 16.65
H4 NAG G . -2.67 14.93 18.54
H5 NAG G . -1.45 13.00 16.85
H61 NAG G . -0.16 14.51 18.87
H62 NAG G . -0.03 14.85 17.32
H81 NAG G . -8.21 11.09 19.65
H82 NAG G . -7.29 10.12 18.79
H83 NAG G . -7.93 11.41 18.12
HN2 NAG G . -5.46 11.42 17.63
HO3 NAG G . -4.96 15.23 17.01
HO4 NAG G . -1.85 15.94 16.83
HO6 NAG G . 0.68 12.42 18.21
CA CA H . 17.55 -13.30 -3.49
CA CA I . -20.13 -7.39 16.54
CA CA J . -28.53 -18.16 -2.17
CA CA K . -30.25 -21.46 12.35
CA CA L . -6.05 -20.20 13.29
C1 MPD M . 3.49 0.47 18.27
C2 MPD M . 2.73 0.24 19.58
O2 MPD M . 3.76 -0.15 20.52
CM MPD M . 2.14 1.56 20.14
C3 MPD M . 1.61 -0.81 19.38
C4 MPD M . 1.43 -1.90 20.43
O4 MPD M . 2.67 -2.47 20.79
C5 MPD M . 0.66 -1.37 21.64
H11 MPD M . 3.06 -0.17 17.49
H12 MPD M . 4.54 0.22 18.40
H13 MPD M . 3.40 1.51 17.97
HO2 MPD M . 3.56 -1.05 20.87
HM1 MPD M . 1.07 1.46 20.26
HM2 MPD M . 2.36 2.37 19.43
HM3 MPD M . 2.61 1.78 21.10
H31 MPD M . 1.79 -1.29 18.41
H32 MPD M . 0.67 -0.27 19.29
H4 MPD M . 0.82 -2.69 19.97
HO4 MPD M . 2.89 -2.21 21.71
H51 MPD M . 1.25 -1.56 22.54
H52 MPD M . -0.30 -1.90 21.71
H53 MPD M . 0.49 -0.30 21.52
C1 MPD N . -5.08 9.17 24.33
C2 MPD N . -5.47 10.59 23.93
O2 MPD N . -5.73 11.35 25.14
CM MPD N . -4.35 11.32 23.16
C3 MPD N . -6.73 10.60 23.06
C4 MPD N . -7.95 9.98 23.76
O4 MPD N . -7.96 10.33 25.12
C5 MPD N . -9.26 10.44 23.10
H11 MPD N . -5.79 8.47 23.90
H12 MPD N . -5.07 9.09 25.41
H13 MPD N . -4.08 8.95 23.94
HO2 MPD N . -6.65 11.68 25.13
HM1 MPD N . -4.73 11.64 22.20
HM2 MPD N . -3.52 10.62 23.00
HM3 MPD N . -4.01 12.17 23.74
H31 MPD N . -6.97 11.63 22.78
H32 MPD N . -6.53 10.05 22.15
H4 MPD N . -7.89 8.90 23.66
HO4 MPD N . -8.44 11.18 25.25
H51 MPD N . -9.88 10.93 23.86
H52 MPD N . -9.78 9.57 22.70
H53 MPD N . -9.04 11.15 22.30
CA CA O . 34.43 -13.20 25.76
CA CA P . 5.05 -36.02 46.20
CA CA Q . 13.38 -25.51 65.80
CA CA R . -1.87 -25.94 59.07
CA CA S . 9.41 -18.61 38.80
C1 MPD T . 14.19 -24.64 18.80
C2 MPD T . 14.99 -25.89 19.15
O2 MPD T . 16.30 -25.76 18.55
CM MPD T . 15.20 -26.03 20.66
C3 MPD T . 14.30 -27.14 18.60
C4 MPD T . 14.31 -27.24 17.07
O4 MPD T . 15.64 -27.15 16.60
C5 MPD T . 13.70 -28.55 16.57
H11 MPD T . 13.31 -24.92 18.23
H12 MPD T . 14.81 -23.97 18.21
H13 MPD T . 13.89 -24.13 19.72
HO2 MPD T . 16.45 -26.50 17.92
HM1 MPD T . 14.80 -27.00 20.99
HM2 MPD T . 14.67 -25.23 21.17
HM3 MPD T . 16.26 -25.99 20.89
H31 MPD T . 13.26 -27.14 18.93
H32 MPD T . 14.78 -28.03 19.00
H4 MPD T . 13.73 -26.41 16.67
HO4 MPD T . 15.77 -26.28 16.14
H51 MPD T . 14.44 -29.08 15.99
H52 MPD T . 12.83 -28.33 15.96
H53 MPD T . 13.41 -29.15 17.43
C1 MPD U . 11.61 -8.52 19.55
C2 MPD U . 10.25 -7.78 19.56
O2 MPD U . 10.02 -7.43 18.16
CM MPD U . 9.13 -8.79 19.91
C3 MPD U . 10.12 -6.51 20.43
C4 MPD U . 11.40 -6.00 21.09
O4 MPD U . 12.32 -5.67 20.07
C5 MPD U . 11.10 -4.81 22.01
H11 MPD U . 12.31 -7.98 20.20
H12 MPD U . 12.01 -8.54 18.54
H13 MPD U . 11.48 -9.53 19.92
HO2 MPD U . 9.85 -6.47 18.10
HM1 MPD U . 8.50 -8.37 20.71
HM2 MPD U . 9.57 -9.73 20.27
HM3 MPD U . 8.51 -8.99 19.03
H31 MPD U . 9.39 -6.70 21.22
H32 MPD U . 9.72 -5.72 19.81
H4 MPD U . 11.82 -6.80 21.69
HO4 MPD U . 13.11 -5.24 20.48
H51 MPD U . 11.67 -3.95 21.69
H52 MPD U . 11.38 -5.07 23.03
H53 MPD U . 10.04 -4.59 21.97
C1 MPD V . 15.83 -35.63 23.65
C2 MPD V . 14.33 -35.88 23.79
O2 MPD V . 13.72 -35.41 22.55
CM MPD V . 14.03 -37.38 23.84
C3 MPD V . 13.78 -35.15 25.02
C4 MPD V . 12.39 -34.53 24.91
O4 MPD V . 12.23 -33.85 23.68
C5 MPD V . 11.28 -35.57 25.03
H11 MPD V . 16.16 -34.99 24.47
H12 MPD V . 16.04 -35.13 22.71
H13 MPD V . 16.37 -36.57 23.70
HO2 MPD V . 13.07 -34.71 22.74
HM1 MPD V . 13.48 -37.61 24.77
HM2 MPD V . 14.96 -37.94 23.84
HM3 MPD V . 13.43 -37.67 22.98
H31 MPD V . 14.48 -34.36 25.29
H32 MPD V . 13.76 -35.86 25.86
H4 MPD V . 12.27 -33.82 25.73
HO4 MPD V . 12.88 -33.13 23.62
H51 MPD V . 10.65 -35.54 24.14
H52 MPD V . 10.68 -35.36 25.92
H53 MPD V . 11.73 -36.56 25.13
C1 NAG W . 8.95 19.67 4.76
C2 NAG W . 10.30 19.45 5.45
C3 NAG W . 10.09 18.77 6.80
C4 NAG W . 9.09 19.54 7.65
C5 NAG W . 7.79 19.72 6.87
C6 NAG W . 6.77 20.54 7.61
C7 NAG W . 12.32 19.18 4.09
C8 NAG W . 13.13 18.23 3.26
N2 NAG W . 11.20 18.67 4.62
O3 NAG W . 11.34 18.66 7.47
O4 NAG W . 8.84 18.85 8.87
O5 NAG W . 8.06 20.38 5.63
O6 NAG W . 5.52 20.55 6.92
O7 NAG W . 12.67 20.35 4.28
H2 NAG W . 10.70 20.32 5.61
H3 NAG W . 9.75 17.86 6.64
H4 NAG W . 9.47 20.42 7.85
H5 NAG W . 7.42 18.83 6.68
H61 NAG W . 7.10 21.45 7.69
H62 NAG W . 6.63 20.16 8.51
H81 NAG W . 13.93 18.69 2.92
H82 NAG W . 12.60 17.92 2.51
H83 NAG W . 13.40 17.47 3.80
HN2 NAG W . 10.99 17.81 4.44
HO3 NAG W . 11.22 18.33 8.29
HO4 NAG W . 8.70 19.44 9.52
HO6 NAG W . 4.92 20.97 7.41
CA CA X . -20.72 -2.27 -8.11
CA CA Y . 20.30 8.70 -16.05
CA CA Z . 22.14 -14.24 -20.69
CA CA AA . 25.93 -1.57 -30.11
CA CA BA . 2.81 5.02 -23.90
C1 MPD CA . -17.33 15.51 -28.63
C2 MPD CA . -17.42 14.79 -27.29
O2 MPD CA . -16.15 14.09 -27.08
CM MPD CA . -17.58 15.77 -26.13
C3 MPD CA . -18.55 13.76 -27.25
C4 MPD CA . -18.34 12.48 -28.07
O4 MPD CA . -16.99 12.31 -28.41
C5 MPD CA . -18.86 11.23 -27.36
H11 MPD CA . -18.12 15.14 -29.29
H12 MPD CA . -16.36 15.33 -29.10
H13 MPD CA . -17.47 16.58 -28.49
HO2 MPD CA . -16.33 13.13 -26.97
HM1 MPD CA . -18.48 15.51 -25.56
HM2 MPD CA . -17.69 16.79 -26.53
HM3 MPD CA . -16.71 15.73 -25.49
H31 MPD CA . -19.47 14.25 -27.60
H32 MPD CA . -18.72 13.47 -26.22
H4 MPD CA . -18.91 12.59 -29.00
HO4 MPD CA . -16.87 11.48 -28.92
H51 MPD CA . -18.06 10.50 -27.28
H52 MPD CA . -19.68 10.80 -27.94
H53 MPD CA . -19.21 11.50 -26.37
C1 MPD DA . 0.87 17.94 -5.02
C2 MPD DA . 1.16 19.44 -5.03
O2 MPD DA . -0.06 20.15 -5.42
CM MPD DA . 1.56 19.96 -3.65
C3 MPD DA . 2.31 19.74 -5.98
C4 MPD DA . 2.08 19.31 -7.42
O4 MPD DA . 0.86 19.82 -7.89
C5 MPD DA . 3.21 19.83 -8.30
H11 MPD DA . 1.55 17.44 -5.70
H12 MPD DA . -0.16 17.77 -5.35
H13 MPD DA . 1.00 17.55 -4.02
HO2 MPD DA . 0.12 20.69 -6.22
HM1 MPD DA . 2.55 20.40 -3.69
HM2 MPD DA . 1.56 19.13 -2.94
HM3 MPD DA . 0.83 20.71 -3.31
H31 MPD DA . 3.22 19.25 -5.61
H32 MPD DA . 2.51 20.81 -5.97
H4 MPD DA . 2.07 18.22 -7.47
HO4 MPD DA . 0.82 20.78 -7.71
H51 MPD DA . 2.80 20.47 -9.08
H52 MPD DA . 3.73 18.98 -8.76
H53 MPD DA . 3.91 20.40 -7.69
C1 MPD EA . -9.05 18.07 -10.12
C2 MPD EA . -8.23 18.95 -11.05
O2 MPD EA . -6.91 19.12 -10.47
CM MPD EA . -8.07 18.30 -12.43
C3 MPD EA . -8.89 20.32 -11.25
C4 MPD EA . -8.90 21.28 -10.04
O4 MPD EA . -8.97 20.56 -8.84
C5 MPD EA . -7.67 22.21 -10.02
H11 MPD EA . -9.93 18.60 -9.78
H12 MPD EA . -8.44 17.80 -9.26
H13 MPD EA . -9.34 17.16 -10.65
HO2 MPD EA . -6.73 20.08 -10.33
HM1 MPD EA . -8.47 18.96 -13.20
HM2 MPD EA . -8.63 17.35 -12.44
HM3 MPD EA . -7.02 18.10 -12.62
H31 MPD EA . -9.93 20.16 -11.55
H32 MPD EA . -8.40 20.82 -12.08
H4 MPD EA . -9.78 21.91 -10.13
HO4 MPD EA . -8.90 21.17 -8.09
H51 MPD EA . -7.14 22.10 -9.08
H52 MPD EA . -8.00 23.25 -10.12
H53 MPD EA . -7.01 21.96 -10.84
CA CA FA . -31.47 29.35 -14.36
CA CA GA . -4.90 34.19 -47.58
CA CA HA . -7.35 57.35 -42.64
CA CA IA . 5.75 48.54 -43.80
C1 MPD JA . -19.89 17.27 -38.04
C2 MPD JA . -18.53 16.56 -38.02
O2 MPD JA . -18.53 15.69 -36.84
CM MPD JA . -18.29 15.71 -39.26
C3 MPD JA . -17.42 17.61 -37.88
C4 MPD JA . -16.04 17.04 -37.55
O4 MPD JA . -16.15 15.75 -36.99
C5 MPD JA . -15.10 16.98 -38.76
H11 MPD JA . -19.73 18.35 -37.96
H12 MPD JA . -20.49 16.93 -37.20
H13 MPD JA . -20.40 17.04 -38.97
HO2 MPD JA . -17.82 15.96 -36.23
HM1 MPD JA . -17.39 16.04 -39.76
HM2 MPD JA . -19.14 15.80 -39.93
HM3 MPD JA . -18.18 14.66 -38.97
H31 MPD JA . -17.69 18.33 -37.11
H32 MPD JA . -17.34 18.16 -38.82
H4 MPD JA . -15.57 17.71 -36.81
HO4 MPD JA . -16.05 15.80 -36.01
H51 MPD JA . -14.76 15.95 -38.90
H52 MPD JA . -14.25 17.63 -38.60
H53 MPD JA . -15.65 17.30 -39.65
C1 MPD KA . -17.88 14.27 -50.14
C2 MPD KA . -18.89 14.78 -51.16
O2 MPD KA . -19.02 13.76 -52.19
CM MPD KA . -20.29 14.98 -50.55
C3 MPD KA . -18.42 16.10 -51.76
C4 MPD KA . -17.15 15.95 -52.60
O4 MPD KA . -17.26 14.81 -53.42
C5 MPD KA . -16.92 17.19 -53.47
H11 MPD KA . -17.04 14.96 -50.08
H12 MPD KA . -17.51 13.28 -50.45
H13 MPD KA . -18.36 14.19 -49.16
HO2 MPD KA . -18.77 14.14 -53.05
HM1 MPD KA . -20.59 16.02 -50.69
HM2 MPD KA . -20.25 14.76 -49.48
HM3 MPD KA . -21.00 14.32 -51.03
H31 MPD KA . -19.21 16.51 -52.39
H32 MPD KA . -18.23 16.81 -50.96
H4 MPD KA . -16.30 15.83 -51.92
HO4 MPD KA . -17.71 15.05 -54.25
H51 MPD KA . -16.89 16.89 -54.52
H52 MPD KA . -15.97 17.65 -53.19
H53 MPD KA . -17.73 17.89 -53.31
#